data_3C8V
#
_entry.id   3C8V
#
_cell.length_a   249.617
_cell.length_b   249.617
_cell.length_c   104.900
_cell.angle_alpha   90.000
_cell.angle_beta   90.000
_cell.angle_gamma   120.000
#
_symmetry.space_group_name_H-M   'H 3'
#
loop_
_entity.id
_entity.type
_entity.pdbx_description
1 polymer 'Putative acetyltransferase'
2 non-polymer 'CHLORIDE ION'
3 non-polymer 1,2-ETHANEDIOL
4 non-polymer 'MAGNESIUM ION'
5 water water
#
_entity_poly.entity_id   1
_entity_poly.type   'polypeptide(L)'
_entity_poly.pdbx_seq_one_letter_code
;(MSE)GSDKIHHHHHHENLYFQG(MSE)TQLELLLERIIDRVNVNLRHQKFDVGDYVRRQTPHLHYSKFYAFYGLSADDP
VHFHFKNSSLAGSYLLGRVNVLHSALYKSDIRGDELKRKGQHFVCDGK(MSE)IPLHDDEVITIKDSFLNKTLVHSNSHD
PESPEEFTIRNTVA(MSE)PYANIHGSLTEGSFIGSFATVDLSTIHNSVVRYFSYVQTGELVGKCVEPGQIWIKSGDELE
FHYSFDKAILDKYISQEAGSCPTGVL(MSE)EFVEVRQEDFEEVFASGH(MSE)ASGAGSASGASVSGYAVIKGDTVIGE
NVLVSQRAYLDNAW(MSE)GKGSNAQENCYIINSRLERNCVTAHGGKIINAHLGD(MSE)IFTGFNSFLQGSESSPLKIG
DGCVV(MSE)PHTIIDLEEPLEIPAGHLVWGYIRNKADLAAHSISFEEFAKVDGEVT(MSE)GR(MSE)TFRGKGGPFLD
SFKKRIKRILSENGAFFDGSEGTGHAQKGKNFTFNIIQPYQDGDPRG(MSE)YPTILIQPNNGS
;
_entity_poly.pdbx_strand_id   A,B,C,D
#
# COMPACT_ATOMS: atom_id res chain seq x y z
N GLY A 19 16.87 31.14 -2.56
CA GLY A 19 15.54 30.48 -2.53
C GLY A 19 15.00 30.37 -1.14
N THR A 21 13.85 27.40 1.73
CA THR A 21 13.97 26.00 2.14
C THR A 21 12.63 25.32 2.00
N GLN A 22 12.67 24.01 2.17
CA GLN A 22 11.44 23.21 2.06
C GLN A 22 10.45 23.64 3.09
N LEU A 23 10.96 24.06 4.22
CA LEU A 23 10.08 24.30 5.38
C LEU A 23 9.47 25.67 5.19
N GLU A 24 10.28 26.58 4.68
CA GLU A 24 9.83 27.95 4.45
C GLU A 24 8.73 27.98 3.41
N LEU A 25 8.87 27.05 2.48
CA LEU A 25 7.92 26.87 1.39
C LEU A 25 6.68 26.18 1.87
N LEU A 26 6.88 25.20 2.75
CA LEU A 26 5.76 24.46 3.34
C LEU A 26 4.83 25.42 4.05
N LEU A 27 5.41 26.30 4.84
CA LEU A 27 4.61 27.30 5.58
C LEU A 27 3.84 28.25 4.66
N GLU A 28 4.46 28.65 3.57
CA GLU A 28 3.83 29.61 2.67
C GLU A 28 2.65 28.94 2.00
N ARG A 29 2.77 27.64 1.77
CA ARG A 29 1.69 26.90 1.09
C ARG A 29 0.50 26.66 1.97
N ILE A 30 0.77 26.45 3.24
CA ILE A 30 -0.27 26.33 4.25
C ILE A 30 -1.01 27.67 4.36
N ILE A 31 -0.22 28.72 4.51
CA ILE A 31 -0.75 30.09 4.57
C ILE A 31 -1.73 30.33 3.41
N ASP A 32 -1.31 29.93 2.22
CA ASP A 32 -2.05 30.23 0.99
C ASP A 32 -3.36 29.45 0.95
N ARG A 33 -3.29 28.22 1.39
CA ARG A 33 -4.47 27.33 1.44
C ARG A 33 -5.52 27.71 2.47
N VAL A 34 -5.03 28.21 3.58
CA VAL A 34 -5.89 28.67 4.68
C VAL A 34 -6.55 29.97 4.26
N ASN A 35 -5.71 30.82 3.70
CA ASN A 35 -6.15 32.15 3.25
C ASN A 35 -7.25 32.12 2.19
N VAL A 36 -7.17 31.21 1.23
CA VAL A 36 -8.19 31.15 0.15
C VAL A 36 -9.51 30.71 0.73
N ASN A 37 -9.42 29.91 1.77
CA ASN A 37 -10.64 29.37 2.40
C ASN A 37 -11.30 30.40 3.29
N LEU A 38 -10.47 31.18 3.94
CA LEU A 38 -10.90 32.30 4.80
C LEU A 38 -11.12 33.64 4.07
N ARG A 39 -11.09 33.63 2.75
CA ARG A 39 -11.02 34.88 1.97
C ARG A 39 -12.20 35.81 2.18
N HIS A 40 -13.31 35.25 2.59
CA HIS A 40 -14.55 36.05 2.70
C HIS A 40 -14.57 36.82 4.00
N GLN A 41 -13.58 36.53 4.83
CA GLN A 41 -13.44 37.14 6.15
C GLN A 41 -12.32 38.15 6.11
N LYS A 42 -11.81 38.35 4.90
CA LYS A 42 -10.69 39.26 4.68
C LYS A 42 -9.70 39.16 5.86
N PHE A 43 -9.31 37.92 6.14
CA PHE A 43 -8.36 37.60 7.22
C PHE A 43 -7.14 36.86 6.69
N ASP A 44 -5.99 37.48 6.89
CA ASP A 44 -4.68 36.98 6.45
C ASP A 44 -3.90 36.37 7.59
N VAL A 45 -3.69 35.07 7.49
CA VAL A 45 -3.04 34.29 8.55
C VAL A 45 -1.54 34.42 8.50
N GLY A 46 -1.07 35.02 7.44
CA GLY A 46 0.33 34.96 7.06
C GLY A 46 1.32 35.29 8.14
N ASP A 47 1.03 36.37 8.85
CA ASP A 47 1.99 36.96 9.78
C ASP A 47 1.82 36.34 11.14
N TYR A 48 0.81 35.50 11.26
CA TYR A 48 0.67 34.64 12.44
C TYR A 48 1.53 33.37 12.33
N VAL A 49 1.88 33.01 11.12
CA VAL A 49 2.48 31.69 10.86
C VAL A 49 3.96 31.80 10.58
N ARG A 50 4.19 32.74 9.70
CA ARG A 50 5.48 33.05 9.09
C ARG A 50 6.49 33.63 10.08
N ARG A 51 7.72 33.16 9.91
CA ARG A 51 8.85 33.56 10.79
C ARG A 51 10.24 33.49 10.16
N GLN A 52 11.22 33.66 11.06
CA GLN A 52 12.67 33.66 10.73
C GLN A 52 13.27 32.26 10.63
N THR A 53 13.90 32.02 9.48
CA THR A 53 14.64 30.78 9.20
C THR A 53 14.12 29.63 10.09
N PRO A 54 12.90 29.17 9.81
CA PRO A 54 12.29 28.18 10.69
C PRO A 54 13.00 26.85 10.52
N HIS A 55 13.60 26.69 9.35
CA HIS A 55 14.32 25.44 9.04
C HIS A 55 15.42 25.24 10.08
N LEU A 56 15.93 26.36 10.60
CA LEU A 56 17.01 26.38 11.59
C LEU A 56 16.43 26.21 13.00
N HIS A 57 15.28 26.79 13.23
CA HIS A 57 14.66 26.80 14.57
C HIS A 57 14.09 25.42 14.89
N TYR A 58 13.56 24.81 13.83
CA TYR A 58 12.76 23.57 13.91
C TYR A 58 13.63 22.32 13.99
N SER A 59 14.82 22.38 13.43
CA SER A 59 15.67 21.20 13.32
C SER A 59 16.34 20.97 14.65
N LYS A 60 16.00 21.88 15.57
CA LYS A 60 16.63 21.93 16.91
C LYS A 60 15.89 20.96 17.80
N PHE A 61 14.74 20.53 17.29
CA PHE A 61 13.76 19.80 18.06
C PHE A 61 13.55 18.37 17.61
N TYR A 62 13.23 17.54 18.59
CA TYR A 62 12.67 16.23 18.33
C TYR A 62 11.17 16.36 18.33
N ALA A 63 10.55 15.29 17.88
CA ALA A 63 9.14 15.01 18.12
C ALA A 63 8.97 13.60 18.69
N PHE A 64 7.79 13.36 19.19
CA PHE A 64 7.47 12.13 19.93
C PHE A 64 6.16 11.52 19.52
N TYR A 65 6.18 10.22 19.33
CA TYR A 65 4.96 9.47 19.08
C TYR A 65 4.78 8.40 20.14
N GLY A 66 3.55 8.26 20.61
CA GLY A 66 3.16 7.22 21.58
C GLY A 66 3.09 5.82 21.02
N LEU A 67 3.62 4.89 21.78
CA LEU A 67 3.58 3.47 21.40
C LEU A 67 3.01 2.61 22.53
N SER A 68 1.97 1.85 22.19
CA SER A 68 1.25 1.00 23.14
C SER A 68 1.12 -0.43 22.66
N ALA A 69 1.39 -1.34 23.60
CA ALA A 69 1.23 -2.78 23.38
C ALA A 69 -0.25 -3.09 23.22
N ASP A 70 -1.07 -2.19 23.72
CA ASP A 70 -2.48 -2.52 23.95
C ASP A 70 -3.40 -1.79 23.01
N ASP A 71 -2.86 -0.82 22.30
CA ASP A 71 -3.62 -0.11 21.29
C ASP A 71 -2.85 -0.05 20.00
N PRO A 72 -3.37 -0.71 18.96
CA PRO A 72 -2.61 -0.69 17.70
C PRO A 72 -2.28 0.68 17.13
N VAL A 73 -0.99 0.79 16.85
CA VAL A 73 -0.36 2.04 16.37
C VAL A 73 -0.76 2.34 14.95
N HIS A 74 -1.00 3.61 14.69
CA HIS A 74 -0.99 4.14 13.34
C HIS A 74 -0.50 5.58 13.29
N PHE A 75 0.59 5.78 12.54
CA PHE A 75 1.08 7.13 12.24
C PHE A 75 1.52 7.24 10.80
N HIS A 76 1.02 8.27 10.14
CA HIS A 76 1.47 8.63 8.78
C HIS A 76 1.86 10.10 8.70
N PHE A 77 3.16 10.34 8.61
CA PHE A 77 3.73 11.69 8.51
C PHE A 77 4.31 11.91 7.13
N LYS A 78 3.67 12.79 6.39
CA LYS A 78 4.01 13.01 5.00
C LYS A 78 4.15 14.47 4.68
N ASN A 79 5.37 14.81 4.31
CA ASN A 79 5.68 16.15 3.88
C ASN A 79 5.41 17.17 4.96
N SER A 80 5.82 16.85 6.17
CA SER A 80 5.56 17.73 7.29
C SER A 80 6.74 17.95 8.20
N SER A 81 6.51 18.94 9.06
CA SER A 81 7.34 19.23 10.24
C SER A 81 6.50 19.04 11.51
N LEU A 82 7.16 18.57 12.55
CA LEU A 82 6.54 18.12 13.78
C LEU A 82 7.24 18.67 15.02
N ALA A 83 8.26 19.46 14.79
CA ALA A 83 9.12 20.05 15.83
C ALA A 83 8.49 20.23 17.21
N GLY A 84 8.96 19.42 18.13
CA GLY A 84 8.62 19.55 19.55
C GLY A 84 7.26 19.03 19.95
N SER A 85 6.60 18.40 18.99
CA SER A 85 5.24 17.86 19.15
C SER A 85 5.17 16.44 19.66
N TYR A 86 4.05 16.16 20.31
CA TYR A 86 3.73 14.83 20.85
C TYR A 86 2.48 14.34 20.19
N LEU A 87 2.54 13.12 19.67
CA LEU A 87 1.37 12.54 19.04
C LEU A 87 1.05 11.18 19.60
N LEU A 88 -0.23 11.01 19.85
CA LEU A 88 -0.76 9.82 20.46
C LEU A 88 -1.98 9.36 19.71
N GLY A 89 -2.04 8.06 19.51
CA GLY A 89 -3.18 7.39 18.89
C GLY A 89 -2.93 7.10 17.45
N ARG A 90 -3.93 7.42 16.67
CA ARG A 90 -3.89 7.21 15.26
C ARG A 90 -3.97 8.54 14.59
N VAL A 91 -2.89 8.92 13.92
CA VAL A 91 -2.74 10.27 13.39
C VAL A 91 -1.99 10.33 12.06
N ASN A 92 -2.62 11.02 11.13
CA ASN A 92 -2.03 11.36 9.86
C ASN A 92 -1.69 12.82 9.87
N VAL A 93 -0.48 13.15 9.49
CA VAL A 93 -0.05 14.55 9.37
C VAL A 93 0.44 14.75 7.95
N LEU A 94 -0.30 15.55 7.22
CA LEU A 94 -0.08 15.69 5.77
C LEU A 94 0.12 17.13 5.39
N HIS A 95 1.28 17.39 4.84
CA HIS A 95 1.63 18.72 4.36
C HIS A 95 1.35 19.76 5.40
N SER A 96 1.83 19.50 6.60
CA SER A 96 1.59 20.38 7.71
C SER A 96 2.79 20.59 8.56
N ALA A 97 2.65 21.57 9.42
CA ALA A 97 3.70 21.99 10.35
C ALA A 97 3.09 22.12 11.74
N LEU A 98 3.53 21.23 12.60
CA LEU A 98 3.10 21.20 14.00
C LEU A 98 4.29 21.58 14.85
N TYR A 99 4.15 22.66 15.57
CA TYR A 99 5.17 23.16 16.47
C TYR A 99 4.69 23.10 17.91
N LYS A 100 5.35 22.23 18.63
CA LYS A 100 5.11 21.98 20.04
C LYS A 100 3.64 21.76 20.36
N SER A 101 2.94 21.14 19.45
CA SER A 101 1.55 20.75 19.69
C SER A 101 1.44 19.36 20.29
N ASP A 102 0.23 19.09 20.71
CA ASP A 102 -0.11 17.82 21.35
CA ASP A 102 -0.11 17.80 21.34
C ASP A 102 -1.35 17.27 20.68
N ILE A 103 -1.16 16.21 19.92
CA ILE A 103 -2.26 15.60 19.21
C ILE A 103 -2.61 14.32 19.95
N ARG A 104 -3.73 14.36 20.66
CA ARG A 104 -4.13 13.26 21.56
C ARG A 104 -5.32 12.50 21.11
N GLY A 105 -5.02 11.41 20.42
CA GLY A 105 -6.03 10.58 19.80
C GLY A 105 -6.38 9.36 20.63
N ASP A 106 -6.37 9.56 21.93
CA ASP A 106 -6.73 8.50 22.89
C ASP A 106 -8.23 8.25 23.01
N GLU A 107 -9.06 9.13 22.49
CA GLU A 107 -10.51 8.97 22.61
C GLU A 107 -11.14 8.62 21.28
N LEU A 108 -10.31 8.28 20.32
CA LEU A 108 -10.77 7.97 18.98
C LEU A 108 -11.44 6.61 18.98
N LYS A 109 -12.55 6.53 18.28
CA LYS A 109 -13.31 5.29 18.23
C LYS A 109 -12.63 4.28 17.34
N ARG A 110 -13.08 3.06 17.47
CA ARG A 110 -12.50 1.96 16.77
C ARG A 110 -13.49 1.36 15.85
N LYS A 111 -12.99 0.68 14.84
CA LYS A 111 -13.89 -0.05 13.93
C LYS A 111 -14.94 -0.95 14.58
N GLY A 112 -16.16 -0.82 14.09
CA GLY A 112 -17.29 -1.62 14.62
C GLY A 112 -18.01 -0.97 15.76
N GLN A 113 -17.38 0.06 16.31
CA GLN A 113 -18.05 0.98 17.25
C GLN A 113 -18.97 1.86 16.46
N HIS A 114 -19.88 2.46 17.19
CA HIS A 114 -21.00 3.18 16.61
C HIS A 114 -20.95 4.65 16.99
N PHE A 115 -21.22 5.46 15.98
CA PHE A 115 -21.48 6.86 16.13
C PHE A 115 -22.97 6.92 16.30
N VAL A 116 -23.39 7.49 17.42
CA VAL A 116 -24.79 7.50 17.83
C VAL A 116 -25.32 8.91 17.71
N CYS A 117 -26.47 9.00 17.07
CA CYS A 117 -27.04 10.29 16.72
C CYS A 117 -28.52 10.24 16.57
N ASP A 118 -29.18 10.97 17.45
CA ASP A 118 -30.63 11.08 17.43
C ASP A 118 -31.25 9.73 17.04
N GLY A 119 -30.85 8.72 17.77
CA GLY A 119 -31.53 7.41 17.74
C GLY A 119 -31.08 6.54 16.60
N LYS A 120 -30.13 7.05 15.86
CA LYS A 120 -29.46 6.25 14.84
C LYS A 120 -28.06 5.87 15.29
N ILE A 122 -24.46 4.60 13.59
CA ILE A 122 -23.64 4.43 12.41
C ILE A 122 -22.37 3.63 12.73
N PRO A 123 -22.28 2.41 12.25
CA PRO A 123 -21.06 1.67 12.49
C PRO A 123 -19.86 2.20 11.69
N LEU A 124 -18.77 2.31 12.42
CA LEU A 124 -17.48 2.69 11.85
C LEU A 124 -16.88 1.62 10.94
N HIS A 125 -16.54 2.03 9.73
CA HIS A 125 -15.97 1.16 8.70
C HIS A 125 -14.53 0.82 9.07
N ASP A 126 -13.99 1.69 9.87
CA ASP A 126 -12.58 1.67 10.17
C ASP A 126 -12.28 2.40 11.46
N ASP A 127 -11.14 2.07 12.06
CA ASP A 127 -10.72 2.84 13.24
C ASP A 127 -10.64 4.31 12.89
N GLU A 128 -11.18 5.14 13.77
CA GLU A 128 -11.12 6.60 13.63
C GLU A 128 -9.70 7.06 13.70
N VAL A 129 -9.36 7.98 12.80
CA VAL A 129 -8.07 8.67 12.80
C VAL A 129 -8.25 10.16 12.90
N ILE A 130 -7.20 10.79 13.37
CA ILE A 130 -7.05 12.24 13.25
C ILE A 130 -6.19 12.48 12.03
N THR A 131 -6.73 13.28 11.12
CA THR A 131 -6.01 13.69 9.93
C THR A 131 -5.78 15.18 9.97
N ILE A 132 -4.51 15.57 9.98
CA ILE A 132 -4.11 16.97 9.90
C ILE A 132 -3.47 17.26 8.54
N LYS A 133 -4.03 18.20 7.83
CA LYS A 133 -3.71 18.43 6.43
C LYS A 133 -3.64 19.91 6.08
N ASP A 134 -2.53 20.29 5.50
CA ASP A 134 -2.33 21.68 5.03
C ASP A 134 -2.66 22.69 6.13
N SER A 135 -2.09 22.42 7.30
CA SER A 135 -2.36 23.19 8.53
C SER A 135 -1.11 23.50 9.32
N PHE A 136 -1.24 24.56 10.10
CA PHE A 136 -0.17 24.99 11.00
C PHE A 136 -0.69 25.11 12.40
N LEU A 137 -0.15 24.29 13.29
CA LEU A 137 -0.63 24.21 14.69
C LEU A 137 0.50 24.55 15.63
N ASN A 138 0.35 25.69 16.29
CA ASN A 138 1.33 26.20 17.23
C ASN A 138 0.89 26.05 18.66
N LYS A 139 1.53 25.14 19.38
CA LYS A 139 1.22 24.87 20.81
C LYS A 139 -0.26 24.67 21.07
N THR A 140 -0.85 23.90 20.18
CA THR A 140 -2.27 23.60 20.17
C THR A 140 -2.53 22.20 20.70
N LEU A 141 -3.60 22.06 21.49
CA LEU A 141 -4.09 20.76 21.93
C LEU A 141 -5.31 20.30 21.10
N VAL A 142 -5.20 19.09 20.59
CA VAL A 142 -6.24 18.44 19.79
C VAL A 142 -6.59 17.17 20.53
N HIS A 143 -7.85 17.09 20.92
CA HIS A 143 -8.35 16.03 21.79
C HIS A 143 -9.78 15.66 21.43
N SER A 144 -10.24 14.66 22.14
CA SER A 144 -11.54 14.04 21.91
C SER A 144 -11.57 13.49 20.50
N ASN A 145 -12.75 13.54 19.91
CA ASN A 145 -12.97 12.96 18.60
C ASN A 145 -14.05 13.58 17.76
N SER A 146 -14.29 12.97 16.62
CA SER A 146 -15.30 13.46 15.67
C SER A 146 -16.70 13.41 16.22
N HIS A 147 -17.39 14.55 16.23
CA HIS A 147 -18.80 14.63 16.64
C HIS A 147 -19.73 15.02 15.49
N ASP A 148 -19.20 14.88 14.28
CA ASP A 148 -19.91 15.25 13.07
C ASP A 148 -20.21 14.00 12.28
N PRO A 149 -21.49 13.70 12.07
CA PRO A 149 -21.85 12.45 11.45
C PRO A 149 -21.47 12.42 9.98
N GLU A 150 -20.82 13.48 9.53
CA GLU A 150 -20.48 13.57 8.10
C GLU A 150 -19.24 12.75 7.92
N SER A 151 -18.56 12.59 9.05
CA SER A 151 -17.20 12.05 9.08
C SER A 151 -16.93 11.21 10.31
N PRO A 152 -17.59 10.05 10.40
CA PRO A 152 -17.46 9.41 11.69
C PRO A 152 -16.11 8.69 11.85
N GLU A 153 -15.41 8.48 10.76
CA GLU A 153 -14.15 7.74 10.79
C GLU A 153 -12.96 8.65 10.76
N GLU A 154 -13.23 9.94 10.67
CA GLU A 154 -12.16 10.89 10.54
C GLU A 154 -12.35 12.25 11.22
N PHE A 155 -11.43 12.53 12.12
CA PHE A 155 -11.36 13.80 12.86
C PHE A 155 -10.38 14.70 12.10
N THR A 156 -11.00 15.40 11.15
CA THR A 156 -10.32 16.14 10.12
C THR A 156 -10.05 17.58 10.58
N ILE A 157 -8.78 17.95 10.53
CA ILE A 157 -8.34 19.34 10.61
C ILE A 157 -7.61 19.69 9.33
N ARG A 158 -8.21 20.52 8.50
CA ARG A 158 -7.55 20.90 7.24
C ARG A 158 -7.69 22.36 6.93
N ASN A 159 -6.66 22.86 6.29
CA ASN A 159 -6.56 24.26 5.89
C ASN A 159 -6.78 25.18 7.08
N THR A 160 -6.07 24.89 8.17
CA THR A 160 -6.27 25.54 9.46
C THR A 160 -4.97 26.00 10.08
N VAL A 161 -5.08 27.16 10.73
CA VAL A 161 -4.03 27.74 11.59
C VAL A 161 -4.55 27.83 13.04
N ALA A 162 -3.74 27.39 13.98
CA ALA A 162 -4.08 27.51 15.38
C ALA A 162 -2.90 27.98 16.21
N PRO A 164 -1.00 29.62 19.98
CA PRO A 164 -0.62 28.93 21.23
C PRO A 164 -1.73 28.78 22.27
N TYR A 165 -1.82 27.55 22.69
CA TYR A 165 -2.64 27.08 23.79
C TYR A 165 -4.12 27.05 23.43
N ALA A 166 -4.36 27.11 22.14
CA ALA A 166 -5.69 26.76 21.57
C ALA A 166 -6.07 25.31 21.87
N ASN A 167 -7.37 25.09 21.92
CA ASN A 167 -7.98 23.79 22.12
C ASN A 167 -8.92 23.46 20.99
N ILE A 168 -8.59 22.41 20.26
CA ILE A 168 -9.50 21.86 19.24
C ILE A 168 -10.03 20.61 19.85
N HIS A 169 -11.20 20.73 20.44
CA HIS A 169 -11.74 19.65 21.26
C HIS A 169 -12.97 19.06 20.60
N GLY A 170 -12.75 17.93 19.95
CA GLY A 170 -13.83 17.16 19.36
C GLY A 170 -14.51 17.94 18.26
N SER A 171 -13.68 18.73 17.57
CA SER A 171 -14.17 19.68 16.54
C SER A 171 -13.49 19.62 15.19
N LEU A 172 -14.16 18.99 14.25
CA LEU A 172 -13.75 19.05 12.84
C LEU A 172 -13.51 20.51 12.51
N THR A 173 -12.36 20.80 11.93
CA THR A 173 -11.99 22.19 11.57
C THR A 173 -11.43 22.25 10.20
N GLU A 174 -11.93 23.19 9.42
CA GLU A 174 -11.45 23.37 8.07
C GLU A 174 -11.54 24.81 7.60
N GLY A 175 -10.46 25.26 7.01
CA GLY A 175 -10.38 26.60 6.37
C GLY A 175 -10.42 27.73 7.38
N SER A 176 -9.97 27.42 8.59
CA SER A 176 -10.16 28.32 9.71
C SER A 176 -8.92 28.73 10.48
N PHE A 177 -9.17 29.71 11.33
CA PHE A 177 -8.15 30.29 12.22
C PHE A 177 -8.64 30.23 13.67
N ILE A 178 -7.82 29.64 14.52
CA ILE A 178 -8.13 29.47 15.94
C ILE A 178 -7.08 30.19 16.75
N GLY A 179 -7.52 31.24 17.43
CA GLY A 179 -6.62 32.12 18.20
C GLY A 179 -6.08 31.54 19.48
N SER A 180 -5.18 32.30 20.05
CA SER A 180 -4.46 31.89 21.25
C SER A 180 -5.45 31.70 22.41
N PHE A 181 -5.38 30.55 23.05
CA PHE A 181 -6.24 30.22 24.17
C PHE A 181 -7.70 30.23 23.78
N ALA A 182 -7.93 30.15 22.47
CA ALA A 182 -9.28 29.95 21.94
C ALA A 182 -9.62 28.47 22.06
N THR A 183 -10.91 28.20 22.22
CA THR A 183 -11.43 26.85 22.39
C THR A 183 -12.61 26.62 21.46
N VAL A 184 -12.57 25.50 20.74
CA VAL A 184 -13.68 25.07 19.87
C VAL A 184 -14.10 23.70 20.38
N ASP A 185 -15.36 23.59 20.77
CA ASP A 185 -15.86 22.48 21.58
C ASP A 185 -17.04 21.80 20.94
N LEU A 186 -16.77 20.58 20.51
CA LEU A 186 -17.75 19.67 19.96
C LEU A 186 -18.49 20.30 18.82
N SER A 187 -17.78 21.12 18.06
CA SER A 187 -18.36 21.89 16.96
C SER A 187 -17.60 21.70 15.66
N THR A 188 -18.35 21.73 14.56
CA THR A 188 -17.76 21.77 13.24
C THR A 188 -17.48 23.18 12.83
N ILE A 189 -16.20 23.44 12.58
CA ILE A 189 -15.75 24.80 12.23
C ILE A 189 -15.37 24.88 10.76
N HIS A 190 -16.08 25.75 10.05
CA HIS A 190 -15.92 25.89 8.62
C HIS A 190 -15.77 27.32 8.17
N ASN A 191 -14.57 27.58 7.65
CA ASN A 191 -14.15 28.85 7.05
C ASN A 191 -14.42 30.04 7.97
N SER A 192 -14.00 29.86 9.20
CA SER A 192 -14.25 30.83 10.27
C SER A 192 -12.97 31.27 11.03
N VAL A 193 -13.06 32.48 11.56
CA VAL A 193 -12.07 33.03 12.50
C VAL A 193 -12.67 33.02 13.90
N VAL A 194 -11.97 32.33 14.79
CA VAL A 194 -12.23 32.36 16.24
C VAL A 194 -10.99 32.96 16.93
N ARG A 195 -11.12 34.20 17.40
CA ARG A 195 -9.97 34.93 17.95
C ARG A 195 -9.62 34.66 19.40
N TYR A 196 -8.50 35.21 19.84
CA TYR A 196 -7.93 34.82 21.15
C TYR A 196 -8.94 34.81 22.31
N PHE A 197 -8.87 33.75 23.08
CA PHE A 197 -9.68 33.55 24.33
C PHE A 197 -11.18 33.45 24.13
N SER A 198 -11.56 33.14 22.90
CA SER A 198 -12.97 32.91 22.56
C SER A 198 -13.29 31.43 22.65
N TYR A 199 -14.49 31.16 23.17
CA TYR A 199 -15.00 29.81 23.36
C TYR A 199 -16.24 29.61 22.53
N VAL A 200 -16.23 28.55 21.72
CA VAL A 200 -17.35 28.24 20.81
C VAL A 200 -17.82 26.82 20.96
N GLN A 201 -19.07 26.70 21.34
CA GLN A 201 -19.80 25.45 21.33
C GLN A 201 -21.15 25.61 20.67
N THR A 202 -21.20 25.45 19.36
CA THR A 202 -22.39 25.90 18.63
C THR A 202 -22.93 24.88 17.67
N GLY A 203 -22.28 23.73 17.64
CA GLY A 203 -22.71 22.65 16.76
C GLY A 203 -21.99 22.74 15.44
N GLU A 204 -22.20 23.87 14.81
CA GLU A 204 -21.44 24.26 13.64
C GLU A 204 -21.20 25.76 13.62
N LEU A 205 -20.05 26.14 13.08
CA LEU A 205 -19.71 27.54 12.87
C LEU A 205 -19.25 27.68 11.44
N VAL A 206 -20.10 28.30 10.64
CA VAL A 206 -19.89 28.42 9.21
C VAL A 206 -19.80 29.83 8.71
N GLY A 207 -18.62 30.17 8.23
CA GLY A 207 -18.39 31.44 7.59
C GLY A 207 -18.52 32.60 8.52
N LYS A 208 -18.02 32.41 9.73
CA LYS A 208 -18.12 33.42 10.77
C LYS A 208 -16.78 33.94 11.25
N CYS A 209 -16.88 35.08 11.89
CA CYS A 209 -15.76 35.74 12.54
C CYS A 209 -16.12 36.09 13.97
N VAL A 210 -15.54 35.36 14.90
CA VAL A 210 -15.77 35.57 16.30
C VAL A 210 -14.59 36.34 16.83
N GLU A 211 -14.89 37.53 17.32
CA GLU A 211 -13.86 38.44 17.84
C GLU A 211 -13.32 37.96 19.20
N PRO A 212 -12.31 38.65 19.75
CA PRO A 212 -11.70 38.06 20.94
C PRO A 212 -12.56 38.05 22.17
N GLY A 213 -12.36 37.09 23.02
CA GLY A 213 -13.01 37.13 24.34
C GLY A 213 -14.52 36.95 24.33
N GLN A 214 -15.00 36.24 23.32
CA GLN A 214 -16.42 35.88 23.22
C GLN A 214 -16.61 34.47 23.67
N ILE A 215 -17.64 34.28 24.46
CA ILE A 215 -18.06 32.93 24.92
C ILE A 215 -19.41 32.70 24.34
N TRP A 216 -19.55 31.62 23.58
CA TRP A 216 -20.75 31.42 22.81
C TRP A 216 -21.13 29.97 22.81
N ILE A 217 -22.30 29.69 23.37
CA ILE A 217 -22.90 28.37 23.38
C ILE A 217 -24.25 28.46 22.67
N LYS A 218 -24.47 27.52 21.79
CA LYS A 218 -25.72 27.49 21.05
C LYS A 218 -26.08 26.07 20.65
N SER A 219 -27.26 25.64 21.09
CA SER A 219 -27.77 24.28 20.78
C SER A 219 -29.18 24.35 20.30
N GLY A 220 -29.35 24.02 19.04
CA GLY A 220 -30.65 24.12 18.40
C GLY A 220 -31.02 25.55 18.20
N ASP A 221 -32.30 25.81 18.43
CA ASP A 221 -32.89 27.14 18.26
C ASP A 221 -33.58 27.59 19.56
N GLU A 222 -33.45 26.77 20.60
CA GLU A 222 -34.02 27.08 21.92
C GLU A 222 -32.96 27.20 23.04
N LEU A 223 -31.73 27.48 22.64
CA LEU A 223 -30.64 27.65 23.62
C LEU A 223 -29.43 28.40 23.12
N GLU A 224 -29.14 29.49 23.81
CA GLU A 224 -28.07 30.36 23.40
C GLU A 224 -27.53 31.22 24.51
N PHE A 225 -26.25 31.07 24.74
CA PHE A 225 -25.56 31.84 25.76
C PHE A 225 -24.47 32.63 25.13
N HIS A 226 -24.40 33.89 25.51
CA HIS A 226 -23.30 34.74 25.02
C HIS A 226 -22.74 35.58 26.12
N TYR A 227 -21.41 35.54 26.22
CA TYR A 227 -20.69 36.52 27.02
C TYR A 227 -19.56 37.12 26.23
N SER A 228 -19.27 38.36 26.59
CA SER A 228 -18.23 39.11 25.95
C SER A 228 -17.36 39.87 26.96
N PHE A 229 -16.07 39.55 26.95
CA PHE A 229 -15.06 40.25 27.76
C PHE A 229 -14.81 41.67 27.29
N ASP A 230 -14.71 42.55 28.28
CA ASP A 230 -14.16 43.89 28.10
C ASP A 230 -12.71 43.73 27.68
N LYS A 231 -12.43 44.17 26.46
CA LYS A 231 -11.11 44.06 25.82
C LYS A 231 -9.98 44.64 26.69
N ALA A 232 -10.29 45.77 27.31
CA ALA A 232 -9.30 46.52 28.07
C ALA A 232 -8.82 45.64 29.21
N ILE A 233 -9.73 44.82 29.70
CA ILE A 233 -9.43 43.88 30.80
C ILE A 233 -8.80 42.59 30.29
N LEU A 234 -9.38 42.03 29.24
CA LEU A 234 -8.93 40.73 28.69
C LEU A 234 -7.47 40.79 28.28
N ASP A 235 -7.11 41.89 27.64
CA ASP A 235 -5.79 41.99 27.00
C ASP A 235 -4.63 41.86 27.99
N LYS A 236 -4.94 42.15 29.26
CA LYS A 236 -3.95 42.03 30.34
C LYS A 236 -3.61 40.56 30.62
N TYR A 237 -4.57 39.71 30.32
CA TYR A 237 -4.45 38.30 30.61
C TYR A 237 -3.92 37.55 29.38
N ILE A 238 -4.48 37.94 28.25
CA ILE A 238 -4.10 37.38 26.97
C ILE A 238 -4.50 38.28 25.81
N SER A 239 -3.51 38.61 25.00
CA SER A 239 -3.75 39.13 23.66
C SER A 239 -2.68 38.71 22.69
N GLN A 240 -2.99 38.90 21.43
CA GLN A 240 -2.06 38.67 20.32
C GLN A 240 -2.31 39.55 19.13
N GLU A 241 -1.21 40.07 18.62
CA GLU A 241 -1.19 40.90 17.44
C GLU A 241 -0.48 40.17 16.31
N ALA A 242 -0.95 40.36 15.10
CA ALA A 242 -0.36 39.73 13.93
C ALA A 242 1.08 40.15 13.80
N GLY A 243 1.92 39.13 13.72
CA GLY A 243 3.35 39.28 13.48
C GLY A 243 4.10 39.13 14.77
N SER A 244 3.34 39.10 15.84
CA SER A 244 3.93 38.96 17.16
C SER A 244 3.25 37.82 17.89
N CYS A 245 3.97 37.31 18.87
CA CYS A 245 3.46 36.21 19.65
C CYS A 245 2.61 36.69 20.86
N PRO A 246 1.87 35.76 21.48
CA PRO A 246 0.94 36.19 22.52
C PRO A 246 1.63 36.70 23.77
N THR A 247 0.91 37.55 24.46
CA THR A 247 1.35 38.12 25.73
C THR A 247 0.24 38.17 26.74
N GLY A 248 0.65 38.33 27.98
CA GLY A 248 -0.25 38.50 29.09
C GLY A 248 -0.03 37.52 30.21
N VAL A 249 -0.78 37.74 31.27
CA VAL A 249 -0.67 36.94 32.47
C VAL A 249 -0.78 35.45 32.19
N LEU A 250 -1.72 35.07 31.33
CA LEU A 250 -2.01 33.64 31.11
C LEU A 250 -0.83 32.98 30.41
N GLU A 252 2.48 34.16 30.42
CA GLU A 252 3.58 34.11 31.39
C GLU A 252 3.41 32.89 32.25
N PHE A 253 2.17 32.60 32.56
CA PHE A 253 1.83 31.63 33.61
C PHE A 253 2.17 30.21 33.20
N VAL A 254 1.85 29.91 31.94
CA VAL A 254 2.01 28.56 31.35
C VAL A 254 3.44 28.33 30.90
N GLU A 255 4.03 29.39 30.36
CA GLU A 255 5.38 29.35 29.79
C GLU A 255 6.41 29.17 30.90
N VAL A 256 6.14 29.83 32.03
CA VAL A 256 7.11 29.92 33.13
C VAL A 256 7.24 28.58 33.82
N ARG A 257 6.47 27.62 33.31
CA ARG A 257 6.32 26.30 33.96
C ARG A 257 6.58 25.16 33.00
N GLN A 258 6.90 25.51 31.77
CA GLN A 258 6.97 24.51 30.70
C GLN A 258 8.27 23.76 30.95
N GLU A 259 9.13 24.42 31.72
CA GLU A 259 10.50 23.93 32.01
C GLU A 259 10.39 22.69 32.88
N ASP A 260 9.39 22.73 33.74
CA ASP A 260 9.22 21.73 34.79
C ASP A 260 8.60 20.50 34.17
N PHE A 261 8.13 20.72 32.96
CA PHE A 261 7.44 19.66 32.21
C PHE A 261 8.49 18.88 31.47
N GLU A 262 9.59 19.56 31.24
CA GLU A 262 10.72 18.97 30.50
C GLU A 262 11.28 17.91 31.38
N GLU A 263 11.56 18.38 32.58
CA GLU A 263 12.23 17.58 33.60
C GLU A 263 11.53 16.25 33.79
N VAL A 264 10.22 16.29 33.63
CA VAL A 264 9.35 15.20 34.08
C VAL A 264 9.14 14.20 32.95
N PHE A 265 9.62 14.61 31.78
CA PHE A 265 9.46 13.81 30.56
C PHE A 265 10.67 12.94 30.43
N ALA A 266 11.80 13.61 30.58
CA ALA A 266 13.10 12.96 30.55
C ALA A 266 13.05 11.80 31.54
N SER A 267 12.25 11.99 32.57
CA SER A 267 12.11 11.02 33.65
C SER A 267 11.85 9.64 33.05
N SER A 276 -0.12 5.30 45.33
CA SER A 276 0.11 5.07 46.74
C SER A 276 -1.24 5.16 47.44
N ALA A 277 -2.20 5.62 46.64
CA ALA A 277 -3.60 5.84 47.07
C ALA A 277 -4.59 4.98 46.26
N SER A 278 -5.55 4.40 46.97
CA SER A 278 -6.48 3.40 46.40
C SER A 278 -7.41 3.96 45.35
N GLY A 279 -7.20 3.50 44.12
CA GLY A 279 -8.06 3.80 42.97
C GLY A 279 -7.52 4.95 42.16
N ALA A 280 -6.47 5.56 42.70
CA ALA A 280 -5.80 6.72 42.08
C ALA A 280 -4.90 6.30 40.93
N SER A 281 -4.88 7.13 39.90
CA SER A 281 -3.94 7.03 38.79
C SER A 281 -3.33 8.37 38.51
N VAL A 282 -2.00 8.41 38.52
CA VAL A 282 -1.22 9.63 38.30
C VAL A 282 -0.16 9.42 37.21
N SER A 283 -0.48 9.89 36.02
CA SER A 283 0.46 9.86 34.89
C SER A 283 1.86 10.28 35.32
N GLY A 284 2.86 9.65 34.70
CA GLY A 284 4.27 9.93 34.94
C GLY A 284 4.56 11.22 34.20
N TYR A 285 3.62 11.57 33.36
CA TYR A 285 3.78 12.72 32.47
C TYR A 285 3.08 13.94 33.05
N ALA A 286 2.67 13.82 34.31
CA ALA A 286 2.18 14.97 35.07
C ALA A 286 3.30 15.48 35.95
N VAL A 287 3.26 16.79 36.21
CA VAL A 287 4.05 17.39 37.28
C VAL A 287 3.28 17.29 38.59
N ILE A 288 3.98 16.76 39.59
CA ILE A 288 3.50 16.63 40.96
C ILE A 288 4.52 17.25 41.87
N LYS A 289 4.11 18.30 42.54
CA LYS A 289 5.04 19.17 43.23
C LYS A 289 4.56 19.56 44.60
N GLY A 290 5.55 19.89 45.42
CA GLY A 290 5.33 20.24 46.82
C GLY A 290 4.53 19.22 47.60
N ASP A 291 3.63 19.77 48.39
CA ASP A 291 2.87 19.03 49.39
C ASP A 291 1.53 18.56 48.81
N THR A 292 1.61 18.04 47.59
CA THR A 292 0.45 17.45 46.90
C THR A 292 -0.01 16.16 47.56
N VAL A 293 -1.32 16.06 47.75
CA VAL A 293 -1.94 14.87 48.35
C VAL A 293 -2.99 14.32 47.39
N ILE A 294 -2.73 13.09 46.96
CA ILE A 294 -3.61 12.41 46.03
C ILE A 294 -4.48 11.43 46.79
N GLY A 295 -5.76 11.79 46.84
CA GLY A 295 -6.80 10.98 47.46
C GLY A 295 -7.22 9.80 46.60
N GLU A 296 -8.18 9.04 47.12
CA GLU A 296 -8.71 7.87 46.39
C GLU A 296 -9.50 8.21 45.16
N ASN A 297 -9.30 7.39 44.15
CA ASN A 297 -10.09 7.45 42.94
C ASN A 297 -9.80 8.71 42.14
N VAL A 298 -8.69 9.32 42.49
CA VAL A 298 -8.20 10.55 41.84
C VAL A 298 -7.43 10.25 40.58
N LEU A 299 -7.88 10.85 39.48
CA LEU A 299 -7.21 10.72 38.19
C LEU A 299 -6.44 11.99 37.84
N VAL A 300 -5.15 11.83 37.64
CA VAL A 300 -4.33 12.93 37.22
C VAL A 300 -3.69 12.51 35.92
N SER A 301 -4.04 13.22 34.88
CA SER A 301 -3.62 12.87 33.54
C SER A 301 -2.38 13.61 33.19
N GLN A 302 -1.91 13.33 32.01
CA GLN A 302 -0.64 13.85 31.53
C GLN A 302 -0.73 15.34 31.29
N ARG A 303 0.37 16.02 31.52
CA ARG A 303 0.43 17.45 31.29
C ARG A 303 -0.45 18.22 32.30
N ALA A 304 -1.00 17.45 33.23
CA ALA A 304 -1.56 18.00 34.47
C ALA A 304 -0.42 18.47 35.38
N TYR A 305 -0.65 19.59 36.03
CA TYR A 305 0.38 20.25 36.86
C TYR A 305 -0.18 20.55 38.24
N LEU A 306 0.34 19.83 39.22
CA LEU A 306 -0.11 20.00 40.62
C LEU A 306 1.03 20.47 41.48
N ASP A 307 0.78 21.54 42.19
CA ASP A 307 1.76 22.12 43.11
C ASP A 307 1.04 22.46 44.42
N ASN A 308 1.38 21.71 45.44
CA ASN A 308 0.75 21.93 46.74
C ASN A 308 -0.74 21.75 46.57
N ALA A 309 -1.12 20.69 45.87
CA ALA A 309 -2.51 20.41 45.56
C ALA A 309 -3.08 19.27 46.38
N TRP A 310 -4.17 19.57 47.06
CA TRP A 310 -4.89 18.58 47.86
C TRP A 310 -6.10 18.09 47.08
N GLY A 312 -9.01 15.82 46.65
CA GLY A 312 -10.03 15.07 47.33
C GLY A 312 -10.57 13.94 46.49
N LYS A 313 -11.10 12.97 47.20
CA LYS A 313 -11.61 11.73 46.60
C LYS A 313 -12.51 11.95 45.42
N GLY A 314 -12.12 11.39 44.29
CA GLY A 314 -12.95 11.35 43.08
C GLY A 314 -12.56 12.43 42.10
N SER A 315 -11.79 13.38 42.58
CA SER A 315 -11.36 14.50 41.74
C SER A 315 -10.61 14.01 40.53
N ASN A 316 -10.52 14.89 39.56
CA ASN A 316 -9.92 14.59 38.27
C ASN A 316 -9.30 15.78 37.61
N ALA A 317 -7.97 15.79 37.61
CA ALA A 317 -7.17 16.81 36.91
C ALA A 317 -6.89 16.29 35.51
N GLN A 318 -7.14 17.13 34.52
CA GLN A 318 -6.99 16.76 33.13
C GLN A 318 -5.84 17.45 32.48
N GLU A 319 -5.52 16.93 31.32
CA GLU A 319 -4.41 17.44 30.57
C GLU A 319 -4.47 18.95 30.57
N ASN A 320 -3.31 19.52 30.79
CA ASN A 320 -3.09 20.94 30.59
C ASN A 320 -3.80 21.80 31.58
N CYS A 321 -4.27 21.18 32.66
CA CYS A 321 -4.79 21.92 33.81
C CYS A 321 -3.73 22.10 34.87
N TYR A 322 -3.87 23.19 35.60
CA TYR A 322 -2.97 23.54 36.73
C TYR A 322 -3.75 23.72 38.01
N ILE A 323 -3.26 23.06 39.04
CA ILE A 323 -3.83 23.19 40.37
C ILE A 323 -2.74 23.51 41.38
N ILE A 324 -2.84 24.72 41.92
CA ILE A 324 -1.81 25.32 42.77
C ILE A 324 -2.31 25.83 44.14
N ASN A 325 -1.59 25.41 45.17
CA ASN A 325 -1.89 25.81 46.54
C ASN A 325 -3.38 25.78 46.76
N SER A 326 -4.01 24.73 46.28
CA SER A 326 -5.46 24.58 46.40
C SER A 326 -5.91 23.24 46.97
N ARG A 327 -7.11 23.28 47.53
CA ARG A 327 -7.78 22.10 48.05
C ARG A 327 -9.10 21.82 47.38
N LEU A 328 -9.20 20.63 46.81
CA LEU A 328 -10.41 20.19 46.14
C LEU A 328 -11.03 19.09 46.97
N GLU A 329 -12.22 19.34 47.49
CA GLU A 329 -12.78 18.46 48.51
C GLU A 329 -13.10 17.09 48.02
N ARG A 330 -13.50 16.99 46.76
CA ARG A 330 -14.22 15.80 46.31
C ARG A 330 -14.89 15.98 44.98
N ASN A 331 -14.66 15.04 44.11
CA ASN A 331 -15.40 14.92 42.86
C ASN A 331 -15.29 16.11 41.93
N CYS A 332 -14.27 16.93 42.17
CA CYS A 332 -14.05 18.11 41.32
C CYS A 332 -13.33 17.75 40.08
N VAL A 333 -13.85 18.26 38.97
CA VAL A 333 -13.24 18.10 37.63
C VAL A 333 -12.75 19.43 37.13
N THR A 334 -11.52 19.44 36.68
CA THR A 334 -10.86 20.62 36.10
C THR A 334 -10.50 20.29 34.68
N ALA A 335 -11.20 20.97 33.77
CA ALA A 335 -11.04 20.81 32.32
C ALA A 335 -9.74 21.38 31.82
N HIS A 336 -9.45 21.05 30.57
CA HIS A 336 -8.17 21.39 29.94
C HIS A 336 -8.02 22.89 30.03
N GLY A 337 -6.81 23.30 30.37
CA GLY A 337 -6.44 24.73 30.44
C GLY A 337 -6.91 25.39 31.71
N GLY A 338 -7.66 24.62 32.48
CA GLY A 338 -8.10 25.07 33.78
C GLY A 338 -6.95 25.33 34.73
N LYS A 339 -6.98 26.53 35.31
CA LYS A 339 -5.99 26.99 36.30
C LYS A 339 -6.64 27.43 37.63
N ILE A 340 -6.19 26.80 38.70
CA ILE A 340 -6.73 27.04 40.04
C ILE A 340 -5.61 27.33 41.04
N ILE A 341 -5.64 28.55 41.57
CA ILE A 341 -4.59 29.05 42.46
C ILE A 341 -5.16 29.59 43.77
N ASN A 342 -4.77 28.95 44.85
CA ASN A 342 -5.05 29.47 46.17
C ASN A 342 -6.57 29.53 46.36
N ALA A 343 -7.18 28.40 46.05
CA ALA A 343 -8.61 28.20 46.14
C ALA A 343 -8.99 26.96 46.95
N HIS A 344 -10.16 27.05 47.55
CA HIS A 344 -10.76 25.92 48.24
C HIS A 344 -12.08 25.57 47.59
N LEU A 345 -12.10 24.44 46.92
CA LEU A 345 -13.27 23.96 46.19
C LEU A 345 -13.95 22.84 46.97
N GLY A 346 -15.28 22.87 46.96
CA GLY A 346 -16.08 21.90 47.67
C GLY A 346 -16.35 20.64 46.87
N ASP A 347 -17.54 20.10 47.06
CA ASP A 347 -17.92 18.85 46.41
C ASP A 347 -18.50 19.08 45.03
N ILE A 349 -17.28 20.54 42.12
CA ILE A 349 -17.11 21.76 41.30
C ILE A 349 -16.51 21.44 39.94
N PHE A 350 -17.16 21.98 38.93
CA PHE A 350 -16.74 21.84 37.53
C PHE A 350 -16.12 23.14 37.05
N THR A 351 -14.83 23.08 36.78
CA THR A 351 -14.08 24.21 36.26
C THR A 351 -13.82 24.05 34.78
N GLY A 352 -14.47 24.92 34.01
CA GLY A 352 -14.37 24.90 32.54
C GLY A 352 -13.08 25.29 31.89
N PHE A 353 -12.96 24.83 30.65
CA PHE A 353 -11.86 25.20 29.76
C PHE A 353 -11.29 26.57 29.99
N ASN A 354 -9.99 26.57 30.18
CA ASN A 354 -9.17 27.77 30.13
C ASN A 354 -9.48 28.77 31.24
N SER A 355 -10.21 28.30 32.24
CA SER A 355 -10.52 29.11 33.40
C SER A 355 -9.29 29.54 34.18
N PHE A 356 -9.33 30.77 34.65
CA PHE A 356 -8.25 31.28 35.48
C PHE A 356 -8.84 31.73 36.79
N LEU A 357 -8.67 30.89 37.80
CA LEU A 357 -9.25 31.11 39.10
C LEU A 357 -8.15 31.35 40.12
N GLN A 358 -7.80 32.62 40.26
CA GLN A 358 -6.70 33.07 41.09
C GLN A 358 -7.13 33.81 42.36
N GLY A 359 -7.00 33.09 43.47
CA GLY A 359 -7.01 33.70 44.79
C GLY A 359 -5.57 33.90 45.19
N SER A 360 -5.39 34.46 46.37
CA SER A 360 -4.06 34.60 46.96
C SER A 360 -4.11 34.23 48.41
N GLU A 361 -3.00 34.49 49.09
CA GLU A 361 -2.91 34.19 50.52
C GLU A 361 -3.67 35.25 51.29
N SER A 362 -3.73 36.44 50.73
CA SER A 362 -4.37 37.58 51.40
C SER A 362 -5.82 37.63 51.00
N SER A 363 -6.10 37.02 49.87
CA SER A 363 -7.44 37.02 49.26
C SER A 363 -7.88 35.64 48.80
N PRO A 364 -8.19 34.76 49.77
CA PRO A 364 -8.55 33.38 49.37
C PRO A 364 -9.92 33.25 48.72
N LEU A 365 -9.94 32.32 47.78
CA LEU A 365 -11.11 31.95 46.98
C LEU A 365 -11.74 30.65 47.45
N LYS A 366 -13.02 30.74 47.71
CA LYS A 366 -13.84 29.59 48.07
C LYS A 366 -14.96 29.37 47.11
N ILE A 367 -15.13 28.11 46.75
CA ILE A 367 -16.23 27.72 45.88
C ILE A 367 -17.04 26.57 46.46
N GLY A 368 -18.30 26.88 46.65
CA GLY A 368 -19.25 25.97 47.27
C GLY A 368 -19.66 24.82 46.39
N ASP A 369 -20.11 23.80 47.09
CA ASP A 369 -20.57 22.57 46.47
C ASP A 369 -21.39 22.84 45.22
N GLY A 370 -21.02 22.10 44.19
CA GLY A 370 -21.83 21.88 43.02
C GLY A 370 -21.77 23.00 42.01
N CYS A 371 -20.97 24.02 42.30
CA CYS A 371 -20.87 25.18 41.40
C CYS A 371 -20.36 24.78 40.05
N VAL A 372 -20.85 25.50 39.04
CA VAL A 372 -20.34 25.36 37.69
C VAL A 372 -19.67 26.63 37.26
N VAL A 373 -18.37 26.54 37.02
CA VAL A 373 -17.56 27.61 36.51
C VAL A 373 -17.46 27.44 35.02
N PRO A 375 -16.60 27.90 30.99
CA PRO A 375 -15.35 28.10 30.25
C PRO A 375 -14.96 29.55 30.16
N HIS A 376 -13.67 29.77 30.27
CA HIS A 376 -13.03 31.02 29.99
C HIS A 376 -13.36 32.06 31.05
N THR A 377 -13.67 31.56 32.24
CA THR A 377 -13.93 32.40 33.41
C THR A 377 -12.64 32.85 34.02
N ILE A 378 -12.58 34.13 34.30
CA ILE A 378 -11.40 34.76 34.94
C ILE A 378 -11.75 35.37 36.30
N ILE A 379 -11.32 34.69 37.34
CA ILE A 379 -11.44 35.18 38.69
C ILE A 379 -10.07 35.54 39.21
N ASP A 380 -9.91 36.83 39.48
CA ASP A 380 -8.63 37.40 39.92
C ASP A 380 -8.83 38.30 41.09
N LEU A 381 -8.75 37.72 42.28
CA LEU A 381 -9.27 38.36 43.50
C LEU A 381 -8.45 39.51 44.04
N GLU A 382 -9.17 40.57 44.40
CA GLU A 382 -8.65 41.74 45.16
C GLU A 382 -9.06 41.65 46.61
N GLU A 383 -10.01 40.78 46.88
CA GLU A 383 -10.50 40.58 48.24
C GLU A 383 -10.89 39.13 48.47
N PRO A 384 -11.03 38.73 49.73
CA PRO A 384 -11.50 37.35 49.86
C PRO A 384 -12.90 37.19 49.29
N LEU A 385 -13.13 36.02 48.72
CA LEU A 385 -14.41 35.76 48.09
C LEU A 385 -14.82 34.33 48.26
N GLU A 386 -16.07 34.19 48.63
CA GLU A 386 -16.68 32.91 48.78
C GLU A 386 -17.90 32.84 47.90
N ILE A 387 -17.91 31.85 47.02
CA ILE A 387 -19.04 31.62 46.16
C ILE A 387 -19.90 30.52 46.79
N PRO A 388 -21.20 30.82 46.98
CA PRO A 388 -22.08 29.87 47.62
C PRO A 388 -22.39 28.73 46.73
N ALA A 389 -22.68 27.61 47.38
CA ALA A 389 -23.03 26.37 46.69
C ALA A 389 -24.13 26.62 45.67
N GLY A 390 -24.07 25.83 44.63
CA GLY A 390 -25.12 25.78 43.61
C GLY A 390 -25.28 27.05 42.81
N HIS A 391 -24.14 27.57 42.39
CA HIS A 391 -24.11 28.75 41.54
C HIS A 391 -23.41 28.46 40.23
N LEU A 392 -23.93 29.12 39.20
CA LEU A 392 -23.31 29.26 37.89
C LEU A 392 -22.56 30.56 37.85
N VAL A 393 -21.31 30.46 37.42
CA VAL A 393 -20.33 31.54 37.39
C VAL A 393 -19.67 31.70 36.03
N TRP A 394 -19.44 32.95 35.64
CA TRP A 394 -18.78 33.30 34.39
C TRP A 394 -18.11 34.65 34.49
N GLY A 395 -17.45 34.99 33.39
CA GLY A 395 -16.83 36.29 33.20
C GLY A 395 -15.62 36.64 34.01
N TYR A 396 -15.61 37.91 34.38
CA TYR A 396 -14.51 38.55 35.11
C TYR A 396 -14.95 38.98 36.48
N ILE A 397 -14.22 38.48 37.48
CA ILE A 397 -14.61 38.65 38.88
C ILE A 397 -13.37 38.92 39.71
N ARG A 398 -13.37 40.07 40.42
CA ARG A 398 -12.27 40.45 41.35
C ARG A 398 -12.75 40.53 42.77
N ASN A 399 -14.04 40.73 42.91
CA ASN A 399 -14.68 41.00 44.18
C ASN A 399 -16.13 40.58 44.26
N LYS A 400 -16.76 41.08 45.32
CA LYS A 400 -18.11 40.64 45.72
C LYS A 400 -19.18 41.23 44.79
N ALA A 401 -18.92 42.46 44.35
CA ALA A 401 -19.82 43.18 43.43
C ALA A 401 -19.86 42.47 42.09
N ASP A 402 -18.66 42.16 41.65
CA ASP A 402 -18.41 41.49 40.37
C ASP A 402 -19.09 40.13 40.36
N LEU A 403 -19.00 39.44 41.48
CA LEU A 403 -19.62 38.12 41.63
C LEU A 403 -21.11 38.24 41.42
N ALA A 404 -21.69 39.30 41.99
CA ALA A 404 -23.14 39.48 41.97
C ALA A 404 -23.58 39.73 40.52
N ALA A 405 -22.66 40.35 39.78
CA ALA A 405 -22.92 40.73 38.37
C ALA A 405 -22.58 39.58 37.39
N HIS A 406 -22.00 38.51 37.91
CA HIS A 406 -21.44 37.43 37.08
C HIS A 406 -21.68 36.02 37.60
N SER A 407 -22.77 35.90 38.34
CA SER A 407 -23.29 34.62 38.82
C SER A 407 -24.76 34.61 39.04
N ILE A 408 -25.26 33.40 39.07
CA ILE A 408 -26.68 33.15 39.35
C ILE A 408 -26.84 31.76 39.96
N SER A 409 -27.81 31.60 40.84
CA SER A 409 -28.02 30.28 41.48
C SER A 409 -28.84 29.36 40.61
N PHE A 410 -28.53 28.09 40.73
CA PHE A 410 -29.20 27.08 39.94
C PHE A 410 -30.70 27.20 40.18
N GLU A 411 -31.01 27.46 41.45
CA GLU A 411 -32.39 27.46 41.87
C GLU A 411 -33.22 28.50 41.11
N GLU A 412 -32.66 29.70 40.98
CA GLU A 412 -33.34 30.79 40.29
C GLU A 412 -33.27 30.57 38.77
N PHE A 413 -32.06 30.29 38.30
CA PHE A 413 -31.82 30.13 36.87
C PHE A 413 -32.65 29.00 36.25
N ALA A 414 -32.97 27.98 37.05
CA ALA A 414 -33.65 26.79 36.52
C ALA A 414 -35.10 27.10 36.14
N LYS A 415 -35.57 28.26 36.59
CA LYS A 415 -36.96 28.70 36.32
C LYS A 415 -37.03 29.44 34.98
N VAL A 416 -35.85 29.80 34.46
CA VAL A 416 -35.78 30.66 33.28
C VAL A 416 -36.33 29.96 32.02
N ASP A 417 -37.30 30.61 31.40
CA ASP A 417 -37.75 30.21 30.06
C ASP A 417 -38.01 31.46 29.23
N GLY A 418 -36.97 31.91 28.56
CA GLY A 418 -37.01 33.20 27.86
C GLY A 418 -35.63 33.82 27.73
N GLU A 419 -35.58 35.13 27.92
CA GLU A 419 -34.35 35.90 27.74
C GLU A 419 -33.93 36.66 28.99
N VAL A 420 -32.67 36.50 29.32
CA VAL A 420 -32.05 37.14 30.46
C VAL A 420 -30.81 37.89 30.01
N THR A 421 -30.74 39.13 30.45
CA THR A 421 -29.53 39.92 30.34
C THR A 421 -28.96 40.35 31.66
N GLY A 423 -25.61 42.39 32.25
CA GLY A 423 -24.45 43.07 31.72
C GLY A 423 -24.07 42.53 30.36
N ARG A 424 -22.83 42.08 30.29
CA ARG A 424 -22.22 41.59 29.02
C ARG A 424 -22.66 40.15 28.68
N THR A 426 -25.82 37.56 27.86
CA THR A 426 -27.21 37.29 27.51
CA THR A 426 -27.19 37.29 27.48
C THR A 426 -27.40 35.79 27.39
N PHE A 427 -28.58 35.38 27.80
CA PHE A 427 -29.01 34.01 27.70
C PHE A 427 -30.39 33.99 27.07
N ARG A 428 -30.60 33.01 26.19
CA ARG A 428 -31.91 32.74 25.62
C ARG A 428 -32.27 31.29 25.69
N GLY A 429 -33.42 30.99 26.29
CA GLY A 429 -33.92 29.61 26.36
C GLY A 429 -34.40 29.13 27.72
N LYS A 430 -34.26 27.84 27.95
CA LYS A 430 -34.60 27.22 29.21
C LYS A 430 -33.38 26.94 30.07
N GLY A 431 -33.40 27.44 31.28
CA GLY A 431 -32.22 27.50 32.12
C GLY A 431 -31.94 26.17 32.75
N GLY A 432 -33.02 25.47 33.01
CA GLY A 432 -32.94 24.12 33.60
C GLY A 432 -32.13 23.17 32.75
N PRO A 433 -32.55 22.96 31.50
CA PRO A 433 -31.82 22.04 30.62
C PRO A 433 -30.38 22.48 30.34
N PHE A 434 -30.16 23.79 30.40
CA PHE A 434 -28.83 24.37 30.19
C PHE A 434 -27.94 23.91 31.31
N LEU A 435 -28.39 24.20 32.50
CA LEU A 435 -27.67 23.78 33.72
C LEU A 435 -27.41 22.28 33.75
N ASP A 436 -28.39 21.52 33.24
CA ASP A 436 -28.30 20.05 33.22
C ASP A 436 -27.24 19.57 32.25
N SER A 437 -26.94 20.40 31.25
CA SER A 437 -26.02 20.00 30.20
C SER A 437 -24.63 19.95 30.86
N PHE A 438 -24.46 20.76 31.88
CA PHE A 438 -23.17 20.84 32.59
C PHE A 438 -23.08 19.74 33.64
N LYS A 439 -24.19 19.45 34.30
CA LYS A 439 -24.21 18.40 35.30
C LYS A 439 -23.92 17.05 34.61
N LYS A 440 -24.52 16.84 33.47
CA LYS A 440 -24.31 15.59 32.74
C LYS A 440 -22.83 15.43 32.39
N ARG A 441 -22.20 16.56 32.09
CA ARG A 441 -20.83 16.54 31.54
C ARG A 441 -19.82 16.22 32.62
N ILE A 442 -19.95 16.87 33.76
CA ILE A 442 -19.06 16.53 34.89
C ILE A 442 -19.31 15.09 35.34
N LYS A 443 -20.58 14.76 35.43
CA LYS A 443 -21.00 13.40 35.89
C LYS A 443 -20.38 12.31 34.97
N ARG A 444 -20.29 12.63 33.68
CA ARG A 444 -19.85 11.63 32.68
C ARG A 444 -18.34 11.46 32.76
N ILE A 445 -17.71 12.52 33.19
CA ILE A 445 -16.27 12.60 33.27
C ILE A 445 -15.86 11.90 34.53
N LEU A 446 -16.64 12.08 35.57
CA LEU A 446 -16.32 11.48 36.89
C LEU A 446 -16.55 9.99 36.86
N SER A 447 -17.36 9.63 35.91
CA SER A 447 -17.85 8.26 35.71
C SER A 447 -16.79 7.52 34.94
N GLU A 448 -16.84 7.76 33.64
CA GLU A 448 -15.84 7.27 32.70
C GLU A 448 -14.47 7.22 33.35
N ASN A 449 -14.26 8.17 34.23
CA ASN A 449 -12.93 8.42 34.79
C ASN A 449 -12.52 7.24 35.67
N GLY A 450 -13.47 6.73 36.44
CA GLY A 450 -13.23 5.56 37.30
C GLY A 450 -12.97 5.86 38.76
N LYS A 466 -3.55 2.70 27.95
CA LYS A 466 -3.28 3.52 29.13
C LYS A 466 -1.88 3.15 29.58
N ASN A 467 -1.30 2.22 28.84
CA ASN A 467 0.09 1.76 29.04
C ASN A 467 0.89 1.99 27.76
N PHE A 468 1.73 3.02 27.80
CA PHE A 468 2.53 3.40 26.64
C PHE A 468 3.72 4.30 26.94
N THR A 469 4.60 4.34 25.95
CA THR A 469 5.76 5.23 25.99
C THR A 469 5.81 6.12 24.76
N PHE A 470 6.52 7.21 24.93
CA PHE A 470 6.80 8.16 23.86
C PHE A 470 8.16 7.92 23.22
N ASN A 471 8.11 7.58 21.94
CA ASN A 471 9.29 7.32 21.11
C ASN A 471 9.66 8.52 20.29
N ILE A 472 10.95 8.73 20.20
CA ILE A 472 11.55 9.89 19.51
C ILE A 472 11.51 9.75 18.01
N ILE A 473 11.40 10.89 17.39
CA ILE A 473 11.43 10.99 15.94
C ILE A 473 12.15 12.30 15.53
N GLN A 474 13.16 12.17 14.69
CA GLN A 474 14.06 13.27 14.36
C GLN A 474 13.94 13.73 12.93
N PRO A 475 14.24 15.02 12.69
CA PRO A 475 14.13 15.50 11.33
C PRO A 475 15.44 15.54 10.57
N TYR A 476 15.34 15.91 9.31
CA TYR A 476 16.53 16.28 8.55
C TYR A 476 17.27 17.39 9.29
N GLN A 477 18.57 17.20 9.45
CA GLN A 477 19.44 18.09 10.25
C GLN A 477 20.08 19.16 9.38
N ASP A 478 20.13 18.88 8.08
CA ASP A 478 20.70 19.84 7.15
C ASP A 478 20.24 19.76 5.72
N GLY A 479 20.75 20.76 5.02
CA GLY A 479 20.38 21.08 3.63
C GLY A 479 19.00 21.67 3.43
N ASP A 480 18.54 21.51 2.21
CA ASP A 480 17.20 21.99 1.80
C ASP A 480 16.05 21.45 2.67
N PRO A 481 16.09 20.16 3.02
CA PRO A 481 15.01 19.49 3.73
C PRO A 481 15.07 19.66 5.25
N ARG A 482 16.02 20.48 5.66
CA ARG A 482 16.27 20.73 7.08
C ARG A 482 15.02 21.14 7.84
N GLY A 483 14.74 20.38 8.90
CA GLY A 483 13.64 20.67 9.82
C GLY A 483 12.39 19.91 9.44
N TYR A 485 10.57 16.37 8.34
CA TYR A 485 10.59 14.93 8.64
C TYR A 485 10.37 14.19 7.33
N PRO A 486 11.04 13.05 7.13
CA PRO A 486 10.72 12.33 5.91
C PRO A 486 9.33 11.69 5.98
N THR A 487 8.92 11.02 4.90
CA THR A 487 7.61 10.33 4.86
C THR A 487 7.70 9.03 5.62
N ILE A 488 6.99 8.98 6.73
CA ILE A 488 7.08 7.88 7.67
C ILE A 488 5.72 7.26 7.89
N LEU A 489 5.67 5.94 7.83
CA LEU A 489 4.44 5.19 8.11
C LEU A 489 4.73 4.08 9.11
N ILE A 490 4.14 4.26 10.29
CA ILE A 490 4.30 3.34 11.39
C ILE A 490 3.00 2.56 11.60
N GLN A 491 3.09 1.25 11.64
CA GLN A 491 1.93 0.44 11.99
C GLN A 491 2.26 -0.85 12.67
N PRO A 492 1.23 -1.60 13.04
CA PRO A 492 1.50 -2.80 13.82
C PRO A 492 2.05 -3.91 13.01
N ASN A 493 2.72 -4.80 13.70
CA ASN A 493 3.17 -6.04 13.11
C ASN A 493 2.00 -7.02 12.96
N ASN A 494 1.98 -7.74 11.84
CA ASN A 494 1.09 -8.91 11.66
C ASN A 494 1.61 -10.11 12.46
N GLY B 19 3.52 -19.15 28.06
CA GLY B 19 3.45 -18.47 26.73
C GLY B 19 4.64 -17.59 26.43
N THR B 21 6.79 -14.64 24.45
CA THR B 21 6.64 -13.29 23.92
C THR B 21 6.91 -13.29 22.40
N GLN B 22 6.71 -12.15 21.78
CA GLN B 22 6.78 -12.08 20.31
C GLN B 22 8.18 -12.27 19.83
N LEU B 23 9.10 -11.81 20.66
CA LEU B 23 10.53 -11.82 20.35
C LEU B 23 11.09 -13.20 20.56
N GLU B 24 10.62 -13.85 21.61
CA GLU B 24 11.05 -15.22 21.92
C GLU B 24 10.60 -16.12 20.79
N LEU B 25 9.44 -15.78 20.28
CA LEU B 25 8.77 -16.58 19.26
C LEU B 25 9.44 -16.33 17.93
N LEU B 26 9.84 -15.08 17.72
CA LEU B 26 10.48 -14.69 16.48
C LEU B 26 11.78 -15.45 16.33
N LEU B 27 12.46 -15.63 17.46
CA LEU B 27 13.79 -16.25 17.43
C LEU B 27 13.62 -17.73 17.14
N GLU B 28 12.57 -18.30 17.70
CA GLU B 28 12.33 -19.73 17.50
C GLU B 28 12.00 -19.98 16.04
N ARG B 29 11.33 -19.03 15.44
CA ARG B 29 10.84 -19.19 14.07
C ARG B 29 12.04 -19.16 13.18
N ILE B 30 12.95 -18.25 13.52
CA ILE B 30 14.18 -18.09 12.75
C ILE B 30 14.95 -19.39 12.81
N ILE B 31 15.15 -19.83 14.04
CA ILE B 31 15.90 -21.08 14.36
C ILE B 31 15.37 -22.29 13.57
N ASP B 32 14.07 -22.34 13.41
CA ASP B 32 13.42 -23.51 12.80
C ASP B 32 13.64 -23.50 11.31
N ARG B 33 13.61 -22.29 10.77
CA ARG B 33 13.81 -22.08 9.33
C ARG B 33 15.22 -22.44 8.95
N VAL B 34 16.15 -21.94 9.74
CA VAL B 34 17.58 -22.04 9.40
C VAL B 34 18.01 -23.48 9.56
N ASN B 35 17.39 -24.17 10.50
CA ASN B 35 17.70 -25.59 10.75
C ASN B 35 17.22 -26.53 9.62
N VAL B 36 16.12 -26.16 8.98
CA VAL B 36 15.60 -26.90 7.81
C VAL B 36 16.59 -26.77 6.67
N ASN B 37 17.18 -25.59 6.54
CA ASN B 37 18.13 -25.30 5.45
C ASN B 37 19.40 -26.14 5.64
N LEU B 38 19.75 -26.30 6.90
CA LEU B 38 21.02 -26.87 7.31
C LEU B 38 20.84 -28.34 7.67
N ARG B 39 19.69 -28.87 7.33
CA ARG B 39 19.33 -30.22 7.80
C ARG B 39 20.21 -31.34 7.30
N HIS B 40 20.98 -31.08 6.25
CA HIS B 40 21.79 -32.16 5.67
C HIS B 40 23.14 -32.18 6.36
N GLN B 41 23.36 -31.18 7.19
CA GLN B 41 24.63 -31.05 7.91
C GLN B 41 24.37 -31.36 9.35
N LYS B 42 23.11 -31.66 9.59
CA LYS B 42 22.62 -31.94 10.93
C LYS B 42 23.02 -30.85 11.96
N PHE B 43 23.22 -29.63 11.50
CA PHE B 43 23.70 -28.50 12.34
C PHE B 43 22.56 -27.72 12.98
N ASP B 44 22.64 -27.60 14.30
CA ASP B 44 21.60 -26.89 15.08
C ASP B 44 22.05 -25.51 15.55
N VAL B 45 21.37 -24.50 15.04
CA VAL B 45 21.76 -23.09 15.24
C VAL B 45 21.10 -22.58 16.50
N GLY B 46 20.27 -23.44 17.06
CA GLY B 46 19.39 -23.08 18.18
C GLY B 46 20.07 -22.40 19.34
N ASP B 47 21.15 -23.02 19.82
CA ASP B 47 21.78 -22.58 21.07
C ASP B 47 22.69 -21.39 20.85
N TYR B 48 22.97 -21.10 19.59
CA TYR B 48 23.74 -19.92 19.22
C TYR B 48 22.85 -18.68 19.19
N VAL B 49 21.56 -18.91 19.11
CA VAL B 49 20.58 -17.82 18.81
C VAL B 49 19.76 -17.44 20.02
N ARG B 50 19.46 -18.47 20.76
CA ARG B 50 18.47 -18.47 21.82
C ARG B 50 19.05 -17.91 23.11
N ARG B 51 18.20 -17.22 23.86
CA ARG B 51 18.61 -16.71 25.16
C ARG B 51 17.51 -16.47 26.16
N GLN B 52 17.98 -16.03 27.31
CA GLN B 52 17.09 -15.75 28.46
C GLN B 52 16.37 -14.44 28.27
N THR B 53 15.05 -14.54 28.42
CA THR B 53 14.14 -13.40 28.34
C THR B 53 14.72 -12.31 27.43
N PRO B 54 14.73 -12.55 26.11
CA PRO B 54 15.39 -11.61 25.20
C PRO B 54 14.61 -10.32 25.06
N HIS B 55 13.31 -10.47 25.22
CA HIS B 55 12.38 -9.32 25.19
C HIS B 55 12.80 -8.25 26.21
N LEU B 56 13.34 -8.71 27.33
CA LEU B 56 13.65 -7.83 28.46
C LEU B 56 14.95 -7.13 28.16
N HIS B 57 15.79 -7.84 27.42
CA HIS B 57 17.17 -7.42 27.19
C HIS B 57 17.23 -6.43 26.04
N TYR B 58 16.52 -6.76 24.97
CA TYR B 58 16.55 -6.02 23.69
C TYR B 58 15.81 -4.68 23.77
N SER B 59 14.95 -4.57 24.78
CA SER B 59 14.06 -3.41 24.89
C SER B 59 14.85 -2.30 25.54
N LYS B 60 16.05 -2.67 25.94
CA LYS B 60 16.92 -1.78 26.72
C LYS B 60 17.69 -0.87 25.77
N PHE B 61 17.52 -1.19 24.49
CA PHE B 61 18.32 -0.58 23.41
C PHE B 61 17.54 0.18 22.36
N TYR B 62 18.26 1.13 21.78
CA TYR B 62 17.82 1.88 20.61
C TYR B 62 18.44 1.28 19.38
N ALA B 63 17.87 1.63 18.24
CA ALA B 63 18.54 1.40 16.95
C ALA B 63 18.62 2.70 16.18
N PHE B 64 19.37 2.67 15.10
CA PHE B 64 19.65 3.89 14.32
C PHE B 64 19.57 3.69 12.84
N TYR B 65 18.96 4.64 12.15
CA TYR B 65 18.93 4.65 10.69
C TYR B 65 19.49 5.95 10.13
N GLY B 66 20.27 5.82 9.06
CA GLY B 66 20.91 6.97 8.42
C GLY B 66 20.02 7.76 7.50
N LEU B 67 19.96 9.05 7.76
CA LEU B 67 19.17 9.99 6.95
C LEU B 67 20.04 11.04 6.23
N SER B 68 19.94 11.00 4.90
CA SER B 68 20.61 11.96 4.01
C SER B 68 19.68 12.84 3.17
N ALA B 69 20.04 14.09 3.09
CA ALA B 69 19.36 15.07 2.26
C ALA B 69 19.68 14.77 0.83
N ASP B 70 20.75 14.00 0.65
CA ASP B 70 21.37 13.82 -0.66
C ASP B 70 21.08 12.48 -1.32
N ASP B 71 20.86 11.47 -0.49
CA ASP B 71 20.49 10.13 -0.96
C ASP B 71 19.09 9.77 -0.54
N PRO B 72 18.19 9.49 -1.49
CA PRO B 72 16.82 9.14 -1.12
C PRO B 72 16.74 7.98 -0.18
N VAL B 73 16.12 8.27 0.96
CA VAL B 73 15.96 7.30 2.04
C VAL B 73 15.00 6.20 1.62
N HIS B 74 15.41 4.97 1.92
CA HIS B 74 14.49 3.82 1.92
C HIS B 74 14.79 2.86 3.05
N PHE B 75 13.87 2.78 4.00
CA PHE B 75 13.85 1.72 5.02
C PHE B 75 12.49 1.09 5.14
N HIS B 76 12.51 -0.21 5.34
CA HIS B 76 11.30 -0.98 5.62
C HIS B 76 11.59 -2.06 6.66
N PHE B 77 11.05 -1.85 7.84
CA PHE B 77 11.24 -2.78 8.95
C PHE B 77 9.92 -3.38 9.37
N LYS B 78 9.79 -4.68 9.15
CA LYS B 78 8.55 -5.38 9.35
C LYS B 78 8.80 -6.60 10.20
N ASN B 79 8.12 -6.64 11.34
CA ASN B 79 8.11 -7.83 12.22
C ASN B 79 9.46 -8.17 12.77
N SER B 80 10.21 -7.13 13.07
CA SER B 80 11.60 -7.29 13.41
C SER B 80 12.00 -6.62 14.71
N SER B 81 13.12 -7.10 15.23
CA SER B 81 13.87 -6.41 16.27
C SER B 81 15.20 -5.92 15.71
N LEU B 82 15.57 -4.71 16.10
CA LEU B 82 16.77 -4.03 15.61
C LEU B 82 17.77 -3.58 16.71
N ALA B 83 17.52 -4.05 17.92
CA ALA B 83 18.26 -3.61 19.12
C ALA B 83 19.75 -3.37 18.93
N GLY B 84 20.10 -2.10 19.06
CA GLY B 84 21.49 -1.65 19.07
C GLY B 84 22.16 -1.53 17.70
N SER B 85 21.40 -1.88 16.67
CA SER B 85 21.90 -1.81 15.28
C SER B 85 21.87 -0.46 14.62
N TYR B 86 22.70 -0.35 13.61
CA TYR B 86 22.83 0.83 12.74
C TYR B 86 22.55 0.42 11.32
N LEU B 87 21.70 1.18 10.66
CA LEU B 87 21.34 0.85 9.28
C LEU B 87 21.51 2.05 8.38
N LEU B 88 22.10 1.77 7.23
CA LEU B 88 22.41 2.80 6.24
C LEU B 88 22.16 2.33 4.82
N GLY B 89 21.57 3.22 4.04
CA GLY B 89 21.17 2.92 2.66
C GLY B 89 19.84 2.20 2.55
N ARG B 90 19.62 1.61 1.39
CA ARG B 90 18.33 1.01 1.06
C ARG B 90 18.20 -0.36 1.64
N VAL B 91 17.46 -0.47 2.74
CA VAL B 91 17.41 -1.72 3.50
C VAL B 91 16.01 -2.10 3.94
N ASN B 92 15.69 -3.34 3.62
CA ASN B 92 14.51 -4.02 4.12
C ASN B 92 14.93 -5.02 5.20
N VAL B 93 14.24 -4.96 6.33
CA VAL B 93 14.41 -5.97 7.39
C VAL B 93 13.06 -6.59 7.70
N LEU B 94 12.98 -7.89 7.49
CA LEU B 94 11.74 -8.65 7.57
C LEU B 94 11.88 -9.88 8.42
N HIS B 95 11.05 -9.93 9.46
CA HIS B 95 10.97 -11.09 10.34
C HIS B 95 12.36 -11.48 10.81
N SER B 96 13.12 -10.46 11.15
CA SER B 96 14.53 -10.63 11.56
C SER B 96 14.88 -10.03 12.89
N ALA B 97 15.93 -10.57 13.48
CA ALA B 97 16.46 -10.03 14.73
C ALA B 97 17.90 -9.63 14.53
N LEU B 98 18.11 -8.32 14.58
CA LEU B 98 19.44 -7.72 14.43
C LEU B 98 19.90 -7.08 15.74
N TYR B 99 20.92 -7.69 16.32
CA TYR B 99 21.44 -7.26 17.61
C TYR B 99 22.83 -6.67 17.43
N LYS B 100 22.88 -5.36 17.59
CA LYS B 100 24.11 -4.60 17.59
C LYS B 100 24.90 -4.84 16.34
N SER B 101 24.17 -5.02 15.24
CA SER B 101 24.80 -5.09 13.93
C SER B 101 24.86 -3.76 13.19
N ASP B 102 25.57 -3.84 12.07
CA ASP B 102 25.75 -2.70 11.17
CA ASP B 102 25.74 -2.68 11.17
C ASP B 102 25.46 -3.11 9.74
N ILE B 103 24.38 -2.57 9.21
CA ILE B 103 23.92 -2.86 7.87
C ILE B 103 24.20 -1.64 7.04
N ARG B 104 25.14 -1.80 6.14
CA ARG B 104 25.73 -0.71 5.39
C ARG B 104 25.54 -0.84 3.92
N GLY B 105 24.57 -0.08 3.43
CA GLY B 105 24.14 -0.14 2.04
C GLY B 105 24.72 0.99 1.21
N ASP B 106 25.82 1.56 1.70
CA ASP B 106 26.44 2.74 1.05
C ASP B 106 27.03 2.47 -0.33
N GLU B 107 27.24 1.19 -0.64
CA GLU B 107 27.90 0.76 -1.88
C GLU B 107 26.97 0.00 -2.82
N LEU B 108 25.71 -0.02 -2.48
CA LEU B 108 24.70 -0.67 -3.29
C LEU B 108 24.67 0.07 -4.62
N LYS B 109 24.37 -0.66 -5.69
CA LYS B 109 24.23 -0.04 -7.00
C LYS B 109 22.91 0.57 -7.27
N ARG B 110 22.96 1.45 -8.26
CA ARG B 110 21.80 2.23 -8.63
C ARG B 110 21.37 1.91 -10.03
N LYS B 111 20.11 2.24 -10.25
CA LYS B 111 19.40 1.98 -11.51
C LYS B 111 20.20 2.56 -12.64
N GLY B 112 20.47 1.74 -13.62
CA GLY B 112 21.11 2.21 -14.84
C GLY B 112 22.58 1.90 -14.81
N GLN B 113 23.10 1.62 -13.61
CA GLN B 113 24.48 1.13 -13.54
C GLN B 113 24.52 -0.22 -14.22
N HIS B 114 25.70 -0.79 -14.28
CA HIS B 114 25.93 -1.97 -15.13
C HIS B 114 26.78 -3.03 -14.46
N PHE B 115 26.12 -4.07 -13.96
CA PHE B 115 26.85 -5.28 -13.48
C PHE B 115 27.49 -6.04 -14.66
N VAL B 116 28.78 -6.25 -14.52
CA VAL B 116 29.57 -6.85 -15.61
C VAL B 116 29.56 -8.37 -15.47
N CYS B 117 29.10 -9.02 -16.55
CA CYS B 117 28.95 -10.49 -16.65
C CYS B 117 28.63 -10.93 -18.08
N ILE B 122 24.80 -6.50 -17.99
CA ILE B 122 23.38 -6.25 -17.91
C ILE B 122 23.25 -4.94 -17.17
N PRO B 123 22.14 -4.21 -17.44
CA PRO B 123 21.81 -3.07 -16.64
C PRO B 123 21.00 -3.51 -15.46
N LEU B 124 21.06 -2.70 -14.43
CA LEU B 124 20.10 -2.75 -13.35
C LEU B 124 18.90 -1.99 -13.87
N HIS B 125 17.72 -2.54 -13.59
CA HIS B 125 16.46 -1.90 -13.93
C HIS B 125 15.98 -1.11 -12.75
N ASP B 126 16.67 -1.35 -11.65
CA ASP B 126 16.33 -0.74 -10.36
C ASP B 126 17.56 -0.61 -9.52
N ASP B 127 17.46 0.32 -8.60
CA ASP B 127 18.39 0.48 -7.48
C ASP B 127 18.47 -0.86 -6.75
N GLU B 128 19.67 -1.18 -6.34
CA GLU B 128 19.93 -2.36 -5.55
C GLU B 128 19.53 -2.10 -4.10
N VAL B 129 18.93 -3.12 -3.50
CA VAL B 129 18.42 -3.07 -2.12
C VAL B 129 18.97 -4.24 -1.33
N ILE B 130 19.27 -3.97 -0.06
CA ILE B 130 19.50 -5.07 0.89
C ILE B 130 18.17 -5.50 1.46
N THR B 131 17.92 -6.81 1.44
CA THR B 131 16.81 -7.46 2.13
C THR B 131 17.33 -8.54 3.07
N ILE B 132 17.11 -8.32 4.36
CA ILE B 132 17.39 -9.30 5.39
C ILE B 132 16.06 -9.85 5.87
N LYS B 133 15.96 -11.16 5.85
CA LYS B 133 14.71 -11.88 6.10
C LYS B 133 14.94 -13.19 6.80
N ASP B 134 14.16 -13.38 7.87
CA ASP B 134 14.17 -14.60 8.70
C ASP B 134 15.56 -14.96 9.17
N SER B 135 16.29 -13.90 9.45
CA SER B 135 17.65 -14.04 9.94
C SER B 135 17.89 -13.41 11.28
N PHE B 136 18.99 -13.85 11.85
CA PHE B 136 19.48 -13.42 13.14
C PHE B 136 20.94 -13.04 13.00
N LEU B 137 21.21 -11.77 13.16
CA LEU B 137 22.53 -11.20 12.96
C LEU B 137 23.00 -10.51 14.22
N ASN B 138 24.08 -11.05 14.78
CA ASN B 138 24.67 -10.62 16.05
C ASN B 138 26.07 -10.02 15.87
N LYS B 139 26.12 -8.72 16.08
CA LYS B 139 27.34 -7.94 15.93
C LYS B 139 28.04 -8.21 14.60
N THR B 140 27.19 -8.33 13.59
CA THR B 140 27.59 -8.57 12.18
C THR B 140 27.67 -7.28 11.36
N LEU B 141 28.68 -7.23 10.50
CA LEU B 141 28.88 -6.13 9.56
C LEU B 141 28.48 -6.61 8.18
N VAL B 142 27.47 -5.96 7.63
CA VAL B 142 27.08 -6.16 6.25
C VAL B 142 27.54 -4.99 5.42
N HIS B 143 28.27 -5.30 4.36
CA HIS B 143 28.84 -4.29 3.48
C HIS B 143 29.02 -4.74 2.03
N SER B 144 29.48 -3.82 1.21
CA SER B 144 29.56 -4.02 -0.26
C SER B 144 28.16 -4.24 -0.85
N ASN B 145 28.14 -5.03 -1.89
CA ASN B 145 26.90 -5.30 -2.63
C ASN B 145 26.88 -6.66 -3.28
N SER B 146 25.81 -6.92 -4.03
CA SER B 146 25.63 -8.24 -4.72
C SER B 146 26.59 -8.45 -5.87
N HIS B 147 27.23 -9.62 -5.81
CA HIS B 147 28.24 -10.01 -6.79
C HIS B 147 27.75 -11.22 -7.54
N ASP B 148 26.47 -11.46 -7.41
CA ASP B 148 25.80 -12.58 -8.07
C ASP B 148 24.97 -12.12 -9.28
N PRO B 149 25.24 -12.64 -10.47
CA PRO B 149 24.50 -12.16 -11.63
C PRO B 149 23.12 -12.72 -11.72
N GLU B 150 22.79 -13.47 -10.69
CA GLU B 150 21.45 -14.08 -10.57
C GLU B 150 20.55 -13.10 -9.86
N SER B 151 21.22 -12.22 -9.11
CA SER B 151 20.54 -11.28 -8.21
C SER B 151 21.29 -9.95 -8.14
N PRO B 152 21.35 -9.24 -9.27
CA PRO B 152 22.07 -7.97 -9.35
C PRO B 152 21.41 -6.81 -8.59
N GLU B 153 20.10 -6.88 -8.46
CA GLU B 153 19.33 -5.78 -7.85
C GLU B 153 18.95 -6.09 -6.42
N GLU B 154 19.44 -7.22 -5.94
CA GLU B 154 19.03 -7.64 -4.59
C GLU B 154 20.09 -8.40 -3.85
N PHE B 155 20.59 -7.72 -2.83
CA PHE B 155 21.56 -8.24 -1.88
C PHE B 155 20.78 -8.88 -0.72
N THR B 156 20.49 -10.16 -0.89
CA THR B 156 19.71 -10.89 0.08
C THR B 156 20.51 -11.70 1.08
N ILE B 157 20.06 -11.55 2.33
CA ILE B 157 20.47 -12.32 3.49
C ILE B 157 19.23 -12.91 4.13
N ARG B 158 19.02 -14.18 3.86
CA ARG B 158 17.81 -14.86 4.33
C ARG B 158 18.09 -16.21 4.92
N ASN B 159 17.30 -16.52 5.94
CA ASN B 159 17.44 -17.75 6.74
C ASN B 159 18.88 -17.96 7.15
N THR B 160 19.49 -16.86 7.59
CA THR B 160 20.89 -16.83 8.01
C THR B 160 21.05 -16.48 9.47
N VAL B 161 22.01 -17.14 10.10
CA VAL B 161 22.47 -16.77 11.44
C VAL B 161 23.97 -16.39 11.40
N ALA B 162 24.27 -15.20 11.93
CA ALA B 162 25.67 -14.67 12.01
C ALA B 162 26.04 -14.26 13.41
N PRO B 164 29.09 -12.91 16.41
CA PRO B 164 29.79 -11.65 16.62
C PRO B 164 31.04 -11.46 15.82
N TYR B 165 31.04 -10.31 15.17
CA TYR B 165 32.16 -9.71 14.46
C TYR B 165 32.44 -10.40 13.16
N ALA B 166 31.48 -11.21 12.77
CA ALA B 166 31.37 -11.70 11.39
C ALA B 166 31.28 -10.57 10.36
N ASN B 167 31.79 -10.85 9.18
CA ASN B 167 31.64 -10.01 7.99
C ASN B 167 30.86 -10.72 6.90
N ILE B 168 29.75 -10.11 6.49
CA ILE B 168 29.04 -10.55 5.27
C ILE B 168 29.33 -9.51 4.23
N HIS B 169 30.40 -9.75 3.47
CA HIS B 169 30.93 -8.71 2.61
C HIS B 169 30.71 -9.03 1.14
N GLY B 170 29.68 -8.42 0.58
CA GLY B 170 29.39 -8.56 -0.84
C GLY B 170 28.94 -9.95 -1.18
N SER B 171 28.38 -10.59 -0.14
CA SER B 171 27.97 -12.00 -0.18
C SER B 171 26.53 -12.26 0.13
N LEU B 172 25.84 -12.73 -0.89
CA LEU B 172 24.49 -13.24 -0.72
C LEU B 172 24.57 -14.47 0.15
N THR B 173 23.74 -14.51 1.19
CA THR B 173 23.62 -15.69 2.05
C THR B 173 22.20 -16.20 2.17
N GLU B 174 22.11 -17.50 2.24
CA GLU B 174 20.84 -18.17 2.33
C GLU B 174 20.92 -19.52 3.04
N GLY B 175 20.18 -19.64 4.12
CA GLY B 175 20.05 -20.90 4.84
C GLY B 175 21.37 -21.30 5.47
N SER B 176 22.07 -20.30 5.95
CA SER B 176 23.44 -20.46 6.43
C SER B 176 23.76 -19.86 7.77
N PHE B 177 24.90 -20.32 8.23
CA PHE B 177 25.48 -19.98 9.54
C PHE B 177 26.88 -19.40 9.35
N ILE B 178 27.07 -18.19 9.85
CA ILE B 178 28.37 -17.49 9.78
C ILE B 178 28.93 -17.26 11.18
N GLY B 179 30.03 -17.90 11.46
CA GLY B 179 30.62 -17.92 12.79
C GLY B 179 31.32 -16.66 13.20
N SER B 180 31.75 -16.65 14.44
CA SER B 180 32.34 -15.44 15.02
C SER B 180 33.65 -15.12 14.33
N PHE B 181 33.70 -13.90 13.82
CA PHE B 181 34.90 -13.36 13.19
C PHE B 181 35.17 -14.05 11.86
N ALA B 182 34.21 -14.82 11.42
CA ALA B 182 34.21 -15.38 10.05
C ALA B 182 33.98 -14.26 9.07
N THR B 183 34.49 -14.48 7.85
CA THR B 183 34.30 -13.54 6.73
C THR B 183 33.87 -14.28 5.49
N VAL B 184 32.75 -13.87 4.91
CA VAL B 184 32.36 -14.36 3.58
C VAL B 184 32.44 -13.20 2.59
N ASP B 185 33.34 -13.34 1.64
CA ASP B 185 33.72 -12.27 0.73
C ASP B 185 33.33 -12.61 -0.71
N LEU B 186 32.54 -11.72 -1.28
CA LEU B 186 32.20 -11.71 -2.71
C LEU B 186 31.60 -13.03 -3.19
N SER B 187 31.03 -13.76 -2.25
CA SER B 187 30.48 -15.10 -2.52
C SER B 187 29.01 -15.28 -2.14
N THR B 188 28.39 -16.19 -2.88
CA THR B 188 27.03 -16.65 -2.64
C THR B 188 27.02 -17.93 -1.82
N ILE B 189 26.52 -17.78 -0.58
CA ILE B 189 26.55 -18.83 0.44
C ILE B 189 25.18 -19.42 0.65
N HIS B 190 25.11 -20.72 0.44
CA HIS B 190 23.84 -21.42 0.38
C HIS B 190 23.86 -22.74 1.12
N ASN B 191 23.01 -22.83 2.13
CA ASN B 191 22.84 -24.04 2.97
C ASN B 191 24.18 -24.55 3.52
N SER B 192 25.01 -23.59 3.88
CA SER B 192 26.36 -23.85 4.40
C SER B 192 26.61 -23.33 5.80
N VAL B 193 27.60 -23.96 6.45
CA VAL B 193 28.12 -23.51 7.75
C VAL B 193 29.55 -23.07 7.57
N VAL B 194 29.82 -21.80 7.89
CA VAL B 194 31.19 -21.26 7.90
C VAL B 194 31.54 -20.92 9.32
N ARG B 195 32.48 -21.65 9.89
CA ARG B 195 32.78 -21.55 11.33
C ARG B 195 33.73 -20.43 11.70
N TYR B 196 34.03 -20.31 12.98
CA TYR B 196 34.69 -19.08 13.49
C TYR B 196 36.04 -18.83 12.87
N PHE B 197 36.24 -17.59 12.47
CA PHE B 197 37.52 -17.05 11.96
C PHE B 197 37.92 -17.71 10.65
N SER B 198 36.93 -18.25 9.99
CA SER B 198 37.13 -18.75 8.64
C SER B 198 36.85 -17.65 7.62
N TYR B 199 37.72 -17.58 6.62
CA TYR B 199 37.56 -16.63 5.50
C TYR B 199 37.27 -17.43 4.25
N VAL B 200 36.17 -17.04 3.58
CA VAL B 200 35.75 -17.68 2.33
C VAL B 200 35.50 -16.71 1.20
N GLN B 201 36.23 -16.93 0.13
CA GLN B 201 36.02 -16.29 -1.15
C GLN B 201 36.10 -17.27 -2.28
N THR B 202 34.97 -17.86 -2.62
CA THR B 202 34.97 -19.04 -3.50
C THR B 202 33.93 -18.97 -4.60
N GLY B 203 33.33 -17.79 -4.74
CA GLY B 203 32.32 -17.53 -5.78
C GLY B 203 30.96 -17.99 -5.33
N GLU B 204 30.92 -19.27 -5.01
CA GLU B 204 29.74 -19.87 -4.40
C GLU B 204 30.17 -20.95 -3.42
N LEU B 205 29.39 -21.10 -2.37
CA LEU B 205 29.64 -22.12 -1.35
C LEU B 205 28.34 -22.78 -0.97
N VAL B 206 28.09 -23.92 -1.58
CA VAL B 206 26.79 -24.58 -1.54
C VAL B 206 26.84 -25.89 -0.78
N GLY B 207 26.04 -25.97 0.28
CA GLY B 207 25.86 -27.21 1.02
C GLY B 207 27.14 -27.69 1.68
N LYS B 208 28.02 -26.74 1.94
CA LYS B 208 29.30 -27.03 2.62
C LYS B 208 29.39 -26.78 4.12
N CYS B 209 30.45 -27.33 4.66
CA CYS B 209 30.83 -27.08 6.05
C CYS B 209 32.31 -26.72 6.18
N VAL B 210 32.54 -25.46 6.46
CA VAL B 210 33.88 -24.95 6.64
C VAL B 210 34.18 -24.86 8.14
N GLU B 211 35.20 -25.58 8.55
CA GLU B 211 35.60 -25.69 9.97
C GLU B 211 36.33 -24.42 10.40
N PRO B 212 36.65 -24.29 11.69
CA PRO B 212 37.23 -23.01 12.09
C PRO B 212 38.61 -22.74 11.57
N GLY B 213 38.89 -21.46 11.42
CA GLY B 213 40.24 -21.01 11.14
C GLY B 213 40.79 -21.48 9.82
N GLN B 214 39.89 -21.62 8.87
CA GLN B 214 40.23 -21.90 7.46
C GLN B 214 40.15 -20.64 6.64
N ILE B 215 41.17 -20.48 5.79
CA ILE B 215 41.23 -19.41 4.79
C ILE B 215 41.22 -20.07 3.45
N TRP B 216 40.22 -19.73 2.65
CA TRP B 216 39.95 -20.40 1.38
C TRP B 216 39.55 -19.40 0.31
N ILE B 217 40.40 -19.30 -0.70
CA ILE B 217 40.12 -18.49 -1.88
C ILE B 217 40.05 -19.42 -3.04
N LYS B 218 39.02 -19.26 -3.86
CA LYS B 218 38.84 -20.13 -5.01
C LYS B 218 38.13 -19.45 -6.14
N SER B 219 38.79 -19.44 -7.27
CA SER B 219 38.31 -18.78 -8.47
C SER B 219 38.38 -19.70 -9.65
N GLY B 220 37.24 -20.00 -10.21
CA GLY B 220 37.17 -20.91 -11.33
C GLY B 220 37.77 -22.25 -10.98
N ASP B 221 38.54 -22.76 -11.93
CA ASP B 221 39.15 -24.10 -11.84
C ASP B 221 40.65 -24.02 -11.81
N GLU B 222 41.18 -22.82 -12.01
CA GLU B 222 42.61 -22.65 -12.19
C GLU B 222 43.22 -21.82 -11.07
N LEU B 223 42.44 -21.64 -10.02
CA LEU B 223 42.94 -20.92 -8.85
C LEU B 223 42.37 -21.35 -7.53
N GLU B 224 43.27 -21.61 -6.60
CA GLU B 224 42.87 -22.00 -5.27
C GLU B 224 43.96 -21.89 -4.22
N PHE B 225 43.59 -21.19 -3.16
CA PHE B 225 44.42 -21.01 -2.00
C PHE B 225 43.73 -21.52 -0.76
N HIS B 226 44.48 -22.30 0.00
CA HIS B 226 44.04 -22.76 1.31
C HIS B 226 45.10 -22.64 2.38
N TYR B 227 44.71 -22.01 3.48
CA TYR B 227 45.44 -22.08 4.75
C TYR B 227 44.49 -22.48 5.85
N SER B 228 45.09 -23.06 6.88
CA SER B 228 44.38 -23.62 8.04
C SER B 228 45.17 -23.35 9.33
N PHE B 229 44.52 -22.75 10.31
CA PHE B 229 45.16 -22.49 11.60
C PHE B 229 45.15 -23.76 12.41
N ASP B 230 46.26 -23.94 13.13
CA ASP B 230 46.30 -24.87 14.27
C ASP B 230 45.24 -24.45 15.27
N LYS B 231 44.39 -25.39 15.65
CA LYS B 231 43.24 -25.10 16.53
C LYS B 231 43.66 -24.74 17.96
N ALA B 232 44.78 -25.29 18.38
CA ALA B 232 45.22 -25.13 19.78
C ALA B 232 45.58 -23.68 19.96
N ILE B 233 46.03 -23.10 18.84
CA ILE B 233 46.54 -21.71 18.77
C ILE B 233 45.41 -20.70 18.55
N LEU B 234 44.64 -21.00 17.52
CA LEU B 234 43.52 -20.16 17.11
C LEU B 234 42.61 -19.86 18.27
N ASP B 235 42.30 -20.91 18.98
CA ASP B 235 41.30 -20.89 20.05
C ASP B 235 41.65 -19.89 21.15
N LYS B 236 42.91 -19.50 21.17
CA LYS B 236 43.41 -18.57 22.19
C LYS B 236 43.05 -17.15 21.78
N TYR B 237 42.75 -17.01 20.49
CA TYR B 237 42.49 -15.69 19.91
C TYR B 237 41.01 -15.52 19.71
N ILE B 238 40.39 -16.64 19.43
CA ILE B 238 38.95 -16.70 19.21
C ILE B 238 38.43 -18.12 19.16
N SER B 239 37.40 -18.34 19.97
CA SER B 239 36.58 -19.54 19.84
C SER B 239 35.18 -19.37 20.41
N GLN B 240 34.30 -20.17 19.84
CA GLN B 240 32.93 -20.23 20.32
C GLN B 240 32.38 -21.63 20.30
N GLU B 241 31.69 -21.90 21.39
CA GLU B 241 30.95 -23.12 21.60
C GLU B 241 29.47 -22.81 21.69
N ALA B 242 28.68 -23.78 21.28
CA ALA B 242 27.23 -23.65 21.30
C ALA B 242 26.75 -23.43 22.72
N GLY B 243 25.97 -22.37 22.88
CA GLY B 243 25.26 -22.11 24.13
C GLY B 243 25.97 -21.03 24.90
N SER B 244 27.18 -20.76 24.45
CA SER B 244 28.00 -19.73 25.05
C SER B 244 28.42 -18.75 24.00
N CYS B 245 28.84 -17.60 24.46
CA CYS B 245 29.34 -16.58 23.55
C CYS B 245 30.86 -16.72 23.32
N PRO B 246 31.36 -16.03 22.30
CA PRO B 246 32.78 -16.08 21.94
C PRO B 246 33.70 -15.60 23.03
N THR B 247 34.82 -16.29 23.11
CA THR B 247 35.93 -15.92 23.99
C THR B 247 37.23 -15.84 23.21
N GLY B 248 38.22 -15.23 23.84
CA GLY B 248 39.57 -15.11 23.27
C GLY B 248 40.11 -13.70 23.16
N VAL B 249 41.40 -13.63 22.91
CA VAL B 249 42.12 -12.36 22.85
C VAL B 249 41.41 -11.35 21.96
N LEU B 250 40.78 -11.83 20.90
CA LEU B 250 40.27 -10.95 19.82
C LEU B 250 38.99 -10.32 20.31
N GLU B 252 38.20 -9.98 23.66
CA GLU B 252 38.53 -9.09 24.78
C GLU B 252 39.03 -7.76 24.25
N PHE B 253 39.55 -7.80 23.03
CA PHE B 253 40.25 -6.64 22.48
C PHE B 253 39.21 -5.61 22.04
N VAL B 254 38.16 -6.11 21.42
CA VAL B 254 37.18 -5.26 20.76
C VAL B 254 36.23 -4.75 21.82
N GLU B 255 35.86 -5.69 22.69
CA GLU B 255 34.82 -5.44 23.71
C GLU B 255 35.32 -4.43 24.75
N VAL B 256 36.63 -4.40 24.93
CA VAL B 256 37.24 -3.52 25.94
C VAL B 256 37.23 -2.08 25.46
N ARG B 257 36.71 -1.92 24.26
CA ARG B 257 36.77 -0.62 23.55
C ARG B 257 35.41 -0.16 23.06
N GLN B 258 34.40 -1.00 23.17
CA GLN B 258 33.10 -0.72 22.54
C GLN B 258 32.50 0.43 23.32
N GLU B 259 33.12 0.66 24.46
CA GLU B 259 32.70 1.71 25.37
C GLU B 259 33.06 3.07 24.79
N ASP B 260 34.29 3.16 24.35
CA ASP B 260 34.81 4.42 23.83
C ASP B 260 33.99 4.85 22.64
N PHE B 261 33.27 3.88 22.08
CA PHE B 261 32.48 4.12 20.87
C PHE B 261 31.17 4.78 21.25
N GLU B 262 30.64 4.37 22.39
CA GLU B 262 29.35 4.86 22.87
C GLU B 262 29.46 6.36 23.12
N GLU B 263 30.63 6.79 23.57
CA GLU B 263 30.87 8.20 23.94
C GLU B 263 30.79 9.09 22.71
N VAL B 264 31.24 8.51 21.62
CA VAL B 264 31.54 9.23 20.37
C VAL B 264 30.26 9.28 19.56
N PHE B 265 29.27 8.55 20.07
CA PHE B 265 27.96 8.42 19.44
C PHE B 265 26.84 9.07 20.27
N SER B 276 40.95 18.96 8.95
CA SER B 276 41.89 20.02 9.33
C SER B 276 43.12 19.74 8.52
N ALA B 277 42.98 18.66 7.76
CA ALA B 277 43.99 18.21 6.80
C ALA B 277 43.38 18.16 5.41
N SER B 278 44.16 18.58 4.43
CA SER B 278 43.65 18.74 3.07
C SER B 278 43.20 17.42 2.45
N GLY B 279 41.94 17.40 2.05
CA GLY B 279 41.35 16.31 1.26
C GLY B 279 40.85 15.19 2.13
N ALA B 280 41.23 15.27 3.39
CA ALA B 280 40.91 14.23 4.39
C ALA B 280 39.47 14.26 4.84
N SER B 281 39.02 13.08 5.24
CA SER B 281 37.69 12.89 5.80
C SER B 281 37.65 11.89 6.94
N VAL B 282 37.30 12.41 8.11
CA VAL B 282 37.21 11.62 9.34
C VAL B 282 35.79 11.67 9.86
N SER B 283 35.20 10.49 9.97
CA SER B 283 33.82 10.38 10.48
C SER B 283 33.72 10.86 11.89
N GLY B 284 32.56 11.44 12.18
CA GLY B 284 32.22 11.89 13.52
C GLY B 284 31.91 10.67 14.35
N TYR B 285 31.72 9.56 13.66
CA TYR B 285 31.26 8.30 14.28
C TYR B 285 32.45 7.38 14.49
N ALA B 286 33.61 7.93 14.22
CA ALA B 286 34.88 7.23 14.43
C ALA B 286 35.49 7.70 15.73
N VAL B 287 36.29 6.83 16.34
CA VAL B 287 37.06 7.22 17.52
C VAL B 287 38.41 7.75 17.09
N ILE B 288 38.75 8.92 17.59
CA ILE B 288 40.10 9.48 17.35
C ILE B 288 40.71 9.82 18.69
N LYS B 289 41.87 9.24 18.95
CA LYS B 289 42.49 9.28 20.26
C LYS B 289 43.98 9.49 20.26
N GLY B 290 44.46 9.85 21.43
CA GLY B 290 45.88 10.16 21.65
C GLY B 290 46.49 11.11 20.63
N ASP B 291 47.74 10.81 20.29
CA ASP B 291 48.53 11.61 19.35
C ASP B 291 48.33 11.13 17.91
N THR B 292 47.06 11.05 17.51
CA THR B 292 46.68 10.74 16.13
C THR B 292 46.88 11.92 15.21
N VAL B 293 47.53 11.64 14.10
CA VAL B 293 47.77 12.61 13.01
C VAL B 293 47.16 12.11 11.72
N ILE B 294 46.18 12.87 11.23
CA ILE B 294 45.46 12.59 9.97
C ILE B 294 46.08 13.33 8.78
N GLY B 295 46.77 12.56 7.96
CA GLY B 295 47.39 13.10 6.75
C GLY B 295 46.37 13.56 5.74
N GLU B 296 46.88 14.08 4.63
CA GLU B 296 46.05 14.47 3.49
C GLU B 296 45.37 13.27 2.89
N ASN B 297 44.22 13.54 2.29
CA ASN B 297 43.48 12.59 1.47
C ASN B 297 43.11 11.31 2.21
N VAL B 298 43.28 11.35 3.53
CA VAL B 298 43.00 10.23 4.42
C VAL B 298 41.52 10.05 4.67
N LEU B 299 41.10 8.79 4.59
CA LEU B 299 39.67 8.42 4.82
C LEU B 299 39.50 7.56 6.03
N VAL B 300 38.91 8.13 7.06
CA VAL B 300 38.64 7.42 8.30
C VAL B 300 37.15 7.28 8.46
N SER B 301 36.71 6.06 8.32
CA SER B 301 35.28 5.77 8.33
C SER B 301 34.70 5.59 9.72
N GLN B 302 33.39 5.46 9.71
CA GLN B 302 32.66 5.22 10.94
C GLN B 302 33.06 3.89 11.53
N ARG B 303 33.19 3.89 12.85
CA ARG B 303 33.46 2.65 13.61
C ARG B 303 34.89 2.22 13.44
N ALA B 304 35.65 3.11 12.83
CA ALA B 304 37.12 3.01 12.84
C ALA B 304 37.58 3.53 14.18
N TYR B 305 38.65 2.93 14.67
CA TYR B 305 39.20 3.27 15.98
C TYR B 305 40.70 3.58 15.91
N LEU B 306 41.01 4.87 16.02
CA LEU B 306 42.40 5.34 15.97
C LEU B 306 42.85 5.84 17.33
N ASP B 307 44.00 5.35 17.73
CA ASP B 307 44.63 5.74 19.01
C ASP B 307 46.12 5.77 18.89
N ASN B 308 46.68 6.97 18.78
CA ASN B 308 48.11 7.14 18.56
C ASN B 308 48.48 6.64 17.19
N ALA B 309 47.57 6.90 16.26
CA ALA B 309 47.75 6.54 14.85
C ALA B 309 48.22 7.70 13.99
N TRP B 310 49.39 7.51 13.42
CA TRP B 310 49.91 8.43 12.43
C TRP B 310 49.48 7.91 11.07
N GLY B 312 49.34 8.34 7.37
CA GLY B 312 49.95 8.95 6.20
C GLY B 312 49.00 9.20 5.08
N LYS B 313 49.40 10.10 4.19
CA LYS B 313 48.56 10.47 3.07
C LYS B 313 48.01 9.25 2.34
N GLY B 314 46.71 9.31 2.12
CA GLY B 314 46.00 8.39 1.24
C GLY B 314 45.46 7.20 2.01
N SER B 315 45.98 7.01 3.20
CA SER B 315 45.59 5.88 4.07
C SER B 315 44.10 5.83 4.36
N ASN B 316 43.62 4.62 4.64
CA ASN B 316 42.19 4.39 4.80
C ASN B 316 41.82 3.40 5.87
N ALA B 317 41.30 3.92 6.97
CA ALA B 317 40.84 3.07 8.08
C ALA B 317 39.37 2.84 7.94
N GLN B 318 39.03 1.60 7.58
CA GLN B 318 37.62 1.19 7.32
C GLN B 318 36.83 0.85 8.58
N GLU B 319 35.56 0.58 8.39
CA GLU B 319 34.72 0.20 9.54
C GLU B 319 35.27 -1.01 10.23
N ASN B 320 35.33 -0.88 11.54
CA ASN B 320 35.61 -1.99 12.45
C ASN B 320 37.07 -2.32 12.56
N CYS B 321 37.89 -1.45 11.99
CA CYS B 321 39.32 -1.61 12.09
C CYS B 321 39.89 -0.76 13.21
N TYR B 322 41.06 -1.18 13.69
CA TYR B 322 41.76 -0.52 14.78
C TYR B 322 43.20 -0.24 14.43
N ILE B 323 43.62 0.98 14.65
CA ILE B 323 45.03 1.34 14.44
C ILE B 323 45.61 2.03 15.67
N ILE B 324 46.55 1.34 16.31
CA ILE B 324 47.01 1.70 17.63
C ILE B 324 48.50 1.70 17.79
N ASN B 325 48.99 2.84 18.21
CA ASN B 325 50.42 3.03 18.41
C ASN B 325 51.15 2.70 17.14
N SER B 326 50.51 3.06 16.04
CA SER B 326 51.07 2.73 14.75
C SER B 326 51.21 3.93 13.85
N ARG B 327 52.22 3.82 13.02
CA ARG B 327 52.45 4.74 11.93
C ARG B 327 52.26 3.99 10.62
N LEU B 328 51.42 4.57 9.78
CA LEU B 328 51.15 4.10 8.41
C LEU B 328 51.68 5.13 7.43
N GLU B 329 52.69 4.77 6.65
CA GLU B 329 53.38 5.77 5.82
C GLU B 329 52.55 6.41 4.71
N ARG B 330 51.59 5.70 4.15
CA ARG B 330 51.00 6.21 2.93
C ARG B 330 50.28 5.14 2.14
N ASN B 331 49.08 5.53 1.72
CA ASN B 331 48.24 4.72 0.84
C ASN B 331 47.87 3.35 1.42
N CYS B 332 47.97 3.27 2.75
CA CYS B 332 47.62 2.03 3.45
C CYS B 332 46.13 1.87 3.62
N VAL B 333 45.64 0.72 3.16
CA VAL B 333 44.23 0.34 3.35
C VAL B 333 44.16 -0.81 4.35
N THR B 334 43.33 -0.61 5.35
CA THR B 334 43.07 -1.61 6.39
C THR B 334 41.62 -1.99 6.32
N ALA B 335 41.41 -3.25 5.96
CA ALA B 335 40.07 -3.81 5.78
C ALA B 335 39.31 -4.01 7.07
N HIS B 336 38.02 -4.23 6.89
CA HIS B 336 37.09 -4.35 8.01
C HIS B 336 37.61 -5.43 8.94
N GLY B 337 37.73 -5.08 10.20
CA GLY B 337 38.16 -5.98 11.26
C GLY B 337 39.64 -5.91 11.53
N GLY B 338 40.34 -5.30 10.59
CA GLY B 338 41.82 -5.14 10.67
C GLY B 338 42.23 -4.42 11.92
N LYS B 339 43.17 -5.04 12.62
CA LYS B 339 43.75 -4.50 13.86
C LYS B 339 45.26 -4.45 13.82
N ILE B 340 45.77 -3.25 14.00
CA ILE B 340 47.20 -2.97 13.91
C ILE B 340 47.67 -2.29 15.20
N ILE B 341 48.67 -2.91 15.81
CA ILE B 341 49.18 -2.47 17.11
C ILE B 341 50.70 -2.40 17.14
N ASN B 342 51.20 -1.21 17.43
CA ASN B 342 52.61 -1.02 17.68
C ASN B 342 53.39 -1.44 16.47
N ALA B 343 52.90 -0.98 15.34
CA ALA B 343 53.47 -1.28 14.02
C ALA B 343 53.80 -0.06 13.21
N HIS B 344 54.77 -0.28 12.33
CA HIS B 344 55.16 0.70 11.33
C HIS B 344 55.03 0.10 9.95
N LEU B 345 54.08 0.66 9.22
CA LEU B 345 53.78 0.23 7.86
C LEU B 345 54.24 1.26 6.86
N GLY B 346 54.84 0.75 5.80
CA GLY B 346 55.30 1.57 4.71
C GLY B 346 54.20 2.01 3.78
N ASP B 347 54.56 2.02 2.52
CA ASP B 347 53.71 2.52 1.44
C ASP B 347 52.87 1.43 0.77
N ILE B 349 50.50 -0.75 2.05
CA ILE B 349 50.23 -2.04 2.67
C ILE B 349 48.72 -2.29 2.68
N PHE B 350 48.38 -3.53 2.38
CA PHE B 350 46.99 -3.98 2.34
C PHE B 350 46.80 -4.98 3.44
N THR B 351 46.10 -4.55 4.49
CA THR B 351 45.81 -5.42 5.65
C THR B 351 44.42 -6.00 5.53
N GLY B 352 44.39 -7.31 5.39
CA GLY B 352 43.16 -8.03 5.15
C GLY B 352 42.26 -8.13 6.35
N PHE B 353 41.01 -8.35 6.01
CA PHE B 353 39.90 -8.62 6.95
C PHE B 353 40.32 -9.33 8.23
N ASN B 354 39.88 -8.75 9.33
CA ASN B 354 39.95 -9.40 10.63
C ASN B 354 41.32 -9.84 11.02
N SER B 355 42.31 -9.20 10.42
CA SER B 355 43.73 -9.40 10.80
C SER B 355 44.04 -8.82 12.16
N PHE B 356 44.90 -9.53 12.87
CA PHE B 356 45.38 -9.08 14.17
C PHE B 356 46.89 -9.00 14.16
N LEU B 357 47.38 -7.81 13.91
CA LEU B 357 48.83 -7.55 13.80
C LEU B 357 49.33 -6.82 15.03
N GLN B 358 49.77 -7.59 16.00
CA GLN B 358 50.24 -7.05 17.28
C GLN B 358 51.74 -7.14 17.46
N GLY B 359 52.37 -5.98 17.52
CA GLY B 359 53.74 -5.87 18.00
C GLY B 359 53.61 -5.26 19.38
N SER B 360 54.74 -5.04 20.02
CA SER B 360 54.76 -4.25 21.25
C SER B 360 55.89 -3.24 21.21
N GLU B 361 56.24 -2.76 22.40
CA GLU B 361 57.27 -1.72 22.51
C GLU B 361 58.62 -2.41 22.52
N SER B 362 58.62 -3.62 23.06
CA SER B 362 59.84 -4.44 23.18
C SER B 362 59.99 -5.34 21.97
N SER B 363 58.88 -5.42 21.25
CA SER B 363 58.78 -6.25 20.02
C SER B 363 58.06 -5.49 18.91
N PRO B 364 58.70 -4.43 18.37
CA PRO B 364 58.05 -3.65 17.31
C PRO B 364 57.95 -4.38 15.97
N LEU B 365 56.90 -4.05 15.24
CA LEU B 365 56.60 -4.67 13.96
C LEU B 365 56.73 -3.71 12.80
N LYS B 366 57.47 -4.15 11.81
CA LYS B 366 57.68 -3.39 10.60
C LYS B 366 57.20 -4.16 9.40
N ILE B 367 56.47 -3.47 8.56
CA ILE B 367 55.99 -4.04 7.31
C ILE B 367 56.32 -3.13 6.13
N GLY B 368 57.23 -3.62 5.33
CA GLY B 368 57.73 -2.87 4.18
C GLY B 368 56.71 -2.56 3.12
N ASP B 369 57.09 -1.57 2.33
CA ASP B 369 56.28 -1.12 1.19
C ASP B 369 55.61 -2.27 0.44
N GLY B 370 54.34 -2.07 0.16
CA GLY B 370 53.61 -2.84 -0.86
C GLY B 370 53.18 -4.24 -0.47
N CYS B 371 53.49 -4.60 0.75
CA CYS B 371 53.11 -5.92 1.26
C CYS B 371 51.60 -6.13 1.22
N VAL B 372 51.24 -7.38 0.98
CA VAL B 372 49.86 -7.81 1.11
C VAL B 372 49.74 -8.80 2.24
N VAL B 373 49.01 -8.36 3.25
CA VAL B 373 48.65 -9.19 4.40
C VAL B 373 47.28 -9.78 4.15
N PRO B 375 43.77 -11.98 4.45
CA PRO B 375 42.73 -12.02 5.46
C PRO B 375 43.01 -12.96 6.60
N HIS B 376 42.67 -12.50 7.79
CA HIS B 376 42.66 -13.37 8.94
C HIS B 376 44.07 -13.77 9.35
N THR B 377 45.01 -12.92 8.95
CA THR B 377 46.42 -13.05 9.39
C THR B 377 46.57 -12.61 10.84
N ILE B 378 47.32 -13.40 11.60
CA ILE B 378 47.59 -13.15 13.04
C ILE B 378 49.09 -13.11 13.32
N ILE B 379 49.55 -11.91 13.63
CA ILE B 379 50.93 -11.66 14.05
C ILE B 379 50.93 -11.23 15.50
N ASP B 380 51.63 -12.01 16.30
CA ASP B 380 51.71 -11.76 17.75
C ASP B 380 53.16 -11.88 18.21
N LEU B 381 53.87 -10.77 18.13
CA LEU B 381 55.32 -10.79 18.25
C LEU B 381 55.82 -11.15 19.62
N GLU B 382 56.83 -12.01 19.63
CA GLU B 382 57.60 -12.37 20.83
C GLU B 382 58.94 -11.67 20.77
N GLU B 383 59.28 -11.27 19.56
CA GLU B 383 60.53 -10.61 19.26
C GLU B 383 60.34 -9.57 18.16
N PRO B 384 61.18 -8.54 18.12
CA PRO B 384 61.11 -7.61 16.99
C PRO B 384 61.10 -8.34 15.67
N LEU B 385 60.31 -7.81 14.76
CA LEU B 385 60.16 -8.40 13.42
C LEU B 385 59.91 -7.35 12.36
N GLU B 386 60.64 -7.51 11.29
CA GLU B 386 60.51 -6.66 10.12
C GLU B 386 60.23 -7.49 8.91
N ILE B 387 59.15 -7.15 8.24
CA ILE B 387 58.77 -7.80 7.00
C ILE B 387 59.26 -6.96 5.83
N PRO B 388 60.03 -7.55 4.92
CA PRO B 388 60.54 -6.80 3.79
C PRO B 388 59.48 -6.39 2.81
N ALA B 389 59.82 -5.40 2.00
CA ALA B 389 58.92 -4.89 0.96
C ALA B 389 58.55 -5.96 -0.03
N GLY B 390 57.34 -5.85 -0.55
CA GLY B 390 56.88 -6.71 -1.63
C GLY B 390 56.77 -8.17 -1.25
N HIS B 391 56.25 -8.40 -0.06
CA HIS B 391 55.94 -9.74 0.45
C HIS B 391 54.45 -9.99 0.70
N LEU B 392 54.10 -11.26 0.47
CA LEU B 392 52.79 -11.83 0.79
C LEU B 392 52.88 -12.56 2.10
N VAL B 393 52.00 -12.16 3.00
CA VAL B 393 51.94 -12.70 4.35
C VAL B 393 50.57 -13.31 4.68
N TRP B 394 50.64 -14.36 5.47
CA TRP B 394 49.46 -15.06 5.99
C TRP B 394 49.76 -15.79 7.30
N GLY B 395 48.72 -16.38 7.84
CA GLY B 395 48.80 -17.31 8.96
C GLY B 395 49.12 -16.70 10.30
N TYR B 396 49.96 -17.44 11.01
CA TYR B 396 50.36 -17.15 12.38
C TYR B 396 51.85 -16.90 12.50
N ILE B 397 52.19 -15.74 13.05
CA ILE B 397 53.61 -15.33 13.14
C ILE B 397 53.89 -14.64 14.46
N ARG B 398 54.84 -15.20 15.20
CA ARG B 398 55.37 -14.64 16.47
C ARG B 398 56.82 -14.20 16.35
N ASN B 399 57.54 -14.85 15.45
CA ASN B 399 58.97 -14.64 15.26
C ASN B 399 59.42 -14.75 13.82
N LYS B 400 60.73 -14.89 13.66
CA LYS B 400 61.39 -14.85 12.34
C LYS B 400 61.28 -16.22 11.67
N ALA B 401 61.38 -17.25 12.48
CA ALA B 401 61.25 -18.60 11.99
C ALA B 401 59.84 -18.72 11.41
N ASP B 402 58.87 -18.13 12.10
CA ASP B 402 57.45 -18.26 11.72
C ASP B 402 57.22 -17.48 10.46
N LEU B 403 57.94 -16.38 10.34
CA LEU B 403 57.72 -15.46 9.22
C LEU B 403 58.18 -16.15 7.96
N ALA B 404 59.17 -17.03 8.13
CA ALA B 404 59.83 -17.69 7.00
C ALA B 404 58.88 -18.73 6.44
N ALA B 405 58.10 -19.28 7.35
CA ALA B 405 57.20 -20.41 7.08
C ALA B 405 55.90 -19.91 6.54
N HIS B 406 55.69 -18.62 6.69
CA HIS B 406 54.36 -17.98 6.47
C HIS B 406 54.40 -16.71 5.63
N SER B 407 55.37 -16.65 4.75
CA SER B 407 55.46 -15.58 3.77
C SER B 407 56.31 -15.93 2.57
N ILE B 408 56.14 -15.10 1.57
CA ILE B 408 56.86 -15.22 0.29
C ILE B 408 56.93 -13.90 -0.47
N SER B 409 58.06 -13.66 -1.11
CA SER B 409 58.22 -12.45 -1.92
C SER B 409 57.38 -12.56 -3.18
N PHE B 410 56.85 -11.42 -3.59
CA PHE B 410 56.04 -11.31 -4.80
C PHE B 410 56.83 -11.89 -5.95
N GLU B 411 58.14 -11.73 -5.84
CA GLU B 411 59.05 -11.96 -6.97
C GLU B 411 59.20 -13.43 -7.21
N GLU B 412 59.21 -14.16 -6.12
CA GLU B 412 59.36 -15.59 -6.14
C GLU B 412 58.01 -16.20 -6.45
N PHE B 413 56.98 -15.60 -5.88
CA PHE B 413 55.64 -16.20 -5.98
C PHE B 413 55.08 -16.04 -7.38
N ALA B 414 55.50 -14.95 -8.01
CA ALA B 414 55.03 -14.62 -9.36
C ALA B 414 55.52 -15.69 -10.34
N LYS B 415 56.41 -16.55 -9.87
CA LYS B 415 57.06 -17.55 -10.74
C LYS B 415 56.23 -18.80 -10.80
N VAL B 416 55.31 -18.90 -9.86
CA VAL B 416 54.52 -20.10 -9.70
C VAL B 416 53.43 -20.24 -10.77
N ASP B 417 53.45 -21.39 -11.40
CA ASP B 417 52.36 -21.85 -12.26
C ASP B 417 52.15 -23.36 -12.09
N GLY B 418 51.31 -23.69 -11.13
CA GLY B 418 51.13 -25.07 -10.69
C GLY B 418 50.77 -25.12 -9.23
N GLU B 419 51.36 -26.05 -8.50
CA GLU B 419 51.07 -26.20 -7.08
C GLU B 419 52.26 -25.90 -6.23
N VAL B 420 51.94 -25.38 -5.06
CA VAL B 420 52.90 -25.13 -4.00
C VAL B 420 52.34 -25.47 -2.62
N THR B 421 53.23 -25.95 -1.78
CA THR B 421 52.92 -26.17 -0.38
C THR B 421 53.95 -25.51 0.49
N GLY B 423 54.03 -25.56 4.65
CA GLY B 423 53.37 -26.03 5.85
C GLY B 423 51.87 -26.20 5.62
N ARG B 424 51.09 -25.37 6.30
CA ARG B 424 49.63 -25.55 6.39
C ARG B 424 48.97 -24.83 5.22
N THR B 426 48.58 -24.11 1.18
CA THR B 426 48.55 -24.75 -0.13
C THR B 426 47.99 -23.83 -1.20
N PHE B 427 48.60 -23.90 -2.35
CA PHE B 427 48.23 -23.03 -3.48
C PHE B 427 48.28 -23.76 -4.78
N ARG B 428 47.28 -23.50 -5.60
CA ARG B 428 47.21 -24.04 -6.94
C ARG B 428 46.78 -22.97 -7.91
N GLY B 429 47.61 -22.74 -8.90
CA GLY B 429 47.33 -21.77 -9.95
C GLY B 429 48.55 -20.98 -10.34
N LYS B 430 48.30 -19.76 -10.81
CA LYS B 430 49.35 -18.86 -11.27
C LYS B 430 49.51 -17.74 -10.28
N GLY B 431 50.72 -17.63 -9.75
CA GLY B 431 50.99 -16.79 -8.59
C GLY B 431 50.88 -15.33 -8.95
N GLY B 432 51.22 -15.05 -10.18
CA GLY B 432 51.29 -13.67 -10.66
C GLY B 432 49.93 -13.01 -10.67
N PRO B 433 48.99 -13.65 -11.39
CA PRO B 433 47.63 -13.16 -11.42
C PRO B 433 47.00 -13.07 -10.04
N PHE B 434 47.37 -13.99 -9.18
CA PHE B 434 46.78 -14.07 -7.83
C PHE B 434 47.16 -12.82 -7.07
N LEU B 435 48.42 -12.45 -7.25
CA LEU B 435 48.99 -11.31 -6.51
C LEU B 435 48.37 -10.03 -7.00
N ASP B 436 48.10 -10.01 -8.30
CA ASP B 436 47.61 -8.82 -9.01
C ASP B 436 46.17 -8.58 -8.63
N SER B 437 45.55 -9.62 -8.12
CA SER B 437 44.12 -9.57 -7.79
C SER B 437 43.97 -8.77 -6.52
N PHE B 438 45.01 -8.84 -5.70
CA PHE B 438 45.08 -8.10 -4.44
C PHE B 438 45.45 -6.65 -4.72
N LYS B 439 46.41 -6.50 -5.60
CA LYS B 439 46.98 -5.20 -5.92
C LYS B 439 45.93 -4.33 -6.59
N LYS B 440 45.09 -5.01 -7.34
CA LYS B 440 44.05 -4.37 -8.16
C LYS B 440 42.97 -3.83 -7.22
N ARG B 441 42.84 -4.52 -6.11
CA ARG B 441 41.77 -4.26 -5.17
C ARG B 441 42.16 -3.06 -4.33
N ILE B 442 43.36 -3.09 -3.78
CA ILE B 442 43.82 -1.98 -2.92
C ILE B 442 43.84 -0.71 -3.76
N LYS B 443 44.31 -0.88 -4.97
CA LYS B 443 44.46 0.23 -5.90
C LYS B 443 43.11 0.86 -6.17
N ARG B 444 42.10 0.03 -6.36
CA ARG B 444 40.74 0.51 -6.73
C ARG B 444 40.07 1.17 -5.54
N ILE B 445 40.43 0.69 -4.36
CA ILE B 445 39.86 1.18 -3.11
C ILE B 445 40.40 2.57 -2.86
N LEU B 446 41.71 2.64 -2.92
CA LEU B 446 42.45 3.91 -2.80
C LEU B 446 41.86 4.98 -3.71
N SER B 447 41.58 4.53 -4.91
CA SER B 447 41.20 5.41 -5.99
C SER B 447 39.81 5.98 -5.73
N GLU B 448 38.91 5.06 -5.43
CA GLU B 448 37.51 5.42 -5.13
C GLU B 448 37.37 6.25 -3.87
N ASN B 449 38.35 6.09 -3.00
CA ASN B 449 38.41 6.75 -1.69
C ASN B 449 38.83 8.19 -1.87
N GLY B 450 39.31 8.47 -3.06
CA GLY B 450 39.88 9.77 -3.41
C GLY B 450 41.25 9.99 -2.79
N ALA B 451 42.06 8.95 -2.82
CA ALA B 451 43.40 8.99 -2.21
C ALA B 451 44.31 9.79 -3.10
N PHE B 452 43.87 9.94 -4.34
CA PHE B 452 44.69 10.53 -5.39
C PHE B 452 44.18 11.89 -5.79
N PHE B 453 43.50 12.51 -4.84
CA PHE B 453 42.96 13.86 -5.05
C PHE B 453 44.09 14.86 -5.29
N ASP B 454 44.07 15.45 -6.48
CA ASP B 454 45.13 16.39 -6.92
C ASP B 454 44.69 17.81 -6.60
N GLY B 455 43.42 17.95 -6.30
CA GLY B 455 42.82 19.25 -6.04
C GLY B 455 41.74 19.52 -7.06
N SER B 456 41.73 18.67 -8.06
CA SER B 456 40.72 18.72 -9.14
C SER B 456 40.22 17.32 -9.47
N GLU B 457 41.05 16.59 -10.20
CA GLU B 457 40.81 15.18 -10.59
C GLU B 457 41.19 14.19 -9.50
N GLY B 458 40.61 13.01 -9.61
CA GLY B 458 40.92 11.92 -8.67
C GLY B 458 40.04 12.08 -7.47
N THR B 459 39.03 12.90 -7.66
CA THR B 459 37.99 13.11 -6.65
C THR B 459 37.27 11.83 -6.30
N GLY B 460 37.12 11.62 -5.00
CA GLY B 460 36.49 10.41 -4.42
C GLY B 460 35.72 10.62 -3.15
N HIS B 461 35.57 9.54 -2.38
CA HIS B 461 34.67 9.56 -1.22
C HIS B 461 35.13 10.60 -0.22
N ALA B 462 36.44 10.69 -0.06
CA ALA B 462 36.99 11.49 1.06
C ALA B 462 36.66 12.96 0.82
N GLN B 463 36.15 13.22 -0.38
CA GLN B 463 35.86 14.59 -0.85
C GLN B 463 34.44 14.77 -1.40
N LYS B 464 33.76 13.65 -1.55
CA LYS B 464 32.40 13.57 -2.12
C LYS B 464 31.62 12.41 -1.52
N ASN B 467 26.84 12.20 3.26
CA ASN B 467 26.56 13.21 4.28
C ASN B 467 25.19 13.00 4.91
N PHE B 468 25.24 12.50 6.14
CA PHE B 468 24.03 12.08 6.87
C PHE B 468 24.16 12.11 8.38
N THR B 469 23.01 11.91 9.00
CA THR B 469 22.92 11.68 10.44
C THR B 469 22.28 10.32 10.70
N PHE B 470 22.62 9.76 11.85
CA PHE B 470 21.91 8.59 12.38
C PHE B 470 20.78 9.05 13.28
N ASN B 471 19.57 8.74 12.85
CA ASN B 471 18.34 8.99 13.60
C ASN B 471 17.92 7.74 14.36
N ILE B 472 17.38 7.96 15.55
CA ILE B 472 16.93 6.92 16.48
C ILE B 472 15.56 6.32 16.14
N ILE B 473 15.49 5.04 16.44
CA ILE B 473 14.23 4.33 16.57
C ILE B 473 14.23 3.53 17.87
N GLN B 474 13.06 3.49 18.49
CA GLN B 474 12.85 2.77 19.76
C GLN B 474 11.86 1.61 19.64
N PRO B 475 12.05 0.55 20.44
CA PRO B 475 11.10 -0.56 20.42
C PRO B 475 9.97 -0.39 21.40
N TYR B 476 9.02 -1.30 21.31
CA TYR B 476 7.99 -1.46 22.34
C TYR B 476 8.72 -1.77 23.65
N GLN B 477 8.25 -1.15 24.71
CA GLN B 477 8.91 -1.18 26.04
C GLN B 477 8.25 -2.15 27.00
N ASP B 478 7.04 -2.57 26.65
CA ASP B 478 6.33 -3.54 27.48
C ASP B 478 5.34 -4.42 26.74
N GLY B 479 4.88 -5.35 27.55
CA GLY B 479 3.97 -6.40 27.14
C GLY B 479 4.55 -7.41 26.19
N ASP B 480 3.61 -8.01 25.48
CA ASP B 480 3.88 -9.10 24.55
C ASP B 480 4.89 -8.65 23.49
N PRO B 481 4.70 -7.46 22.89
CA PRO B 481 5.56 -7.02 21.80
C PRO B 481 6.91 -6.45 22.23
N ARG B 482 7.17 -6.53 23.52
CA ARG B 482 8.37 -5.90 24.07
C ARG B 482 9.65 -6.34 23.39
N GLY B 483 10.40 -5.35 22.95
CA GLY B 483 11.72 -5.55 22.35
C GLY B 483 11.60 -5.58 20.85
N TYR B 485 10.18 -3.99 17.28
CA TYR B 485 9.95 -2.70 16.62
C TYR B 485 8.67 -2.82 15.79
N PRO B 486 7.86 -1.75 15.70
CA PRO B 486 6.70 -1.99 14.86
C PRO B 486 7.10 -1.90 13.41
N THR B 487 6.09 -1.91 12.56
CA THR B 487 6.32 -1.90 11.13
C THR B 487 6.45 -0.45 10.66
N ILE B 488 7.63 -0.19 10.17
CA ILE B 488 8.03 1.15 9.78
C ILE B 488 8.51 1.18 8.37
N LEU B 489 7.94 2.12 7.64
CA LEU B 489 8.34 2.43 6.26
C LEU B 489 8.75 3.88 6.17
N ILE B 490 10.00 4.09 5.82
CA ILE B 490 10.56 5.45 5.69
C ILE B 490 10.96 5.71 4.23
N GLN B 491 10.42 6.79 3.70
CA GLN B 491 10.76 7.21 2.36
C GLN B 491 10.80 8.71 2.17
N PRO B 492 11.26 9.14 1.00
CA PRO B 492 11.35 10.53 0.68
C PRO B 492 10.03 11.16 0.45
N ASN B 493 10.02 12.46 0.71
CA ASN B 493 8.90 13.32 0.39
C ASN B 493 8.90 13.64 -1.12
N ASN B 494 7.72 13.58 -1.71
CA ASN B 494 7.52 13.87 -3.16
C ASN B 494 7.73 15.34 -3.48
N GLY C 19 11.51 1.24 -32.08
CA GLY C 19 11.10 1.09 -30.65
C GLY C 19 10.17 -0.07 -30.42
N THR C 21 7.46 -2.33 -28.21
CA THR C 21 6.29 -2.22 -27.34
C THR C 21 6.57 -2.89 -26.01
N GLN C 22 5.72 -2.59 -25.05
CA GLN C 22 5.96 -2.98 -23.66
C GLN C 22 5.99 -4.48 -23.52
N LEU C 23 5.11 -5.12 -24.28
CA LEU C 23 5.00 -6.57 -24.22
C LEU C 23 6.28 -7.17 -24.82
N GLU C 24 6.77 -6.52 -25.87
CA GLU C 24 7.95 -7.01 -26.62
C GLU C 24 9.16 -6.94 -25.71
N LEU C 25 9.15 -5.89 -24.93
CA LEU C 25 10.28 -5.52 -24.08
C LEU C 25 10.30 -6.45 -22.88
N LEU C 26 9.09 -6.81 -22.48
CA LEU C 26 8.87 -7.69 -21.35
C LEU C 26 9.42 -9.07 -21.65
N LEU C 27 9.05 -9.56 -22.84
CA LEU C 27 9.49 -10.88 -23.31
C LEU C 27 11.00 -10.93 -23.33
N GLU C 28 11.61 -9.80 -23.72
CA GLU C 28 13.08 -9.73 -23.88
C GLU C 28 13.75 -9.76 -22.52
N ARG C 29 13.12 -9.09 -21.59
CA ARG C 29 13.61 -9.02 -20.21
C ARG C 29 13.57 -10.42 -19.57
N ILE C 30 12.51 -11.15 -19.88
CA ILE C 30 12.34 -12.50 -19.34
C ILE C 30 13.46 -13.36 -19.92
N ILE C 31 13.69 -13.13 -21.20
CA ILE C 31 14.58 -13.98 -22.00
C ILE C 31 15.96 -13.87 -21.44
N ASP C 32 16.27 -12.64 -21.06
CA ASP C 32 17.62 -12.27 -20.64
C ASP C 32 17.91 -12.90 -19.29
N ARG C 33 16.91 -12.83 -18.42
CA ARG C 33 17.13 -13.28 -17.05
C ARG C 33 17.33 -14.76 -17.02
N VAL C 34 16.54 -15.43 -17.85
CA VAL C 34 16.48 -16.88 -17.82
C VAL C 34 17.76 -17.39 -18.45
N ASN C 35 18.27 -16.57 -19.37
CA ASN C 35 19.47 -16.91 -20.12
C ASN C 35 20.69 -16.79 -19.23
N VAL C 36 20.57 -15.96 -18.21
CA VAL C 36 21.69 -15.75 -17.28
C VAL C 36 21.73 -16.95 -16.36
N ASN C 37 20.55 -17.48 -16.11
CA ASN C 37 20.38 -18.58 -15.16
C ASN C 37 20.91 -19.85 -15.76
N LEU C 38 20.75 -19.93 -17.07
CA LEU C 38 20.98 -21.16 -17.82
C LEU C 38 22.32 -21.10 -18.53
N ARG C 39 23.13 -20.16 -18.05
CA ARG C 39 24.34 -19.76 -18.79
C ARG C 39 25.42 -20.84 -18.82
N HIS C 40 25.32 -21.77 -17.89
CA HIS C 40 26.33 -22.83 -17.78
C HIS C 40 25.92 -24.01 -18.65
N GLN C 41 24.90 -23.77 -19.45
CA GLN C 41 24.40 -24.80 -20.38
C GLN C 41 24.35 -24.20 -21.76
N LYS C 42 24.68 -22.92 -21.77
CA LYS C 42 24.81 -22.17 -22.99
C LYS C 42 23.51 -22.32 -23.76
N PHE C 43 22.47 -22.60 -23.01
CA PHE C 43 21.07 -22.67 -23.54
C PHE C 43 20.40 -21.30 -23.66
N ASP C 44 19.96 -21.02 -24.88
CA ASP C 44 19.27 -19.78 -25.24
C ASP C 44 17.79 -20.05 -25.44
N VAL C 45 16.99 -19.39 -24.61
CA VAL C 45 15.54 -19.62 -24.53
C VAL C 45 14.84 -18.66 -25.46
N GLY C 46 15.65 -17.81 -26.04
CA GLY C 46 15.17 -16.67 -26.84
C GLY C 46 14.15 -17.00 -27.93
N ASP C 47 14.44 -18.04 -28.69
CA ASP C 47 13.74 -18.28 -29.95
C ASP C 47 12.52 -19.15 -29.69
N TYR C 48 12.38 -19.53 -28.43
CA TYR C 48 11.23 -20.33 -27.99
C TYR C 48 10.16 -19.39 -27.43
N VAL C 49 10.56 -18.15 -27.23
CA VAL C 49 9.73 -17.18 -26.50
C VAL C 49 9.22 -16.07 -27.38
N ARG C 50 10.23 -15.48 -27.98
CA ARG C 50 10.14 -14.35 -28.89
C ARG C 50 9.29 -14.65 -30.13
N ARG C 51 8.57 -13.62 -30.56
CA ARG C 51 7.73 -13.73 -31.77
C ARG C 51 7.40 -12.42 -32.48
N GLN C 52 6.64 -12.62 -33.55
CA GLN C 52 6.14 -11.53 -34.41
C GLN C 52 5.04 -10.74 -33.71
N THR C 53 5.29 -9.44 -33.62
CA THR C 53 4.36 -8.48 -33.04
C THR C 53 3.40 -9.13 -32.03
N PRO C 54 3.91 -9.52 -30.86
CA PRO C 54 3.07 -10.26 -29.91
C PRO C 54 1.99 -9.36 -29.32
N HIS C 55 2.26 -8.07 -29.36
CA HIS C 55 1.33 -7.08 -28.80
C HIS C 55 0.03 -7.09 -29.59
N LEU C 56 0.17 -7.45 -30.86
CA LEU C 56 -0.97 -7.44 -31.80
C LEU C 56 -1.77 -8.70 -31.58
N HIS C 57 -1.04 -9.74 -31.21
CA HIS C 57 -1.62 -11.08 -31.09
C HIS C 57 -2.33 -11.23 -29.74
N TYR C 58 -1.63 -10.76 -28.72
CA TYR C 58 -2.00 -11.03 -27.32
C TYR C 58 -3.22 -10.25 -26.90
N SER C 59 -3.48 -9.17 -27.63
CA SER C 59 -4.50 -8.19 -27.26
C SER C 59 -5.85 -8.68 -27.74
N LYS C 60 -5.79 -9.81 -28.42
CA LYS C 60 -6.94 -10.38 -29.12
C LYS C 60 -7.68 -11.25 -28.13
N PHE C 61 -7.04 -11.41 -26.99
CA PHE C 61 -7.50 -12.35 -25.95
C PHE C 61 -7.95 -11.72 -24.65
N TYR C 62 -8.76 -12.52 -23.97
CA TYR C 62 -9.18 -12.25 -22.59
C TYR C 62 -8.44 -13.17 -21.65
N ALA C 63 -8.37 -12.77 -20.39
CA ALA C 63 -7.99 -13.65 -19.30
C ALA C 63 -9.15 -13.83 -18.32
N PHE C 64 -9.00 -14.83 -17.47
CA PHE C 64 -10.05 -15.21 -16.53
C PHE C 64 -9.51 -15.58 -15.18
N TYR C 65 -10.18 -15.06 -14.16
CA TYR C 65 -9.88 -15.39 -12.77
C TYR C 65 -11.09 -15.94 -12.05
N GLY C 66 -10.81 -16.90 -11.16
CA GLY C 66 -11.86 -17.52 -10.35
C GLY C 66 -12.33 -16.70 -9.15
N LEU C 67 -13.63 -16.51 -9.08
CA LEU C 67 -14.25 -15.83 -7.92
C LEU C 67 -15.23 -16.73 -7.18
N SER C 68 -14.94 -16.87 -5.90
CA SER C 68 -15.75 -17.70 -5.01
C SER C 68 -16.18 -16.94 -3.78
N ALA C 69 -17.45 -17.14 -3.44
CA ALA C 69 -18.04 -16.54 -2.25
C ALA C 69 -17.47 -17.29 -1.07
N ASP C 70 -16.98 -18.49 -1.36
CA ASP C 70 -16.59 -19.46 -0.33
C ASP C 70 -15.10 -19.39 0.03
N ASP C 71 -14.28 -19.27 -1.00
CA ASP C 71 -12.81 -19.12 -0.82
C ASP C 71 -12.35 -17.68 -1.01
N PRO C 72 -11.79 -17.07 0.04
CA PRO C 72 -11.30 -15.70 -0.06
C PRO C 72 -10.38 -15.46 -1.24
N VAL C 73 -10.84 -14.58 -2.11
CA VAL C 73 -10.12 -14.21 -3.35
C VAL C 73 -8.84 -13.49 -3.06
N HIS C 74 -7.79 -13.93 -3.74
CA HIS C 74 -6.53 -13.19 -3.82
C HIS C 74 -5.87 -13.34 -5.18
N PHE C 75 -5.71 -12.20 -5.84
CA PHE C 75 -4.96 -12.09 -7.10
C PHE C 75 -4.16 -10.79 -7.12
N HIS C 76 -2.94 -10.88 -7.59
CA HIS C 76 -2.07 -9.70 -7.82
C HIS C 76 -1.33 -9.85 -9.13
N PHE C 77 -1.76 -9.04 -10.08
CA PHE C 77 -1.25 -9.08 -11.42
C PHE C 77 -0.51 -7.81 -11.70
N LYS C 78 0.80 -7.91 -11.76
CA LYS C 78 1.62 -6.73 -11.90
C LYS C 78 2.57 -6.86 -13.06
N ASN C 79 2.44 -5.91 -13.98
CA ASN C 79 3.39 -5.74 -15.08
C ASN C 79 3.47 -6.95 -15.96
N SER C 80 2.33 -7.59 -16.08
CA SER C 80 2.21 -8.82 -16.83
C SER C 80 1.19 -8.80 -17.93
N SER C 81 1.32 -9.84 -18.73
CA SER C 81 0.33 -10.24 -19.72
C SER C 81 -0.18 -11.63 -19.39
N LEU C 82 -1.49 -11.78 -19.51
CA LEU C 82 -2.20 -12.99 -19.10
C LEU C 82 -3.02 -13.59 -20.25
N ALA C 83 -2.74 -13.16 -21.46
CA ALA C 83 -3.56 -13.54 -22.63
C ALA C 83 -4.01 -15.00 -22.67
N GLY C 84 -5.32 -15.16 -22.52
CA GLY C 84 -6.00 -16.43 -22.77
C GLY C 84 -5.89 -17.40 -21.63
N SER C 85 -5.31 -16.92 -20.54
CA SER C 85 -5.12 -17.76 -19.35
C SER C 85 -6.27 -17.75 -18.38
N TYR C 86 -6.20 -18.76 -17.54
CA TYR C 86 -7.20 -19.02 -16.49
C TYR C 86 -6.50 -19.19 -15.18
N LEU C 87 -6.90 -18.40 -14.20
CA LEU C 87 -6.26 -18.45 -12.88
C LEU C 87 -7.22 -18.70 -11.72
N LEU C 88 -6.82 -19.64 -10.89
CA LEU C 88 -7.61 -20.08 -9.75
C LEU C 88 -6.78 -20.17 -8.50
N GLY C 89 -7.33 -19.69 -7.41
CA GLY C 89 -6.66 -19.74 -6.11
C GLY C 89 -5.77 -18.55 -5.92
N ARG C 90 -4.95 -18.59 -4.87
CA ARG C 90 -4.13 -17.42 -4.51
C ARG C 90 -2.89 -17.33 -5.35
N VAL C 91 -2.96 -16.42 -6.33
CA VAL C 91 -1.96 -16.26 -7.38
C VAL C 91 -1.47 -14.83 -7.53
N ASN C 92 -0.14 -14.71 -7.54
CA ASN C 92 0.59 -13.48 -7.90
C ASN C 92 1.30 -13.69 -9.22
N VAL C 93 1.04 -12.82 -10.18
CA VAL C 93 1.78 -12.80 -11.44
C VAL C 93 2.51 -11.49 -11.58
N LEU C 94 3.84 -11.60 -11.66
CA LEU C 94 4.74 -10.47 -11.63
C LEU C 94 5.74 -10.51 -12.77
N HIS C 95 5.65 -9.50 -13.63
CA HIS C 95 6.58 -9.30 -14.75
C HIS C 95 6.69 -10.53 -15.58
N SER C 96 5.55 -11.16 -15.75
CA SER C 96 5.46 -12.35 -16.58
C SER C 96 4.46 -12.26 -17.73
N ALA C 97 4.60 -13.25 -18.57
CA ALA C 97 3.73 -13.44 -19.73
C ALA C 97 3.21 -14.85 -19.66
N LEU C 98 1.92 -14.96 -19.40
CA LEU C 98 1.25 -16.27 -19.43
C LEU C 98 0.24 -16.31 -20.58
N TYR C 99 0.60 -17.14 -21.54
CA TYR C 99 -0.18 -17.35 -22.75
C TYR C 99 -0.94 -18.66 -22.67
N LYS C 100 -2.26 -18.51 -22.66
CA LYS C 100 -3.19 -19.63 -22.70
C LYS C 100 -2.79 -20.71 -21.74
N SER C 101 -2.25 -20.27 -20.61
CA SER C 101 -1.91 -21.19 -19.51
C SER C 101 -2.99 -21.30 -18.47
N ASP C 102 -2.83 -22.33 -17.66
CA ASP C 102 -3.73 -22.59 -16.53
C ASP C 102 -2.99 -22.68 -15.23
N ILE C 103 -3.32 -21.75 -14.36
CA ILE C 103 -2.71 -21.67 -13.03
C ILE C 103 -3.73 -22.07 -11.99
N ARG C 104 -3.56 -23.28 -11.52
CA ARG C 104 -4.53 -23.92 -10.64
C ARG C 104 -4.11 -24.12 -9.21
N GLY C 105 -4.56 -23.16 -8.41
CA GLY C 105 -4.19 -23.05 -7.02
C GLY C 105 -5.19 -23.72 -6.11
N ASP C 106 -5.99 -24.59 -6.69
CA ASP C 106 -7.06 -25.30 -5.94
C ASP C 106 -6.51 -26.28 -4.88
N GLU C 107 -5.21 -26.56 -4.93
CA GLU C 107 -4.60 -27.56 -4.00
C GLU C 107 -3.60 -26.97 -3.03
N LEU C 108 -3.45 -25.65 -3.07
CA LEU C 108 -2.52 -24.94 -2.21
C LEU C 108 -2.87 -25.20 -0.75
N LYS C 109 -1.87 -25.17 0.11
CA LYS C 109 -2.14 -25.38 1.54
C LYS C 109 -2.52 -24.13 2.25
N ARG C 110 -3.11 -24.37 3.40
CA ARG C 110 -3.66 -23.28 4.19
C ARG C 110 -2.93 -23.14 5.51
N LYS C 111 -2.97 -21.91 6.00
CA LYS C 111 -2.39 -21.58 7.29
C LYS C 111 -2.91 -22.61 8.27
N GLY C 112 -1.98 -23.04 9.12
CA GLY C 112 -2.32 -23.94 10.21
C GLY C 112 -2.37 -25.39 9.77
N GLN C 113 -2.28 -25.61 8.46
CA GLN C 113 -2.03 -26.98 8.02
C GLN C 113 -0.58 -27.26 8.32
N HIS C 114 -0.20 -28.49 8.01
CA HIS C 114 1.14 -28.98 8.37
C HIS C 114 1.76 -29.77 7.22
N PHE C 115 2.87 -29.24 6.71
CA PHE C 115 3.74 -29.94 5.74
C PHE C 115 4.65 -30.92 6.48
N VAL C 116 4.54 -32.15 6.02
CA VAL C 116 5.29 -33.29 6.57
C VAL C 116 6.41 -33.66 5.59
N LYS C 120 9.71 -34.34 10.23
CA LYS C 120 8.74 -33.84 11.22
C LYS C 120 7.61 -33.05 10.57
N ILE C 122 6.47 -28.80 9.95
CA ILE C 122 6.44 -27.37 9.98
C ILE C 122 4.96 -27.00 9.75
N PRO C 123 4.41 -26.13 10.62
CA PRO C 123 3.08 -25.63 10.37
C PRO C 123 3.26 -24.52 9.39
N LEU C 124 2.29 -24.37 8.51
CA LEU C 124 2.25 -23.20 7.68
C LEU C 124 1.84 -22.06 8.60
N HIS C 125 2.49 -20.91 8.42
CA HIS C 125 2.16 -19.77 9.21
C HIS C 125 1.14 -18.97 8.48
N ASP C 126 1.21 -19.09 7.17
CA ASP C 126 0.28 -18.43 6.28
C ASP C 126 -0.20 -19.40 5.25
N ASP C 127 -1.26 -18.98 4.59
CA ASP C 127 -1.74 -19.66 3.40
C ASP C 127 -0.61 -19.70 2.38
N GLU C 128 -0.51 -20.85 1.74
CA GLU C 128 0.38 -21.02 0.60
C GLU C 128 -0.16 -20.22 -0.56
N VAL C 129 0.77 -19.66 -1.32
CA VAL C 129 0.46 -18.82 -2.48
C VAL C 129 1.34 -19.20 -3.65
N ILE C 130 0.80 -19.10 -4.85
CA ILE C 130 1.57 -19.19 -6.10
C ILE C 130 2.11 -17.81 -6.44
N THR C 131 3.40 -17.75 -6.71
CA THR C 131 4.05 -16.54 -7.25
C THR C 131 4.80 -16.88 -8.52
N ILE C 132 4.36 -16.28 -9.62
CA ILE C 132 5.01 -16.41 -10.91
C ILE C 132 5.71 -15.11 -11.24
N LYS C 133 6.99 -15.21 -11.50
CA LYS C 133 7.81 -14.03 -11.66
C LYS C 133 8.84 -14.16 -12.78
N ASP C 134 8.90 -13.15 -13.64
CA ASP C 134 9.94 -13.07 -14.68
C ASP C 134 9.91 -14.33 -15.53
N SER C 135 8.71 -14.86 -15.69
CA SER C 135 8.49 -16.08 -16.43
C SER C 135 7.60 -15.95 -17.64
N PHE C 136 7.75 -16.96 -18.47
CA PHE C 136 6.97 -17.12 -19.69
C PHE C 136 6.38 -18.50 -19.71
N LEU C 137 5.06 -18.56 -19.64
CA LEU C 137 4.36 -19.84 -19.62
C LEU C 137 3.42 -19.91 -20.80
N ASN C 138 3.74 -20.84 -21.69
CA ASN C 138 2.94 -21.12 -22.90
C ASN C 138 2.13 -22.42 -22.78
N LYS C 139 0.81 -22.26 -22.79
CA LYS C 139 -0.09 -23.39 -22.75
C LYS C 139 0.39 -24.43 -21.75
N THR C 140 0.85 -23.88 -20.63
CA THR C 140 1.31 -24.66 -19.47
C THR C 140 0.27 -24.78 -18.39
N LEU C 141 0.26 -25.96 -17.79
CA LEU C 141 -0.57 -26.25 -16.61
C LEU C 141 0.28 -26.24 -15.36
N VAL C 142 -0.18 -25.46 -14.40
CA VAL C 142 0.42 -25.37 -13.07
C VAL C 142 -0.59 -25.89 -12.04
N HIS C 143 -0.17 -26.90 -11.30
CA HIS C 143 -1.05 -27.57 -10.32
C HIS C 143 -0.29 -28.15 -9.16
N SER C 144 -1.05 -28.82 -8.30
CA SER C 144 -0.57 -29.28 -6.99
C SER C 144 0.03 -28.11 -6.23
N ASN C 145 1.02 -28.41 -5.42
CA ASN C 145 1.60 -27.39 -4.52
C ASN C 145 3.07 -27.64 -4.19
N SER C 146 3.57 -26.82 -3.26
CA SER C 146 4.99 -26.86 -2.89
C SER C 146 5.29 -28.09 -2.09
N HIS C 147 6.31 -28.79 -2.55
CA HIS C 147 6.80 -29.99 -1.87
C HIS C 147 8.20 -29.76 -1.37
N ASP C 148 8.54 -28.48 -1.30
CA ASP C 148 9.86 -28.06 -0.83
C ASP C 148 9.80 -27.57 0.62
N PRO C 149 10.53 -28.21 1.55
CA PRO C 149 10.41 -27.75 2.93
C PRO C 149 11.16 -26.45 3.20
N GLU C 150 11.70 -25.92 2.12
CA GLU C 150 12.49 -24.70 2.14
C GLU C 150 11.56 -23.56 1.82
N SER C 151 10.44 -23.93 1.22
CA SER C 151 9.43 -23.00 0.70
C SER C 151 8.01 -23.59 0.80
N PRO C 152 7.55 -23.90 2.02
CA PRO C 152 6.28 -24.57 2.20
C PRO C 152 5.06 -23.66 1.93
N GLU C 153 5.27 -22.35 2.11
CA GLU C 153 4.20 -21.34 2.03
C GLU C 153 4.14 -20.70 0.67
N GLU C 154 5.14 -21.01 -0.13
CA GLU C 154 5.27 -20.36 -1.42
C GLU C 154 5.64 -21.29 -2.55
N PHE C 155 4.73 -21.36 -3.50
CA PHE C 155 4.89 -22.19 -4.69
C PHE C 155 5.39 -21.25 -5.78
N THR C 156 6.72 -21.22 -5.91
CA THR C 156 7.42 -20.25 -6.77
CA THR C 156 7.40 -20.24 -6.78
C THR C 156 7.83 -20.80 -8.10
N ILE C 157 7.51 -20.01 -9.12
CA ILE C 157 7.91 -20.24 -10.50
C ILE C 157 8.50 -18.97 -11.04
N ARG C 158 9.81 -18.86 -10.96
CA ARG C 158 10.51 -17.65 -11.40
C ARG C 158 11.65 -17.95 -12.33
N ASN C 159 11.88 -16.98 -13.20
CA ASN C 159 12.88 -17.05 -14.26
C ASN C 159 12.74 -18.34 -15.04
N THR C 160 11.51 -18.62 -15.42
CA THR C 160 11.14 -19.87 -16.07
C THR C 160 10.43 -19.67 -17.39
N VAL C 161 10.81 -20.53 -18.33
CA VAL C 161 10.20 -20.64 -19.64
C VAL C 161 9.60 -22.05 -19.80
N ALA C 162 8.33 -22.06 -20.19
CA ALA C 162 7.54 -23.28 -20.28
C ALA C 162 6.73 -23.37 -21.57
N PRO C 164 4.37 -25.51 -24.69
CA PRO C 164 3.01 -26.02 -24.70
C PRO C 164 2.78 -27.43 -24.20
N TYR C 165 1.82 -27.48 -23.29
CA TYR C 165 1.22 -28.71 -22.78
C TYR C 165 2.12 -29.37 -21.76
N ALA C 166 3.06 -28.54 -21.30
CA ALA C 166 3.95 -28.84 -20.13
C ALA C 166 3.17 -28.90 -18.83
N ASN C 167 3.71 -29.69 -17.91
CA ASN C 167 3.18 -29.78 -16.56
C ASN C 167 4.18 -29.30 -15.54
N ILE C 168 3.86 -28.20 -14.88
CA ILE C 168 4.58 -27.82 -13.67
C ILE C 168 3.72 -28.26 -12.51
N HIS C 169 4.00 -29.46 -12.04
CA HIS C 169 3.13 -30.14 -11.08
C HIS C 169 3.74 -30.34 -9.71
N GLY C 170 3.45 -29.40 -8.83
CA GLY C 170 3.88 -29.49 -7.42
C GLY C 170 5.37 -29.35 -7.37
N SER C 171 5.85 -28.63 -8.37
CA SER C 171 7.29 -28.38 -8.56
C SER C 171 7.66 -26.91 -8.63
N LEU C 172 8.43 -26.47 -7.64
CA LEU C 172 9.15 -25.18 -7.71
C LEU C 172 10.09 -25.16 -8.87
N THR C 173 10.07 -24.07 -9.60
CA THR C 173 11.00 -23.89 -10.73
C THR C 173 11.67 -22.53 -10.66
N GLU C 174 12.97 -22.54 -10.93
CA GLU C 174 13.73 -21.30 -10.99
C GLU C 174 14.93 -21.33 -11.95
N GLY C 175 14.86 -20.45 -12.92
CA GLY C 175 15.96 -20.23 -13.87
C GLY C 175 16.03 -21.39 -14.80
N SER C 176 14.86 -21.90 -15.14
CA SER C 176 14.74 -23.12 -15.92
C SER C 176 13.85 -23.05 -17.12
N PHE C 177 14.03 -24.11 -17.91
CA PHE C 177 13.35 -24.33 -19.19
C PHE C 177 12.64 -25.68 -19.16
N ILE C 178 11.33 -25.62 -19.42
CA ILE C 178 10.46 -26.79 -19.39
C ILE C 178 9.84 -26.90 -20.77
N GLY C 179 10.21 -27.97 -21.46
CA GLY C 179 9.81 -28.22 -22.85
C GLY C 179 8.42 -28.74 -23.07
N SER C 180 8.03 -28.71 -24.33
CA SER C 180 6.70 -29.16 -24.75
C SER C 180 6.40 -30.58 -24.27
N PHE C 181 5.27 -30.69 -23.58
CA PHE C 181 4.74 -31.96 -23.04
C PHE C 181 5.69 -32.59 -22.03
N ALA C 182 6.65 -31.79 -21.60
CA ALA C 182 7.52 -32.15 -20.46
C ALA C 182 6.73 -32.07 -19.17
N THR C 183 7.21 -32.81 -18.17
CA THR C 183 6.55 -32.85 -16.86
C THR C 183 7.53 -32.85 -15.71
N VAL C 184 7.37 -31.87 -14.84
CA VAL C 184 8.18 -31.80 -13.60
C VAL C 184 7.29 -31.96 -12.38
N ASP C 185 7.59 -33.00 -11.63
CA ASP C 185 6.68 -33.58 -10.65
C ASP C 185 7.33 -33.66 -9.30
N LEU C 186 6.68 -33.01 -8.34
CA LEU C 186 7.06 -33.07 -6.94
C LEU C 186 8.55 -32.77 -6.77
N SER C 187 9.06 -32.02 -7.73
CA SER C 187 10.47 -31.60 -7.73
C SER C 187 10.73 -30.10 -7.79
N THR C 188 11.85 -29.77 -7.17
CA THR C 188 12.46 -28.43 -7.24
C THR C 188 13.48 -28.40 -8.39
N ILE C 189 13.17 -27.57 -9.37
CA ILE C 189 13.95 -27.43 -10.60
C ILE C 189 14.70 -26.10 -10.58
N HIS C 190 16.00 -26.18 -10.64
CA HIS C 190 16.87 -24.99 -10.52
C HIS C 190 17.94 -24.98 -11.57
N ASN C 191 17.93 -23.94 -12.39
CA ASN C 191 18.94 -23.73 -13.42
C ASN C 191 19.16 -24.96 -14.28
N SER C 192 18.04 -25.50 -14.72
CA SER C 192 17.99 -26.71 -15.52
C SER C 192 17.12 -26.60 -16.77
N VAL C 193 17.44 -27.46 -17.72
CA VAL C 193 16.68 -27.63 -18.96
C VAL C 193 16.05 -29.01 -18.96
N VAL C 194 14.73 -29.04 -19.09
CA VAL C 194 13.98 -30.29 -19.21
C VAL C 194 13.20 -30.22 -20.52
N ARG C 195 13.64 -31.02 -21.46
CA ARG C 195 13.21 -30.92 -22.86
C ARG C 195 12.03 -31.81 -23.21
N TYR C 196 11.57 -31.65 -24.43
CA TYR C 196 10.23 -32.14 -24.78
C TYR C 196 9.98 -33.59 -24.38
N PHE C 197 8.81 -33.77 -23.80
CA PHE C 197 8.22 -35.06 -23.45
C PHE C 197 9.02 -35.84 -22.42
N SER C 198 9.89 -35.12 -21.73
CA SER C 198 10.64 -35.65 -20.58
C SER C 198 9.86 -35.53 -19.28
N TYR C 199 9.95 -36.57 -18.49
CA TYR C 199 9.35 -36.61 -17.17
C TYR C 199 10.43 -36.67 -16.12
N VAL C 200 10.37 -35.74 -15.18
CA VAL C 200 11.31 -35.70 -14.08
C VAL C 200 10.61 -35.63 -12.74
N GLN C 201 10.92 -36.61 -11.92
CA GLN C 201 10.58 -36.61 -10.51
C GLN C 201 11.77 -37.10 -9.68
N THR C 202 12.59 -36.14 -9.27
CA THR C 202 13.89 -36.42 -8.70
C THR C 202 14.13 -35.73 -7.36
N GLY C 203 13.09 -35.05 -6.89
CA GLY C 203 13.11 -34.28 -5.65
C GLY C 203 13.70 -32.91 -5.93
N GLU C 204 14.88 -32.95 -6.50
CA GLU C 204 15.54 -31.75 -7.02
C GLU C 204 16.25 -32.05 -8.31
N LEU C 205 16.47 -30.97 -9.03
CA LEU C 205 17.18 -31.00 -10.32
C LEU C 205 17.94 -29.70 -10.55
N VAL C 206 19.21 -29.74 -10.16
CA VAL C 206 20.05 -28.56 -10.12
C VAL C 206 21.16 -28.59 -11.17
N GLY C 207 21.12 -27.61 -12.06
CA GLY C 207 22.18 -27.39 -13.05
C GLY C 207 22.29 -28.50 -14.06
N LYS C 208 21.19 -29.21 -14.22
CA LYS C 208 21.09 -30.30 -15.20
C LYS C 208 20.42 -29.96 -16.50
N CYS C 209 20.61 -30.90 -17.39
CA CYS C 209 20.07 -30.86 -18.75
C CYS C 209 19.53 -32.20 -19.18
N VAL C 210 18.22 -32.31 -19.16
CA VAL C 210 17.54 -33.53 -19.50
C VAL C 210 17.12 -33.38 -20.94
N GLU C 211 17.58 -34.32 -21.74
CA GLU C 211 17.35 -34.34 -23.17
C GLU C 211 15.91 -34.80 -23.43
N PRO C 212 15.46 -34.77 -24.69
CA PRO C 212 14.08 -35.15 -24.90
C PRO C 212 13.78 -36.62 -24.66
N GLY C 213 12.58 -36.86 -24.17
CA GLY C 213 12.01 -38.20 -24.12
C GLY C 213 12.60 -39.05 -23.02
N GLN C 214 13.10 -38.38 -21.99
CA GLN C 214 13.62 -39.07 -20.80
C GLN C 214 12.55 -39.15 -19.73
N ILE C 215 12.44 -40.34 -19.14
CA ILE C 215 11.59 -40.57 -17.98
C ILE C 215 12.47 -40.95 -16.81
N TRP C 216 12.53 -40.06 -15.83
CA TRP C 216 13.52 -40.15 -14.75
C TRP C 216 12.93 -39.93 -13.37
N ILE C 217 12.94 -41.00 -12.60
CA ILE C 217 12.49 -40.98 -11.20
C ILE C 217 13.66 -41.31 -10.28
N LYS C 218 13.65 -40.67 -9.14
CA LYS C 218 14.75 -40.79 -8.19
C LYS C 218 14.40 -40.32 -6.79
N SER C 219 14.52 -41.26 -5.85
CA SER C 219 14.23 -41.04 -4.43
C SER C 219 15.34 -41.50 -3.54
N GLY C 220 16.03 -40.52 -2.98
CA GLY C 220 17.18 -40.78 -2.13
C GLY C 220 18.29 -41.42 -2.92
N ASP C 221 18.82 -42.50 -2.37
CA ASP C 221 19.97 -43.18 -2.95
C ASP C 221 19.61 -44.58 -3.40
N GLU C 222 18.52 -45.07 -2.83
CA GLU C 222 18.20 -46.49 -2.92
C GLU C 222 17.09 -46.72 -3.93
N LEU C 223 16.83 -45.68 -4.71
CA LEU C 223 15.79 -45.77 -5.75
C LEU C 223 16.04 -44.88 -6.97
N GLU C 224 15.93 -45.50 -8.13
CA GLU C 224 16.14 -44.80 -9.41
C GLU C 224 15.67 -45.56 -10.63
N PHE C 225 14.78 -44.90 -11.35
CA PHE C 225 14.21 -45.42 -12.59
C PHE C 225 14.49 -44.47 -13.74
N HIS C 226 14.97 -45.04 -14.82
CA HIS C 226 15.22 -44.29 -16.04
C HIS C 226 14.79 -45.03 -17.29
N TYR C 227 14.07 -44.30 -18.12
CA TYR C 227 13.77 -44.74 -19.48
C TYR C 227 14.05 -43.64 -20.48
N SER C 228 14.22 -44.09 -21.71
CA SER C 228 14.57 -43.21 -22.81
C SER C 228 13.85 -43.64 -24.08
N PHE C 229 13.20 -42.66 -24.69
CA PHE C 229 12.56 -42.90 -26.00
C PHE C 229 13.57 -42.83 -27.14
N ASP C 230 13.49 -43.80 -28.02
CA ASP C 230 14.17 -43.75 -29.33
C ASP C 230 13.74 -42.45 -29.97
N LYS C 231 14.70 -41.55 -30.18
CA LYS C 231 14.40 -40.23 -30.71
C LYS C 231 13.45 -40.32 -31.88
N ALA C 232 13.91 -41.06 -32.87
CA ALA C 232 13.26 -41.18 -34.18
C ALA C 232 11.78 -41.46 -34.04
N ILE C 233 11.44 -42.27 -33.05
CA ILE C 233 10.06 -42.71 -32.82
C ILE C 233 9.29 -41.58 -32.17
N LEU C 234 9.93 -41.05 -31.14
CA LEU C 234 9.38 -39.97 -30.31
C LEU C 234 8.89 -38.82 -31.15
N ASP C 235 9.80 -38.35 -31.99
CA ASP C 235 9.59 -37.12 -32.75
C ASP C 235 8.30 -37.15 -33.55
N LYS C 236 7.78 -38.36 -33.76
CA LYS C 236 6.60 -38.55 -34.63
C LYS C 236 5.37 -38.23 -33.84
N TYR C 237 5.55 -38.23 -32.53
CA TYR C 237 4.46 -38.08 -31.61
C TYR C 237 4.56 -36.68 -30.96
N ILE C 238 5.78 -36.17 -30.94
CA ILE C 238 6.06 -34.81 -30.41
C ILE C 238 7.53 -34.43 -30.52
N SER C 239 7.76 -33.31 -31.18
CA SER C 239 9.04 -32.62 -31.14
C SER C 239 8.89 -31.12 -31.25
N GLN C 240 9.99 -30.45 -30.95
CA GLN C 240 10.09 -29.01 -31.12
C GLN C 240 11.50 -28.55 -31.36
N GLU C 241 11.60 -27.66 -32.32
CA GLU C 241 12.84 -27.00 -32.66
C GLU C 241 12.72 -25.54 -32.29
N ALA C 242 13.83 -24.96 -31.86
CA ALA C 242 13.89 -23.54 -31.55
C ALA C 242 13.50 -22.73 -32.77
N GLY C 243 12.55 -21.82 -32.53
CA GLY C 243 12.13 -20.82 -33.51
C GLY C 243 10.83 -21.24 -34.13
N SER C 244 10.52 -22.51 -33.89
CA SER C 244 9.30 -23.13 -34.41
C SER C 244 8.51 -23.69 -33.23
N CYS C 245 7.22 -23.87 -33.43
CA CYS C 245 6.40 -24.49 -32.40
C CYS C 245 6.28 -26.00 -32.61
N PRO C 246 5.75 -26.69 -31.60
CA PRO C 246 5.69 -28.14 -31.53
C PRO C 246 4.85 -28.79 -32.60
N THR C 247 5.36 -29.92 -33.06
CA THR C 247 4.71 -30.71 -34.08
C THR C 247 4.59 -32.14 -33.60
N GLY C 248 3.64 -32.84 -34.19
CA GLY C 248 3.43 -34.26 -33.89
C GLY C 248 2.00 -34.70 -33.65
N VAL C 249 1.87 -36.01 -33.58
CA VAL C 249 0.57 -36.63 -33.33
C VAL C 249 -0.10 -36.06 -32.09
N LEU C 250 0.73 -35.77 -31.09
CA LEU C 250 0.24 -35.43 -29.75
C LEU C 250 -0.35 -34.05 -29.81
N GLU C 252 -1.30 -32.29 -32.66
CA GLU C 252 -2.45 -32.25 -33.57
C GLU C 252 -3.68 -32.77 -32.85
N PHE C 253 -3.43 -33.64 -31.89
CA PHE C 253 -4.51 -34.39 -31.23
C PHE C 253 -5.25 -33.51 -30.26
N VAL C 254 -4.49 -32.64 -29.61
CA VAL C 254 -5.01 -31.75 -28.59
C VAL C 254 -5.59 -30.53 -29.27
N GLU C 255 -4.87 -30.09 -30.30
CA GLU C 255 -5.15 -28.80 -30.94
C GLU C 255 -6.48 -28.85 -31.69
N VAL C 256 -6.82 -30.05 -32.12
CA VAL C 256 -7.94 -30.25 -33.05
C VAL C 256 -9.22 -30.26 -32.26
N ARG C 257 -9.03 -30.20 -30.95
CA ARG C 257 -10.13 -30.39 -30.02
C ARG C 257 -10.32 -29.17 -29.14
N GLN C 258 -9.43 -28.20 -29.30
CA GLN C 258 -9.40 -27.02 -28.44
C GLN C 258 -10.64 -26.21 -28.72
N GLU C 259 -11.22 -26.51 -29.87
CA GLU C 259 -12.36 -25.73 -30.38
C GLU C 259 -13.56 -26.11 -29.54
N ASP C 260 -13.60 -27.36 -29.14
CA ASP C 260 -14.77 -27.97 -28.49
C ASP C 260 -14.83 -27.48 -27.07
N PHE C 261 -13.72 -26.91 -26.67
CA PHE C 261 -13.55 -26.40 -25.32
C PHE C 261 -14.05 -24.97 -25.28
N GLU C 262 -13.85 -24.31 -26.41
CA GLU C 262 -14.14 -22.88 -26.53
C GLU C 262 -15.64 -22.76 -26.50
N GLU C 263 -16.27 -23.89 -26.79
CA GLU C 263 -17.74 -23.96 -26.95
C GLU C 263 -18.40 -24.10 -25.59
N VAL C 264 -17.77 -24.94 -24.76
CA VAL C 264 -18.34 -25.31 -23.45
C VAL C 264 -18.08 -24.21 -22.44
N PHE C 265 -17.31 -23.20 -22.82
CA PHE C 265 -17.07 -22.12 -21.88
C PHE C 265 -18.37 -21.36 -21.68
N ALA C 266 -18.93 -20.94 -22.80
CA ALA C 266 -20.22 -20.23 -22.83
C ALA C 266 -21.22 -20.59 -21.69
N SER C 267 -21.78 -21.80 -21.75
CA SER C 267 -22.85 -22.21 -20.82
C SER C 267 -22.28 -22.95 -19.60
N GLY C 268 -20.99 -22.75 -19.41
CA GLY C 268 -20.21 -23.47 -18.39
C GLY C 268 -20.64 -23.29 -16.94
N HIS C 269 -20.86 -22.05 -16.55
CA HIS C 269 -21.25 -21.69 -15.16
C HIS C 269 -22.78 -21.62 -15.03
N SER C 276 -26.74 -36.47 -12.03
CA SER C 276 -27.80 -37.33 -12.55
C SER C 276 -27.43 -38.73 -12.12
N ALA C 277 -26.24 -38.79 -11.54
CA ALA C 277 -25.67 -40.01 -10.95
C ALA C 277 -25.12 -39.73 -9.56
N SER C 278 -25.38 -40.65 -8.67
CA SER C 278 -25.06 -40.49 -7.23
C SER C 278 -23.57 -40.39 -6.90
N GLY C 279 -23.26 -39.29 -6.22
CA GLY C 279 -21.94 -39.04 -5.63
C GLY C 279 -20.98 -38.45 -6.63
N ALA C 280 -21.45 -38.44 -7.87
CA ALA C 280 -20.66 -37.99 -9.03
C ALA C 280 -20.64 -36.48 -9.20
N SER C 281 -19.58 -36.02 -9.84
CA SER C 281 -19.39 -34.60 -10.20
C SER C 281 -18.70 -34.40 -11.54
N VAL C 282 -19.38 -33.65 -12.41
CA VAL C 282 -18.90 -33.36 -13.77
C VAL C 282 -18.89 -31.87 -14.07
N SER C 283 -17.68 -31.33 -14.14
CA SER C 283 -17.46 -29.91 -14.47
C SER C 283 -18.22 -29.47 -15.70
N GLY C 284 -18.60 -28.21 -15.68
CA GLY C 284 -19.33 -27.58 -16.77
C GLY C 284 -18.33 -27.11 -17.78
N TYR C 285 -17.08 -27.22 -17.36
CA TYR C 285 -15.93 -26.69 -18.10
C TYR C 285 -15.23 -27.89 -18.74
N ALA C 286 -15.92 -29.01 -18.60
CA ALA C 286 -15.55 -30.27 -19.24
C ALA C 286 -16.39 -30.52 -20.49
N VAL C 287 -15.77 -31.20 -21.45
CA VAL C 287 -16.46 -31.62 -22.67
C VAL C 287 -17.03 -33.01 -22.49
N ILE C 288 -18.34 -33.11 -22.60
CA ILE C 288 -19.04 -34.38 -22.44
C ILE C 288 -19.75 -34.68 -23.72
N LYS C 289 -19.28 -35.73 -24.38
CA LYS C 289 -19.63 -35.99 -25.77
C LYS C 289 -20.03 -37.44 -26.05
N GLY C 290 -20.94 -37.57 -26.99
CA GLY C 290 -21.44 -38.84 -27.45
C GLY C 290 -22.20 -39.62 -26.40
N ASP C 291 -21.92 -40.91 -26.38
CA ASP C 291 -22.63 -41.88 -25.54
C ASP C 291 -21.87 -42.09 -24.26
N THR C 292 -21.48 -40.97 -23.67
CA THR C 292 -20.79 -40.96 -22.37
C THR C 292 -21.74 -41.28 -21.24
N VAL C 293 -21.29 -42.23 -20.43
CA VAL C 293 -21.99 -42.67 -19.23
C VAL C 293 -21.17 -42.39 -17.99
N ILE C 294 -21.75 -41.58 -17.12
CA ILE C 294 -21.11 -41.19 -15.87
C ILE C 294 -21.64 -41.99 -14.70
N GLY C 295 -20.76 -42.78 -14.13
CA GLY C 295 -21.06 -43.61 -12.97
C GLY C 295 -21.09 -42.87 -11.65
N GLU C 296 -21.36 -43.65 -10.62
CA GLU C 296 -21.36 -43.16 -9.23
C GLU C 296 -19.97 -42.84 -8.75
N ASN C 297 -19.92 -41.74 -8.03
CA ASN C 297 -18.74 -41.30 -7.33
C ASN C 297 -17.66 -40.90 -8.31
N VAL C 298 -18.07 -40.66 -9.54
CA VAL C 298 -17.16 -40.23 -10.63
C VAL C 298 -16.84 -38.74 -10.55
N LEU C 299 -15.57 -38.42 -10.73
CA LEU C 299 -15.12 -37.02 -10.75
C LEU C 299 -14.50 -36.68 -12.09
N VAL C 300 -15.23 -35.85 -12.83
CA VAL C 300 -14.75 -35.31 -14.10
C VAL C 300 -14.47 -33.84 -13.91
N SER C 301 -13.19 -33.50 -14.04
CA SER C 301 -12.71 -32.13 -13.80
C SER C 301 -12.78 -31.25 -15.01
N GLN C 302 -12.42 -29.99 -14.77
CA GLN C 302 -12.38 -28.99 -15.84
C GLN C 302 -11.23 -29.34 -16.79
N ARG C 303 -11.52 -29.12 -18.07
CA ARG C 303 -10.60 -29.40 -19.19
C ARG C 303 -10.44 -30.89 -19.43
N ALA C 304 -11.26 -31.67 -18.75
CA ALA C 304 -11.37 -33.10 -19.06
C ALA C 304 -12.26 -33.27 -20.30
N TYR C 305 -11.81 -34.15 -21.18
CA TYR C 305 -12.47 -34.37 -22.48
C TYR C 305 -12.96 -35.80 -22.63
N LEU C 306 -14.27 -35.94 -22.53
CA LEU C 306 -14.91 -37.25 -22.64
C LEU C 306 -15.72 -37.33 -23.91
N ASP C 307 -15.48 -38.41 -24.64
CA ASP C 307 -16.25 -38.74 -25.85
C ASP C 307 -16.48 -40.24 -26.00
N ASN C 308 -17.73 -40.62 -25.85
CA ASN C 308 -18.13 -42.03 -25.88
C ASN C 308 -17.36 -42.76 -24.80
N ALA C 309 -17.20 -42.05 -23.70
CA ALA C 309 -16.52 -42.58 -22.52
C ALA C 309 -17.49 -43.14 -21.50
N TRP C 310 -17.28 -44.41 -21.20
CA TRP C 310 -18.01 -45.10 -20.13
C TRP C 310 -17.18 -45.06 -18.85
N GLY C 312 -16.75 -45.80 -15.21
CA GLY C 312 -17.11 -46.65 -14.07
C GLY C 312 -16.96 -45.97 -12.71
N LYS C 313 -17.74 -46.49 -11.78
CA LYS C 313 -17.81 -46.01 -10.40
C LYS C 313 -16.43 -45.65 -9.85
N GLY C 314 -16.31 -44.41 -9.41
CA GLY C 314 -15.16 -43.95 -8.65
C GLY C 314 -14.01 -43.54 -9.54
N SER C 315 -14.25 -43.58 -10.85
CA SER C 315 -13.25 -43.10 -11.81
C SER C 315 -13.11 -41.61 -11.77
N ASN C 316 -12.00 -41.21 -12.34
CA ASN C 316 -11.51 -39.83 -12.22
C ASN C 316 -10.76 -39.36 -13.46
N ALA C 317 -11.42 -38.47 -14.17
CA ALA C 317 -10.86 -37.78 -15.31
C ALA C 317 -10.37 -36.43 -14.85
N GLN C 318 -9.05 -36.27 -14.86
CA GLN C 318 -8.44 -35.02 -14.45
C GLN C 318 -8.35 -34.05 -15.59
N GLU C 319 -7.86 -32.89 -15.20
CA GLU C 319 -7.67 -31.77 -16.09
C GLU C 319 -6.70 -32.20 -17.16
N ASN C 320 -7.06 -31.85 -18.38
CA ASN C 320 -6.21 -31.96 -19.57
C ASN C 320 -6.09 -33.37 -20.11
N CYS C 321 -6.90 -34.26 -19.54
CA CYS C 321 -6.95 -35.65 -19.99
C CYS C 321 -8.12 -35.90 -20.91
N TYR C 322 -7.92 -36.90 -21.77
CA TYR C 322 -8.89 -37.32 -22.80
C TYR C 322 -9.24 -38.80 -22.69
N ILE C 323 -10.54 -39.06 -22.73
CA ILE C 323 -11.07 -40.44 -22.74
C ILE C 323 -12.08 -40.62 -23.85
N ILE C 324 -11.67 -41.43 -24.82
CA ILE C 324 -12.40 -41.56 -26.07
C ILE C 324 -12.71 -43.01 -26.41
N ASN C 325 -13.96 -43.21 -26.79
CA ASN C 325 -14.42 -44.51 -27.25
C ASN C 325 -13.96 -45.60 -26.30
N SER C 326 -13.69 -45.17 -25.07
CA SER C 326 -13.17 -46.11 -24.06
C SER C 326 -14.09 -46.35 -22.89
N ARG C 327 -13.89 -47.53 -22.30
CA ARG C 327 -14.60 -47.93 -21.09
C ARG C 327 -13.62 -48.10 -19.94
N LEU C 328 -13.91 -47.41 -18.85
CA LEU C 328 -13.15 -47.53 -17.62
C LEU C 328 -14.03 -48.20 -16.58
N GLU C 329 -13.63 -49.38 -16.14
CA GLU C 329 -14.51 -50.20 -15.29
C GLU C 329 -14.79 -49.52 -13.96
N ARG C 330 -13.73 -49.07 -13.32
CA ARG C 330 -13.84 -48.67 -11.93
C ARG C 330 -12.55 -48.17 -11.30
N ASN C 331 -12.70 -47.04 -10.63
CA ASN C 331 -11.65 -46.49 -9.78
C ASN C 331 -10.40 -46.16 -10.58
N CYS C 332 -10.62 -45.92 -11.86
CA CYS C 332 -9.53 -45.55 -12.80
C CYS C 332 -9.23 -44.07 -12.81
N VAL C 333 -8.00 -43.78 -12.43
CA VAL C 333 -7.48 -42.40 -12.40
C VAL C 333 -6.57 -42.14 -13.57
N THR C 334 -6.91 -41.07 -14.27
CA THR C 334 -6.14 -40.58 -15.42
C THR C 334 -5.51 -39.22 -15.11
N ALA C 335 -4.19 -39.26 -14.92
CA ALA C 335 -3.40 -38.05 -14.64
C ALA C 335 -3.37 -37.08 -15.82
N HIS C 336 -2.94 -35.87 -15.48
CA HIS C 336 -2.95 -34.72 -16.39
C HIS C 336 -2.26 -35.05 -17.69
N GLY C 337 -3.00 -34.84 -18.77
CA GLY C 337 -2.47 -35.02 -20.13
C GLY C 337 -2.68 -36.43 -20.65
N GLY C 338 -3.15 -37.27 -19.74
CA GLY C 338 -3.46 -38.67 -20.06
C GLY C 338 -4.55 -38.79 -21.10
N LYS C 339 -4.21 -39.57 -22.14
CA LYS C 339 -5.11 -39.84 -23.29
C LYS C 339 -5.37 -41.33 -23.52
N ILE C 340 -6.65 -41.66 -23.64
CA ILE C 340 -7.08 -43.04 -23.76
C ILE C 340 -8.11 -43.20 -24.86
N ILE C 341 -7.74 -44.03 -25.83
CA ILE C 341 -8.55 -44.23 -27.03
C ILE C 341 -8.82 -45.70 -27.34
N ASN C 342 -10.11 -45.98 -27.49
CA ASN C 342 -10.54 -47.28 -27.96
C ASN C 342 -9.92 -48.36 -27.09
N ALA C 343 -9.86 -48.01 -25.82
CA ALA C 343 -9.37 -48.89 -24.74
C ALA C 343 -10.42 -49.24 -23.69
N HIS C 344 -10.29 -50.47 -23.22
CA HIS C 344 -11.07 -51.00 -22.09
C HIS C 344 -10.11 -51.26 -20.93
N LEU C 345 -10.33 -50.49 -19.88
CA LEU C 345 -9.55 -50.57 -18.66
C LEU C 345 -10.37 -51.17 -17.53
N GLY C 346 -9.71 -52.01 -16.77
CA GLY C 346 -10.31 -52.65 -15.60
C GLY C 346 -10.38 -51.80 -14.34
N ASP C 347 -10.23 -52.48 -13.22
CA ASP C 347 -10.34 -51.88 -11.88
C ASP C 347 -9.04 -51.31 -11.35
N ILE C 349 -6.91 -48.88 -12.71
CA ILE C 349 -5.79 -48.56 -13.58
C ILE C 349 -5.41 -47.11 -13.34
N PHE C 350 -4.11 -46.93 -13.24
CA PHE C 350 -3.46 -45.62 -13.05
C PHE C 350 -2.70 -45.25 -14.33
N THR C 351 -3.29 -44.35 -15.10
CA THR C 351 -2.71 -43.86 -16.35
C THR C 351 -1.94 -42.59 -16.03
N GLY C 352 -0.63 -42.69 -16.21
CA GLY C 352 0.30 -41.61 -15.88
C GLY C 352 0.23 -40.39 -16.76
N PHE C 353 0.87 -39.34 -16.25
CA PHE C 353 1.00 -38.05 -16.97
C PHE C 353 1.29 -38.18 -18.46
N ASN C 354 0.56 -37.37 -19.21
CA ASN C 354 0.85 -37.15 -20.64
C ASN C 354 0.92 -38.45 -21.46
N SER C 355 0.40 -39.52 -20.87
CA SER C 355 0.31 -40.84 -21.56
C SER C 355 -0.61 -40.83 -22.75
N PHE C 356 -0.18 -41.55 -23.78
CA PHE C 356 -0.94 -41.72 -25.04
C PHE C 356 -1.21 -43.20 -25.32
N LEU C 357 -2.43 -43.61 -25.02
CA LEU C 357 -2.81 -45.02 -25.11
C LEU C 357 -3.88 -45.22 -26.16
N GLN C 358 -3.41 -45.54 -27.36
CA GLN C 358 -4.26 -45.54 -28.55
C GLN C 358 -4.50 -46.92 -29.13
N GLY C 359 -5.76 -47.29 -29.06
CA GLY C 359 -6.26 -48.43 -29.79
C GLY C 359 -7.10 -47.94 -30.94
N SER C 360 -7.54 -48.89 -31.73
CA SER C 360 -8.58 -48.63 -32.70
C SER C 360 -9.61 -49.71 -32.64
N GLU C 361 -10.52 -49.66 -33.59
CA GLU C 361 -11.63 -50.59 -33.64
C GLU C 361 -11.12 -51.94 -34.16
N SER C 362 -10.08 -51.87 -34.99
CA SER C 362 -9.47 -53.08 -35.58
C SER C 362 -8.40 -53.59 -34.63
N SER C 363 -7.95 -52.69 -33.78
CA SER C 363 -6.91 -52.97 -32.79
C SER C 363 -7.32 -52.44 -31.42
N PRO C 364 -8.19 -53.18 -30.73
CA PRO C 364 -8.58 -52.80 -29.39
C PRO C 364 -7.54 -53.10 -28.34
N LEU C 365 -7.46 -52.16 -27.41
CA LEU C 365 -6.58 -52.21 -26.24
C LEU C 365 -7.35 -52.56 -24.99
N LYS C 366 -6.77 -53.49 -24.26
CA LYS C 366 -7.28 -53.91 -22.95
C LYS C 366 -6.19 -53.86 -21.91
N ILE C 367 -6.54 -53.26 -20.78
CA ILE C 367 -5.63 -53.20 -19.64
C ILE C 367 -6.29 -53.78 -18.41
N GLY C 368 -5.64 -54.79 -17.88
CA GLY C 368 -6.11 -55.52 -16.71
C GLY C 368 -6.09 -54.73 -15.42
N ASP C 369 -6.81 -55.29 -14.45
CA ASP C 369 -6.98 -54.70 -13.10
C ASP C 369 -5.70 -54.25 -12.42
N GLY C 370 -5.73 -53.02 -11.94
CA GLY C 370 -4.69 -52.51 -11.02
C GLY C 370 -3.34 -52.23 -11.65
N CYS C 371 -3.31 -52.34 -12.98
CA CYS C 371 -2.13 -51.98 -13.78
C CYS C 371 -1.72 -50.54 -13.56
N VAL C 372 -0.40 -50.34 -13.63
CA VAL C 372 0.18 -48.99 -13.56
C VAL C 372 0.88 -48.65 -14.88
N VAL C 373 0.27 -47.72 -15.60
CA VAL C 373 0.86 -47.18 -16.83
C VAL C 373 1.63 -45.94 -16.41
N PRO C 375 4.13 -42.59 -16.33
CA PRO C 375 4.12 -41.32 -17.04
C PRO C 375 4.81 -41.35 -18.38
N HIS C 376 4.15 -40.79 -19.36
CA HIS C 376 4.78 -40.50 -20.66
C HIS C 376 4.91 -41.78 -21.49
N THR C 377 4.02 -42.71 -21.16
CA THR C 377 3.87 -43.98 -21.88
C THR C 377 3.07 -43.84 -23.17
N ILE C 378 3.63 -44.42 -24.23
CA ILE C 378 3.02 -44.34 -25.57
C ILE C 378 2.69 -45.72 -26.14
N ILE C 379 1.40 -45.96 -26.29
CA ILE C 379 0.88 -47.19 -26.87
C ILE C 379 0.09 -46.87 -28.13
N ASP C 380 0.62 -47.32 -29.26
CA ASP C 380 0.04 -47.04 -30.57
C ASP C 380 -0.15 -48.34 -31.34
N LEU C 381 -1.31 -48.96 -31.13
CA LEU C 381 -1.56 -50.36 -31.51
C LEU C 381 -1.65 -50.65 -32.99
N GLU C 382 -0.85 -51.62 -33.42
CA GLU C 382 -0.87 -52.13 -34.81
C GLU C 382 -1.76 -53.34 -34.85
N GLU C 383 -1.99 -53.87 -33.66
CA GLU C 383 -2.75 -55.10 -33.48
C GLU C 383 -3.49 -55.09 -32.15
N PRO C 384 -4.54 -55.91 -32.03
CA PRO C 384 -5.14 -56.02 -30.72
C PRO C 384 -4.13 -56.36 -29.65
N LEU C 385 -4.26 -55.70 -28.52
CA LEU C 385 -3.38 -55.93 -27.38
C LEU C 385 -4.13 -55.92 -26.07
N GLU C 386 -3.86 -56.93 -25.29
CA GLU C 386 -4.42 -57.07 -23.96
C GLU C 386 -3.31 -57.17 -22.93
N ILE C 387 -3.31 -56.23 -22.00
CA ILE C 387 -2.33 -56.24 -20.90
C ILE C 387 -2.95 -56.88 -19.68
N PRO C 388 -2.31 -57.94 -19.17
CA PRO C 388 -2.86 -58.64 -18.01
C PRO C 388 -2.85 -57.78 -16.75
N ALA C 389 -3.68 -58.22 -15.81
CA ALA C 389 -3.81 -57.58 -14.51
C ALA C 389 -2.50 -57.56 -13.75
N GLY C 390 -2.36 -56.52 -12.94
CA GLY C 390 -1.26 -56.44 -11.98
C GLY C 390 0.08 -56.31 -12.67
N HIS C 391 0.06 -55.56 -13.77
CA HIS C 391 1.27 -55.21 -14.53
C HIS C 391 1.66 -53.73 -14.49
N LEU C 392 2.98 -53.54 -14.57
CA LEU C 392 3.63 -52.24 -14.78
C LEU C 392 3.97 -52.07 -16.26
N VAL C 393 3.60 -50.93 -16.80
CA VAL C 393 3.86 -50.62 -18.20
C VAL C 393 4.54 -49.29 -18.38
N TRP C 394 5.37 -49.24 -19.41
CA TRP C 394 6.09 -48.01 -19.80
C TRP C 394 6.48 -48.02 -21.29
N GLY C 395 7.21 -46.98 -21.64
CA GLY C 395 7.76 -46.74 -22.97
C GLY C 395 6.82 -46.73 -24.14
N TYR C 396 7.23 -47.49 -25.15
CA TYR C 396 6.59 -47.58 -26.47
C TYR C 396 6.11 -49.01 -26.81
N ILE C 397 4.85 -49.10 -27.25
CA ILE C 397 4.20 -50.40 -27.51
C ILE C 397 3.15 -50.39 -28.60
N ARG C 398 3.47 -51.08 -29.68
CA ARG C 398 2.58 -51.22 -30.84
C ARG C 398 2.00 -52.62 -30.95
N ASN C 399 2.72 -53.57 -30.35
CA ASN C 399 2.38 -55.00 -30.45
C ASN C 399 2.73 -55.82 -29.21
N LYS C 400 2.55 -57.12 -29.35
CA LYS C 400 2.61 -58.05 -28.21
C LYS C 400 4.07 -58.21 -27.82
N ALA C 401 4.89 -58.00 -28.84
CA ALA C 401 6.34 -58.13 -28.73
C ALA C 401 6.84 -56.98 -27.86
N ASP C 402 6.46 -55.80 -28.30
CA ASP C 402 6.84 -54.53 -27.65
C ASP C 402 6.43 -54.55 -26.20
N LEU C 403 5.32 -55.22 -25.96
CA LEU C 403 4.68 -55.19 -24.63
C LEU C 403 5.56 -55.96 -23.68
N ALA C 404 6.27 -56.92 -24.24
CA ALA C 404 7.05 -57.90 -23.47
C ALA C 404 8.32 -57.23 -22.99
N ALA C 405 8.75 -56.30 -23.83
CA ALA C 405 10.03 -55.59 -23.67
C ALA C 405 9.79 -54.29 -22.91
N HIS C 406 8.51 -54.03 -22.66
CA HIS C 406 8.11 -52.78 -22.00
C HIS C 406 7.08 -53.02 -20.91
N SER C 407 7.14 -54.19 -20.29
CA SER C 407 6.35 -54.45 -19.08
C SER C 407 6.84 -55.58 -18.21
N ILE C 408 6.28 -55.56 -17.01
CA ILE C 408 6.57 -56.55 -15.95
C ILE C 408 5.45 -56.61 -14.91
N SER C 409 5.18 -57.84 -14.48
CA SER C 409 4.15 -58.11 -13.46
C SER C 409 4.63 -57.66 -12.09
N PHE C 410 3.67 -57.18 -11.31
CA PHE C 410 3.97 -56.63 -9.98
C PHE C 410 4.71 -57.67 -9.17
N GLU C 411 4.41 -58.92 -9.51
CA GLU C 411 4.78 -60.08 -8.68
C GLU C 411 6.26 -60.32 -8.84
N GLU C 412 6.63 -60.36 -10.10
CA GLU C 412 8.02 -60.59 -10.49
C GLU C 412 8.89 -59.41 -10.07
N PHE C 413 8.35 -58.22 -10.20
CA PHE C 413 9.12 -56.97 -10.06
C PHE C 413 9.34 -56.59 -8.61
N ALA C 414 8.42 -57.06 -7.77
CA ALA C 414 8.40 -56.68 -6.36
C ALA C 414 9.51 -57.46 -5.69
N LYS C 415 10.02 -58.43 -6.45
CA LYS C 415 11.06 -59.37 -5.99
C LYS C 415 12.40 -58.69 -6.08
N VAL C 416 12.42 -57.62 -6.85
CA VAL C 416 13.67 -56.94 -7.21
C VAL C 416 14.29 -56.25 -6.02
N ASP C 417 15.58 -56.47 -5.86
CA ASP C 417 16.45 -55.69 -4.97
C ASP C 417 17.88 -55.63 -5.51
N GLY C 418 18.11 -54.66 -6.38
CA GLY C 418 19.39 -54.52 -7.08
C GLY C 418 19.25 -53.69 -8.34
N GLU C 419 19.75 -54.23 -9.44
CA GLU C 419 19.68 -53.55 -10.74
C GLU C 419 19.06 -54.38 -11.84
N VAL C 420 18.25 -53.71 -12.63
CA VAL C 420 17.57 -54.32 -13.75
C VAL C 420 17.70 -53.49 -15.01
N THR C 421 17.95 -54.18 -16.11
CA THR C 421 17.89 -53.56 -17.44
C THR C 421 16.94 -54.36 -18.34
N GLY C 423 16.04 -53.40 -22.06
CA GLY C 423 16.30 -52.47 -23.15
C GLY C 423 16.71 -51.11 -22.63
N ARG C 424 15.90 -50.11 -22.98
CA ARG C 424 16.27 -48.70 -22.81
C ARG C 424 15.86 -48.24 -21.42
N THR C 426 16.25 -48.66 -17.43
CA THR C 426 17.11 -48.95 -16.30
C THR C 426 16.40 -48.67 -15.00
N PHE C 427 16.58 -49.60 -14.08
CA PHE C 427 16.08 -49.48 -12.70
C PHE C 427 17.12 -49.89 -11.70
N ARG C 428 17.07 -49.23 -10.55
CA ARG C 428 17.96 -49.54 -9.43
C ARG C 428 17.26 -49.38 -8.10
N GLY C 429 17.32 -50.43 -7.30
CA GLY C 429 16.68 -50.44 -5.98
C GLY C 429 15.72 -51.59 -5.77
N LYS C 430 14.76 -51.34 -4.88
CA LYS C 430 13.72 -52.32 -4.49
C LYS C 430 12.43 -52.06 -5.25
N GLY C 431 11.83 -53.13 -5.74
CA GLY C 431 10.71 -53.05 -6.66
C GLY C 431 9.43 -52.87 -5.87
N GLY C 432 9.43 -53.51 -4.73
CA GLY C 432 8.26 -53.51 -3.84
C GLY C 432 7.85 -52.09 -3.50
N PRO C 433 8.71 -51.36 -2.78
CA PRO C 433 8.54 -49.97 -2.37
C PRO C 433 8.28 -49.01 -3.53
N PHE C 434 8.77 -49.38 -4.71
CA PHE C 434 8.64 -48.54 -5.92
C PHE C 434 7.22 -48.66 -6.46
N LEU C 435 6.70 -49.88 -6.41
CA LEU C 435 5.36 -50.19 -6.91
C LEU C 435 4.34 -49.65 -5.92
N ASP C 436 4.79 -49.56 -4.67
CA ASP C 436 3.90 -49.22 -3.55
C ASP C 436 3.65 -47.73 -3.56
N SER C 437 4.55 -47.04 -4.24
CA SER C 437 4.54 -45.56 -4.29
C SER C 437 3.47 -45.13 -5.28
N PHE C 438 3.27 -45.94 -6.30
CA PHE C 438 2.26 -45.67 -7.33
C PHE C 438 0.88 -45.97 -6.74
N LYS C 439 0.86 -47.06 -6.00
CA LYS C 439 -0.37 -47.61 -5.45
C LYS C 439 -0.91 -46.66 -4.41
N LYS C 440 0.01 -46.05 -3.67
CA LYS C 440 -0.34 -45.19 -2.53
C LYS C 440 -0.93 -43.91 -3.07
N ARG C 441 -0.48 -43.60 -4.27
CA ARG C 441 -0.78 -42.32 -4.91
C ARG C 441 -2.18 -42.40 -5.48
N ILE C 442 -2.43 -43.42 -6.29
CA ILE C 442 -3.76 -43.59 -6.89
C ILE C 442 -4.77 -43.68 -5.76
N LYS C 443 -4.36 -44.37 -4.73
CA LYS C 443 -5.25 -44.67 -3.59
C LYS C 443 -5.67 -43.38 -2.86
N ARG C 444 -4.72 -42.46 -2.79
CA ARG C 444 -4.89 -41.19 -2.05
C ARG C 444 -5.75 -40.24 -2.88
N ILE C 445 -5.55 -40.32 -4.18
CA ILE C 445 -6.26 -39.48 -5.14
C ILE C 445 -7.72 -39.89 -5.14
N LEU C 446 -7.94 -41.20 -5.21
CA LEU C 446 -9.28 -41.79 -5.25
C LEU C 446 -10.08 -41.39 -4.02
N SER C 447 -9.34 -41.29 -2.93
CA SER C 447 -9.92 -41.14 -1.59
C SER C 447 -10.35 -39.70 -1.33
N GLU C 448 -9.40 -38.81 -1.60
CA GLU C 448 -9.62 -37.37 -1.49
C GLU C 448 -10.77 -36.94 -2.40
N ASN C 449 -11.00 -37.76 -3.42
CA ASN C 449 -11.93 -37.43 -4.53
C ASN C 449 -13.33 -37.85 -4.18
N GLY C 450 -13.39 -38.74 -3.19
CA GLY C 450 -14.64 -39.29 -2.69
C GLY C 450 -15.11 -40.53 -3.42
N ALA C 451 -14.15 -41.28 -3.95
CA ALA C 451 -14.43 -42.44 -4.79
C ALA C 451 -15.15 -43.51 -4.02
N PHE C 452 -15.02 -43.43 -2.71
CA PHE C 452 -15.42 -44.53 -1.83
C PHE C 452 -16.59 -44.12 -0.95
N PHE C 453 -17.14 -42.98 -1.34
CA PHE C 453 -18.37 -42.43 -0.76
C PHE C 453 -19.52 -43.44 -0.74
N ASP C 454 -20.16 -43.54 0.43
CA ASP C 454 -21.19 -44.56 0.70
C ASP C 454 -22.51 -43.95 1.14
N GLY C 455 -22.56 -42.64 1.04
CA GLY C 455 -23.76 -41.85 1.31
C GLY C 455 -23.52 -41.02 2.54
N SER C 456 -22.57 -41.50 3.33
CA SER C 456 -22.28 -40.94 4.64
C SER C 456 -20.81 -40.60 4.81
N GLU C 457 -20.04 -41.67 4.76
CA GLU C 457 -18.58 -41.61 4.85
C GLU C 457 -17.89 -41.76 3.52
N GLY C 458 -16.69 -41.21 3.44
CA GLY C 458 -15.87 -41.31 2.23
C GLY C 458 -16.08 -40.08 1.38
N THR C 459 -16.70 -39.11 2.00
CA THR C 459 -16.88 -37.79 1.38
C THR C 459 -15.55 -37.21 0.91
N GLY C 460 -15.55 -36.77 -0.35
CA GLY C 460 -14.40 -36.09 -0.96
C GLY C 460 -14.78 -34.97 -1.89
N HIS C 461 -13.93 -34.75 -2.88
CA HIS C 461 -14.07 -33.60 -3.80
C HIS C 461 -15.33 -33.70 -4.66
N ALA C 462 -15.70 -34.94 -4.94
CA ALA C 462 -16.68 -35.22 -6.00
C ALA C 462 -18.04 -34.86 -5.43
N GLN C 463 -18.01 -34.57 -4.14
CA GLN C 463 -19.22 -34.39 -3.37
C GLN C 463 -19.23 -33.01 -2.73
N LYS C 464 -18.11 -32.32 -2.86
CA LYS C 464 -17.90 -31.00 -2.21
C LYS C 464 -17.64 -29.92 -3.25
N ASN C 467 -17.31 -24.44 -5.66
CA ASN C 467 -18.28 -23.50 -6.22
C ASN C 467 -17.70 -22.10 -6.47
N PHE C 468 -17.56 -21.83 -7.77
CA PHE C 468 -17.07 -20.55 -8.33
C PHE C 468 -17.48 -20.32 -9.80
N THR C 469 -17.19 -19.10 -10.22
CA THR C 469 -17.29 -18.69 -11.61
C THR C 469 -15.97 -18.04 -12.06
N PHE C 470 -15.72 -18.07 -13.36
CA PHE C 470 -14.58 -17.36 -13.97
C PHE C 470 -15.01 -15.97 -14.42
N ASN C 471 -14.40 -14.95 -13.80
CA ASN C 471 -14.57 -13.55 -14.19
C ASN C 471 -13.55 -13.11 -15.22
N ILE C 472 -14.04 -12.39 -16.21
CA ILE C 472 -13.22 -11.82 -17.29
C ILE C 472 -12.32 -10.68 -16.84
N ILE C 473 -11.22 -10.60 -17.57
CA ILE C 473 -10.24 -9.53 -17.40
C ILE C 473 -9.63 -9.23 -18.79
N GLN C 474 -9.63 -7.96 -19.17
CA GLN C 474 -9.22 -7.54 -20.52
C GLN C 474 -7.94 -6.68 -20.56
N PRO C 475 -7.16 -6.80 -21.64
CA PRO C 475 -5.94 -6.04 -21.65
C PRO C 475 -6.07 -4.74 -22.35
N TYR C 476 -4.98 -4.00 -22.33
CA TYR C 476 -4.87 -2.80 -23.14
C TYR C 476 -5.02 -3.23 -24.61
N GLN C 477 -5.75 -2.41 -25.36
CA GLN C 477 -6.15 -2.71 -26.75
C GLN C 477 -5.31 -1.97 -27.78
N ASP C 478 -4.63 -0.93 -27.31
CA ASP C 478 -3.76 -0.16 -28.19
C ASP C 478 -2.64 0.59 -27.53
N GLY C 479 -1.85 1.17 -28.42
CA GLY C 479 -0.68 1.94 -28.04
C GLY C 479 0.50 1.10 -27.61
N ASP C 480 1.38 1.74 -26.88
CA ASP C 480 2.57 1.08 -26.34
C ASP C 480 2.23 -0.13 -25.45
N PRO C 481 1.20 -0.01 -24.57
CA PRO C 481 0.97 -1.05 -23.58
C PRO C 481 0.10 -2.18 -24.09
N ARG C 482 -0.24 -2.09 -25.35
CA ARG C 482 -1.14 -3.07 -25.96
C ARG C 482 -0.75 -4.51 -25.68
N GLY C 483 -1.73 -5.25 -25.19
CA GLY C 483 -1.59 -6.68 -24.89
C GLY C 483 -1.17 -6.91 -23.46
N TYR C 485 -1.68 -6.19 -19.39
CA TYR C 485 -2.75 -5.96 -18.41
C TYR C 485 -2.25 -4.95 -17.39
N PRO C 486 -3.11 -4.04 -16.95
CA PRO C 486 -2.59 -3.16 -15.91
C PRO C 486 -2.41 -3.90 -14.60
N THR C 487 -1.93 -3.15 -13.61
CA THR C 487 -1.61 -3.73 -12.30
C THR C 487 -2.89 -3.75 -11.51
N ILE C 488 -3.29 -4.97 -11.22
CA ILE C 488 -4.56 -5.25 -10.58
C ILE C 488 -4.32 -6.06 -9.32
N LEU C 489 -4.95 -5.59 -8.26
CA LEU C 489 -5.02 -6.33 -7.02
C LEU C 489 -6.48 -6.59 -6.67
N ILE C 490 -6.82 -7.86 -6.57
CA ILE C 490 -8.18 -8.26 -6.18
C ILE C 490 -8.15 -8.95 -4.85
N GLN C 491 -9.00 -8.48 -3.95
CA GLN C 491 -9.15 -9.15 -2.66
C GLN C 491 -10.52 -9.05 -2.01
N PRO C 492 -10.70 -9.73 -0.87
CA PRO C 492 -12.02 -9.77 -0.28
C PRO C 492 -12.36 -8.50 0.42
N ASN C 493 -13.65 -8.22 0.37
CA ASN C 493 -14.25 -7.17 1.16
C ASN C 493 -14.16 -7.56 2.61
N ASN C 494 -13.94 -6.58 3.47
CA ASN C 494 -13.95 -6.81 4.92
C ASN C 494 -15.35 -6.99 5.47
N GLY D 19 -32.35 -12.70 7.68
CA GLY D 19 -31.06 -11.97 7.48
C GLY D 19 -31.08 -11.13 6.23
N THR D 21 -28.80 -9.71 3.00
CA THR D 21 -27.63 -9.96 2.16
C THR D 21 -26.73 -8.74 2.27
N GLN D 22 -25.49 -8.89 1.81
CA GLN D 22 -24.51 -7.85 1.99
C GLN D 22 -24.95 -6.60 1.30
N LEU D 23 -25.59 -6.75 0.14
CA LEU D 23 -26.01 -5.58 -0.63
C LEU D 23 -27.21 -4.94 0.06
N GLU D 24 -28.06 -5.78 0.63
CA GLU D 24 -29.24 -5.25 1.33
C GLU D 24 -28.80 -4.37 2.47
N LEU D 25 -27.72 -4.82 3.10
CA LEU D 25 -27.26 -4.23 4.33
C LEU D 25 -26.56 -2.97 3.95
N LEU D 26 -25.85 -3.04 2.85
CA LEU D 26 -25.09 -1.90 2.35
C LEU D 26 -26.02 -0.75 2.09
N LEU D 27 -27.12 -1.08 1.46
CA LEU D 27 -28.15 -0.06 1.20
C LEU D 27 -28.68 0.56 2.49
N GLU D 28 -28.92 -0.26 3.51
CA GLU D 28 -29.45 0.27 4.79
C GLU D 28 -28.43 1.16 5.46
N ARG D 29 -27.18 0.75 5.35
CA ARG D 29 -26.05 1.51 5.94
C ARG D 29 -25.92 2.89 5.32
N ILE D 30 -26.10 2.96 4.01
CA ILE D 30 -26.03 4.25 3.28
C ILE D 30 -27.18 5.15 3.74
N ILE D 31 -28.34 4.53 3.79
CA ILE D 31 -29.59 5.23 4.17
C ILE D 31 -29.43 5.89 5.52
N ASP D 32 -28.79 5.17 6.42
CA ASP D 32 -28.65 5.60 7.81
C ASP D 32 -27.76 6.83 7.88
N ARG D 33 -26.69 6.80 7.09
CA ARG D 33 -25.69 7.87 7.08
C ARG D 33 -26.16 9.14 6.41
N VAL D 34 -26.91 8.98 5.33
CA VAL D 34 -27.50 10.13 4.64
C VAL D 34 -28.54 10.71 5.58
N ASN D 35 -29.33 9.82 6.15
CA ASN D 35 -30.44 10.24 7.00
C ASN D 35 -30.00 11.03 8.22
N VAL D 36 -28.88 10.63 8.83
CA VAL D 36 -28.39 11.34 10.02
CA VAL D 36 -28.37 11.35 10.01
C VAL D 36 -27.90 12.73 9.62
N ASN D 37 -27.36 12.82 8.44
CA ASN D 37 -26.76 14.07 7.98
C ASN D 37 -27.87 15.03 7.52
N LEU D 38 -28.97 14.45 7.11
CA LEU D 38 -30.16 15.22 6.66
C LEU D 38 -31.23 15.41 7.73
N ARG D 39 -30.90 15.03 8.96
CA ARG D 39 -31.91 14.93 10.03
C ARG D 39 -32.58 16.24 10.33
N HIS D 40 -31.92 17.35 10.07
CA HIS D 40 -32.55 18.62 10.48
C HIS D 40 -33.58 19.00 9.44
N GLN D 41 -33.54 18.30 8.33
CA GLN D 41 -34.50 18.53 7.22
C GLN D 41 -35.68 17.59 7.38
N LYS D 42 -35.56 16.72 8.37
CA LYS D 42 -36.55 15.68 8.62
C LYS D 42 -36.96 14.99 7.32
N PHE D 43 -35.94 14.70 6.53
CA PHE D 43 -36.08 13.98 5.26
C PHE D 43 -35.48 12.58 5.28
N ASP D 44 -36.33 11.61 4.99
CA ASP D 44 -35.98 10.18 4.98
C ASP D 44 -35.84 9.72 3.54
N VAL D 45 -34.63 9.26 3.24
CA VAL D 45 -34.21 8.84 1.89
C VAL D 45 -34.52 7.35 1.70
N GLY D 46 -34.99 6.74 2.77
CA GLY D 46 -35.09 5.30 2.83
C GLY D 46 -35.78 4.66 1.66
N ASP D 47 -36.98 5.15 1.40
CA ASP D 47 -37.87 4.50 0.42
C ASP D 47 -37.55 4.90 -1.03
N TYR D 48 -36.58 5.80 -1.18
CA TYR D 48 -36.05 6.18 -2.50
C TYR D 48 -34.92 5.23 -2.89
N VAL D 49 -34.36 4.58 -1.91
CA VAL D 49 -33.13 3.76 -2.12
C VAL D 49 -33.43 2.26 -2.14
N ARG D 50 -34.18 1.93 -1.12
CA ARG D 50 -34.55 0.57 -0.70
C ARG D 50 -35.40 -0.15 -1.74
N ARG D 51 -35.09 -1.43 -1.94
CA ARG D 51 -35.86 -2.26 -2.86
C ARG D 51 -35.94 -3.74 -2.57
N GLN D 52 -36.68 -4.39 -3.45
CA GLN D 52 -36.86 -5.84 -3.42
C GLN D 52 -35.59 -6.53 -3.92
N THR D 53 -35.10 -7.43 -3.07
CA THR D 53 -33.96 -8.32 -3.37
C THR D 53 -32.92 -7.73 -4.35
N PRO D 54 -32.26 -6.63 -3.94
CA PRO D 54 -31.36 -5.91 -4.84
C PRO D 54 -30.17 -6.76 -5.30
N HIS D 55 -29.84 -7.73 -4.45
CA HIS D 55 -28.71 -8.66 -4.69
C HIS D 55 -28.99 -9.51 -5.93
N LEU D 56 -30.26 -9.82 -6.13
CA LEU D 56 -30.70 -10.64 -7.26
C LEU D 56 -30.68 -9.76 -8.52
N HIS D 57 -31.13 -8.54 -8.34
CA HIS D 57 -31.31 -7.62 -9.48
C HIS D 57 -29.94 -7.15 -9.99
N TYR D 58 -29.07 -6.78 -9.06
CA TYR D 58 -27.79 -6.12 -9.39
C TYR D 58 -26.75 -7.09 -9.95
N SER D 59 -26.92 -8.36 -9.66
CA SER D 59 -25.93 -9.38 -10.05
C SER D 59 -26.14 -9.73 -11.52
N LYS D 60 -27.23 -9.18 -12.05
CA LYS D 60 -27.65 -9.45 -13.44
C LYS D 60 -26.86 -8.56 -14.39
N PHE D 61 -26.07 -7.71 -13.76
CA PHE D 61 -25.38 -6.63 -14.48
C PHE D 61 -23.87 -6.69 -14.39
N TYR D 62 -23.26 -6.13 -15.42
CA TYR D 62 -21.84 -5.84 -15.44
C TYR D 62 -21.66 -4.40 -15.05
N ALA D 63 -20.40 -4.08 -14.79
CA ALA D 63 -19.94 -2.69 -14.78
C ALA D 63 -18.73 -2.57 -15.68
N PHE D 64 -18.39 -1.31 -15.96
CA PHE D 64 -17.35 -0.97 -16.95
C PHE D 64 -16.46 0.14 -16.49
N TYR D 65 -15.17 -0.05 -16.74
CA TYR D 65 -14.18 0.99 -16.40
C TYR D 65 -13.36 1.31 -17.62
N GLY D 66 -13.15 2.60 -17.83
CA GLY D 66 -12.27 3.06 -18.93
C GLY D 66 -10.78 2.79 -18.77
N LEU D 67 -10.22 2.23 -19.82
CA LEU D 67 -8.77 1.98 -19.88
C LEU D 67 -8.17 2.69 -21.07
N SER D 68 -7.20 3.54 -20.78
CA SER D 68 -6.50 4.33 -21.80
C SER D 68 -5.02 4.13 -21.69
N ALA D 69 -4.41 3.96 -22.85
CA ALA D 69 -2.96 3.83 -22.97
C ALA D 69 -2.34 5.19 -22.82
N ASP D 70 -3.18 6.21 -22.77
CA ASP D 70 -2.71 7.61 -22.82
C ASP D 70 -2.90 8.35 -21.54
N ASP D 71 -3.85 7.88 -20.75
CA ASP D 71 -4.12 8.46 -19.44
C ASP D 71 -3.95 7.39 -18.36
N PRO D 72 -2.99 7.58 -17.44
CA PRO D 72 -2.79 6.60 -16.38
C PRO D 72 -4.04 6.27 -15.56
N VAL D 73 -4.36 4.98 -15.64
CA VAL D 73 -5.51 4.37 -14.93
C VAL D 73 -5.30 4.41 -13.44
N HIS D 74 -6.37 4.83 -12.76
CA HIS D 74 -6.57 4.62 -11.33
C HIS D 74 -8.01 4.33 -10.98
N PHE D 75 -8.27 3.11 -10.53
CA PHE D 75 -9.57 2.75 -9.94
C PHE D 75 -9.40 2.00 -8.64
N HIS D 76 -10.17 2.41 -7.67
CA HIS D 76 -10.25 1.70 -6.42
C HIS D 76 -11.70 1.47 -6.02
N PHE D 77 -12.09 0.21 -6.02
CA PHE D 77 -13.44 -0.18 -5.69
C PHE D 77 -13.48 -1.09 -4.48
N LYS D 78 -14.05 -0.57 -3.40
CA LYS D 78 -14.01 -1.22 -2.10
C LYS D 78 -15.39 -1.30 -1.45
N ASN D 79 -15.84 -2.53 -1.27
CA ASN D 79 -17.09 -2.74 -0.55
C ASN D 79 -18.28 -2.09 -1.21
N SER D 80 -18.28 -2.19 -2.54
CA SER D 80 -19.32 -1.55 -3.34
C SER D 80 -20.00 -2.42 -4.35
N SER D 81 -21.12 -1.89 -4.79
CA SER D 81 -21.83 -2.33 -5.98
C SER D 81 -21.77 -1.26 -7.05
N LEU D 82 -21.65 -1.75 -8.26
CA LEU D 82 -21.47 -0.90 -9.42
C LEU D 82 -22.44 -1.23 -10.55
N ALA D 83 -23.43 -2.06 -10.28
CA ALA D 83 -24.23 -2.67 -11.37
C ALA D 83 -24.65 -1.70 -12.48
N GLY D 84 -24.13 -1.96 -13.67
CA GLY D 84 -24.55 -1.29 -14.90
C GLY D 84 -23.86 0.04 -15.15
N SER D 85 -23.06 0.45 -14.17
CA SER D 85 -22.31 1.71 -14.24
C SER D 85 -21.07 1.66 -15.11
N TYR D 86 -20.72 2.87 -15.53
CA TYR D 86 -19.57 3.16 -16.39
C TYR D 86 -18.71 4.20 -15.71
N LEU D 87 -17.45 3.86 -15.51
CA LEU D 87 -16.51 4.69 -14.76
C LEU D 87 -15.30 5.05 -15.57
N LEU D 88 -14.98 6.32 -15.54
CA LEU D 88 -13.92 6.86 -16.38
C LEU D 88 -13.07 7.86 -15.62
N GLY D 89 -11.77 7.72 -15.79
CA GLY D 89 -10.81 8.60 -15.12
C GLY D 89 -10.51 8.06 -13.76
N ARG D 90 -9.98 8.91 -12.90
CA ARG D 90 -9.49 8.48 -11.56
C ARG D 90 -10.58 8.47 -10.53
N VAL D 91 -11.01 7.26 -10.17
CA VAL D 91 -12.20 7.09 -9.35
C VAL D 91 -12.02 6.04 -8.28
N ASN D 92 -12.34 6.50 -7.05
CA ASN D 92 -12.55 5.65 -5.87
C ASN D 92 -14.02 5.52 -5.52
N VAL D 93 -14.43 4.28 -5.33
CA VAL D 93 -15.79 3.99 -4.87
C VAL D 93 -15.73 3.13 -3.61
N LEU D 94 -16.17 3.74 -2.52
CA LEU D 94 -16.08 3.15 -1.18
C LEU D 94 -17.44 3.06 -0.54
N HIS D 95 -17.81 1.83 -0.21
CA HIS D 95 -19.01 1.54 0.58
C HIS D 95 -20.22 2.22 -0.02
N SER D 96 -20.25 2.15 -1.35
CA SER D 96 -21.30 2.74 -2.15
C SER D 96 -21.98 1.76 -3.09
N ALA D 97 -23.17 2.14 -3.51
CA ALA D 97 -23.88 1.45 -4.58
C ALA D 97 -24.19 2.41 -5.72
N LEU D 98 -23.66 2.08 -6.87
CA LEU D 98 -23.89 2.86 -8.09
C LEU D 98 -24.65 1.99 -9.04
N TYR D 99 -25.85 2.44 -9.34
CA TYR D 99 -26.70 1.73 -10.28
C TYR D 99 -26.91 2.52 -11.57
N LYS D 100 -26.35 1.94 -12.61
CA LYS D 100 -26.46 2.47 -13.98
C LYS D 100 -26.11 3.95 -14.00
N SER D 101 -25.17 4.31 -13.14
CA SER D 101 -24.61 5.66 -13.15
C SER D 101 -23.40 5.79 -14.08
N ASP D 102 -23.03 7.04 -14.31
CA ASP D 102 -21.91 7.36 -15.19
C ASP D 102 -20.99 8.35 -14.51
N ILE D 103 -19.83 7.85 -14.12
CA ILE D 103 -18.87 8.65 -13.35
C ILE D 103 -17.78 9.02 -14.33
N ARG D 104 -17.73 10.30 -14.69
CA ARG D 104 -16.83 10.81 -15.73
C ARG D 104 -15.79 11.77 -15.23
N GLY D 105 -14.60 11.23 -15.02
CA GLY D 105 -13.49 11.95 -14.45
C GLY D 105 -12.52 12.46 -15.50
N ASP D 106 -13.05 12.71 -16.68
CA ASP D 106 -12.24 13.17 -17.84
C ASP D 106 -11.80 14.63 -17.71
N GLU D 107 -12.42 15.36 -16.81
CA GLU D 107 -12.12 16.80 -16.63
C GLU D 107 -11.42 17.07 -15.30
N LEU D 108 -11.07 16.00 -14.60
CA LEU D 108 -10.38 16.15 -13.32
C LEU D 108 -9.03 16.76 -13.61
N LYS D 109 -8.55 17.57 -12.70
CA LYS D 109 -7.23 18.16 -12.84
C LYS D 109 -6.12 17.19 -12.58
N ARG D 110 -4.98 17.60 -13.09
CA ARG D 110 -3.73 16.87 -12.97
C ARG D 110 -2.79 17.64 -12.07
N LYS D 111 -1.86 16.94 -11.48
CA LYS D 111 -0.88 17.56 -10.61
C LYS D 111 -0.15 18.58 -11.43
N GLY D 112 0.07 19.77 -10.93
CA GLY D 112 0.87 20.70 -11.76
C GLY D 112 -0.04 21.73 -12.39
N GLN D 113 -1.30 21.35 -12.54
CA GLN D 113 -2.38 22.31 -12.76
C GLN D 113 -2.72 22.96 -11.44
N HIS D 114 -3.02 24.22 -11.54
CA HIS D 114 -3.19 25.07 -10.37
C HIS D 114 -4.65 25.46 -10.24
N PHE D 115 -5.15 25.27 -9.03
CA PHE D 115 -6.47 25.79 -8.64
C PHE D 115 -6.35 27.30 -8.53
N VAL D 116 -7.28 28.00 -9.15
CA VAL D 116 -7.21 29.45 -9.17
C VAL D 116 -8.43 30.02 -8.46
N CYS D 117 -8.16 30.88 -7.52
CA CYS D 117 -9.23 31.45 -6.72
C CYS D 117 -8.94 32.87 -6.27
N ASP D 118 -9.70 33.78 -6.85
CA ASP D 118 -9.65 35.18 -6.51
C ASP D 118 -8.22 35.69 -6.57
N GLY D 119 -7.54 35.19 -7.59
CA GLY D 119 -6.27 35.74 -8.01
C GLY D 119 -5.14 35.12 -7.24
N LYS D 120 -5.53 34.10 -6.49
CA LYS D 120 -4.63 33.26 -5.70
C LYS D 120 -4.49 31.89 -6.34
N ILE D 122 -3.23 27.92 -6.16
CA ILE D 122 -3.00 26.82 -5.27
C ILE D 122 -2.57 25.60 -6.05
N PRO D 123 -1.28 25.25 -5.95
CA PRO D 123 -0.87 24.05 -6.60
C PRO D 123 -1.38 22.78 -5.93
N LEU D 124 -1.81 21.90 -6.80
CA LEU D 124 -2.28 20.58 -6.46
C LEU D 124 -1.15 19.70 -5.91
N HIS D 125 -1.50 18.84 -4.96
CA HIS D 125 -0.53 17.92 -4.33
C HIS D 125 -0.37 16.64 -5.11
N ASP D 126 -1.41 16.39 -5.89
CA ASP D 126 -1.61 15.16 -6.63
C ASP D 126 -2.67 15.36 -7.70
N ASP D 127 -2.66 14.47 -8.66
CA ASP D 127 -3.78 14.33 -9.60
C ASP D 127 -5.11 14.35 -8.84
N GLU D 128 -6.05 15.15 -9.30
CA GLU D 128 -7.40 15.13 -8.73
C GLU D 128 -8.08 13.78 -8.94
N VAL D 129 -8.84 13.37 -7.94
CA VAL D 129 -9.62 12.13 -8.01
C VAL D 129 -11.06 12.45 -7.65
N ILE D 130 -11.96 11.64 -8.18
CA ILE D 130 -13.30 11.51 -7.67
C ILE D 130 -13.33 10.41 -6.61
N THR D 131 -13.92 10.73 -5.46
CA THR D 131 -14.08 9.77 -4.37
C THR D 131 -15.50 9.77 -3.94
N ILE D 132 -16.18 8.66 -4.26
CA ILE D 132 -17.58 8.44 -3.90
C ILE D 132 -17.62 7.51 -2.71
N LYS D 133 -18.41 7.88 -1.73
CA LYS D 133 -18.34 7.22 -0.41
C LYS D 133 -19.66 7.28 0.35
N ASP D 134 -20.11 6.10 0.77
CA ASP D 134 -21.33 5.93 1.53
C ASP D 134 -22.52 6.59 0.87
N SER D 135 -22.56 6.43 -0.44
CA SER D 135 -23.57 7.02 -1.30
C SER D 135 -24.25 6.02 -2.19
N PHE D 136 -25.43 6.44 -2.60
CA PHE D 136 -26.25 5.73 -3.57
C PHE D 136 -26.61 6.62 -4.77
N LEU D 137 -26.03 6.25 -5.89
CA LEU D 137 -26.26 6.97 -7.13
C LEU D 137 -27.03 6.10 -8.10
N ASN D 138 -28.25 6.54 -8.36
CA ASN D 138 -29.15 5.95 -9.36
C ASN D 138 -29.24 6.78 -10.65
N LYS D 139 -28.70 6.20 -11.70
CA LYS D 139 -28.78 6.76 -13.05
C LYS D 139 -28.36 8.23 -13.02
N THR D 140 -27.29 8.47 -12.27
CA THR D 140 -26.69 9.79 -12.07
C THR D 140 -25.45 10.02 -12.97
N LEU D 141 -25.30 11.26 -13.38
CA LEU D 141 -24.13 11.72 -14.12
C LEU D 141 -23.31 12.62 -13.24
N VAL D 142 -22.08 12.16 -13.06
CA VAL D 142 -21.05 12.90 -12.38
C VAL D 142 -20.03 13.32 -13.43
N HIS D 143 -19.83 14.62 -13.46
CA HIS D 143 -18.90 15.23 -14.40
C HIS D 143 -18.26 16.49 -13.83
N SER D 144 -17.46 17.08 -14.69
CA SER D 144 -16.60 18.23 -14.36
C SER D 144 -15.70 17.88 -13.16
N ASN D 145 -15.43 18.87 -12.33
CA ASN D 145 -14.51 18.69 -11.20
C ASN D 145 -14.75 19.61 -10.02
N SER D 146 -13.82 19.52 -9.07
CA SER D 146 -13.94 20.24 -7.79
C SER D 146 -13.66 21.71 -7.92
N HIS D 147 -14.62 22.49 -7.47
CA HIS D 147 -14.56 23.99 -7.55
C HIS D 147 -14.49 24.58 -6.16
N ASP D 148 -14.29 23.70 -5.19
CA ASP D 148 -14.17 24.09 -3.76
C ASP D 148 -12.70 24.10 -3.34
N PRO D 149 -12.18 25.28 -2.99
CA PRO D 149 -10.79 25.36 -2.60
C PRO D 149 -10.55 24.63 -1.30
N GLU D 150 -11.61 24.14 -0.69
CA GLU D 150 -11.46 23.41 0.58
C GLU D 150 -10.76 22.12 0.24
N SER D 151 -11.04 21.68 -0.97
CA SER D 151 -10.67 20.35 -1.47
C SER D 151 -10.30 20.33 -2.97
N PRO D 152 -9.17 20.91 -3.34
CA PRO D 152 -8.93 21.10 -4.76
C PRO D 152 -8.51 19.85 -5.52
N GLU D 153 -7.96 18.88 -4.80
CA GLU D 153 -7.45 17.60 -5.36
C GLU D 153 -8.45 16.47 -5.19
N GLU D 154 -9.63 16.79 -4.74
CA GLU D 154 -10.60 15.74 -4.51
C GLU D 154 -12.02 16.22 -4.67
N PHE D 155 -12.66 15.58 -5.63
CA PHE D 155 -14.06 15.78 -5.97
C PHE D 155 -14.84 14.74 -5.19
N THR D 156 -15.31 15.18 -4.04
CA THR D 156 -15.88 14.34 -3.00
C THR D 156 -17.39 14.27 -3.10
N ILE D 157 -17.91 13.05 -3.16
CA ILE D 157 -19.35 12.78 -3.05
C ILE D 157 -19.53 11.80 -1.91
N ARG D 158 -20.10 12.26 -0.80
CA ARG D 158 -20.26 11.37 0.34
C ARG D 158 -21.57 11.55 1.04
N ASN D 159 -22.02 10.46 1.60
CA ASN D 159 -23.27 10.39 2.35
C ASN D 159 -24.36 11.05 1.52
N THR D 160 -24.38 10.71 0.26
CA THR D 160 -25.31 11.28 -0.72
C THR D 160 -26.12 10.22 -1.43
N VAL D 161 -27.38 10.57 -1.67
CA VAL D 161 -28.37 9.81 -2.48
C VAL D 161 -28.74 10.65 -3.71
N ALA D 162 -28.64 10.04 -4.88
CA ALA D 162 -28.95 10.72 -6.13
C ALA D 162 -29.85 9.85 -6.96
N PRO D 164 -32.67 9.15 -10.44
CA PRO D 164 -32.40 9.04 -11.87
C PRO D 164 -32.37 10.33 -12.67
N TYR D 165 -31.29 10.39 -13.44
CA TYR D 165 -31.03 11.41 -14.46
C TYR D 165 -30.62 12.75 -13.82
N ALA D 166 -30.29 12.66 -12.54
CA ALA D 166 -29.61 13.77 -11.82
C ALA D 166 -28.23 14.07 -12.38
N ASN D 167 -27.85 15.34 -12.26
CA ASN D 167 -26.54 15.82 -12.63
C ASN D 167 -25.85 16.32 -11.40
N ILE D 168 -24.69 15.73 -11.11
CA ILE D 168 -23.77 16.29 -10.10
C ILE D 168 -22.58 16.82 -10.89
N HIS D 169 -22.62 18.11 -11.16
CA HIS D 169 -21.69 18.73 -12.09
C HIS D 169 -20.73 19.70 -11.43
N GLY D 170 -19.55 19.20 -11.14
CA GLY D 170 -18.51 20.02 -10.55
C GLY D 170 -18.94 20.52 -9.21
N SER D 171 -19.68 19.65 -8.54
CA SER D 171 -20.23 19.94 -7.22
C SER D 171 -19.92 18.91 -6.14
N LEU D 172 -19.04 19.30 -5.23
CA LEU D 172 -18.80 18.54 -4.00
C LEU D 172 -20.15 18.36 -3.31
N THR D 173 -20.45 17.12 -2.95
CA THR D 173 -21.75 16.85 -2.33
C THR D 173 -21.56 16.01 -1.13
N GLU D 174 -22.22 16.41 -0.05
CA GLU D 174 -22.12 15.66 1.21
C GLU D 174 -23.35 15.77 2.08
N GLY D 175 -23.83 14.60 2.47
CA GLY D 175 -24.94 14.50 3.39
C GLY D 175 -26.19 14.99 2.74
N SER D 176 -26.33 14.66 1.46
CA SER D 176 -27.41 15.20 0.64
C SER D 176 -28.26 14.28 -0.22
N PHE D 177 -29.36 14.87 -0.65
CA PHE D 177 -30.33 14.22 -1.52
C PHE D 177 -30.55 15.00 -2.79
N ILE D 178 -30.28 14.34 -3.91
CA ILE D 178 -30.40 14.98 -5.22
C ILE D 178 -31.45 14.24 -6.01
N GLY D 179 -32.56 14.95 -6.24
CA GLY D 179 -33.74 14.40 -6.88
C GLY D 179 -33.57 14.08 -8.34
N SER D 180 -34.57 13.37 -8.84
CA SER D 180 -34.63 13.00 -10.26
C SER D 180 -34.63 14.23 -11.12
N PHE D 181 -33.75 14.20 -12.11
CA PHE D 181 -33.53 15.27 -13.09
C PHE D 181 -33.11 16.59 -12.44
N ALA D 182 -32.64 16.52 -11.20
CA ALA D 182 -32.05 17.69 -10.53
C ALA D 182 -30.62 17.90 -10.98
N THR D 183 -30.18 19.14 -10.89
CA THR D 183 -28.83 19.49 -11.28
C THR D 183 -28.21 20.37 -10.23
N VAL D 184 -27.04 19.93 -9.77
CA VAL D 184 -26.19 20.73 -8.90
C VAL D 184 -24.95 21.09 -9.70
N ASP D 185 -24.74 22.41 -9.82
CA ASP D 185 -23.81 22.97 -10.76
C ASP D 185 -22.81 23.91 -10.09
N LEU D 186 -21.58 23.44 -10.07
CA LEU D 186 -20.44 24.23 -9.63
C LEU D 186 -20.63 24.74 -8.21
N SER D 187 -21.29 23.92 -7.42
CA SER D 187 -21.63 24.26 -6.06
C SER D 187 -21.29 23.17 -5.07
N THR D 188 -20.99 23.59 -3.86
CA THR D 188 -20.79 22.65 -2.74
C THR D 188 -22.09 22.49 -1.99
N ILE D 189 -22.55 21.25 -1.98
CA ILE D 189 -23.85 20.87 -1.40
C ILE D 189 -23.60 20.11 -0.12
N HIS D 190 -24.14 20.64 0.96
CA HIS D 190 -23.91 20.15 2.31
C HIS D 190 -25.21 20.04 3.12
N ASN D 191 -25.55 18.79 3.45
CA ASN D 191 -26.68 18.48 4.28
C ASN D 191 -27.96 19.17 3.79
N SER D 192 -28.13 19.10 2.48
CA SER D 192 -29.26 19.68 1.76
C SER D 192 -30.01 18.70 0.89
N VAL D 193 -31.28 19.03 0.72
CA VAL D 193 -32.21 18.34 -0.16
C VAL D 193 -32.45 19.23 -1.36
N VAL D 194 -32.17 18.67 -2.53
CA VAL D 194 -32.51 19.30 -3.82
C VAL D 194 -33.45 18.35 -4.54
N ARG D 195 -34.71 18.74 -4.63
CA ARG D 195 -35.75 17.84 -5.15
C ARG D 195 -35.89 17.93 -6.62
N TYR D 196 -36.78 17.11 -7.13
CA TYR D 196 -36.84 16.81 -8.57
C TYR D 196 -37.02 18.01 -9.44
N PHE D 197 -36.22 17.98 -10.48
CA PHE D 197 -36.15 18.98 -11.55
C PHE D 197 -35.75 20.37 -11.09
N SER D 198 -35.10 20.43 -9.95
CA SER D 198 -34.48 21.68 -9.45
C SER D 198 -33.05 21.85 -9.93
N TYR D 199 -32.70 23.09 -10.19
CA TYR D 199 -31.36 23.48 -10.63
C TYR D 199 -30.78 24.45 -9.64
N VAL D 200 -29.61 24.11 -9.11
CA VAL D 200 -28.93 24.96 -8.15
C VAL D 200 -27.51 25.28 -8.60
N GLN D 201 -27.23 26.58 -8.68
CA GLN D 201 -25.88 27.11 -8.86
C GLN D 201 -25.68 28.30 -7.97
N THR D 202 -25.21 28.03 -6.76
CA THR D 202 -25.20 29.05 -5.68
C THR D 202 -23.89 29.14 -4.91
N GLY D 203 -22.89 28.44 -5.41
CA GLY D 203 -21.59 28.43 -4.74
C GLY D 203 -21.54 27.42 -3.61
N GLU D 204 -22.45 27.58 -2.67
CA GLU D 204 -22.64 26.58 -1.63
C GLU D 204 -24.09 26.51 -1.25
N LEU D 205 -24.50 25.35 -0.77
CA LEU D 205 -25.88 25.13 -0.34
C LEU D 205 -25.89 24.34 0.94
N VAL D 206 -26.07 25.05 2.04
CA VAL D 206 -25.83 24.51 3.37
C VAL D 206 -27.09 24.49 4.19
N GLY D 207 -27.54 23.27 4.47
CA GLY D 207 -28.66 23.02 5.35
C GLY D 207 -29.98 23.45 4.78
N LYS D 208 -30.04 23.46 3.46
CA LYS D 208 -31.25 23.89 2.75
C LYS D 208 -32.09 22.75 2.21
N CYS D 209 -33.32 23.13 1.99
CA CYS D 209 -34.26 22.29 1.30
C CYS D 209 -34.84 23.01 0.08
N VAL D 210 -34.40 22.58 -1.09
CA VAL D 210 -34.90 23.14 -2.35
C VAL D 210 -36.00 22.22 -2.89
N GLU D 211 -37.20 22.77 -2.98
CA GLU D 211 -38.41 22.02 -3.35
C GLU D 211 -38.38 21.73 -4.83
N PRO D 212 -39.33 20.93 -5.34
CA PRO D 212 -39.25 20.65 -6.77
C PRO D 212 -39.39 21.84 -7.69
N GLY D 213 -38.71 21.73 -8.82
CA GLY D 213 -38.92 22.61 -9.93
C GLY D 213 -38.48 24.03 -9.69
N GLN D 214 -37.54 24.18 -8.77
CA GLN D 214 -36.90 25.48 -8.54
C GLN D 214 -35.66 25.61 -9.39
N ILE D 215 -35.46 26.80 -9.92
CA ILE D 215 -34.23 27.16 -10.67
C ILE D 215 -33.57 28.32 -9.96
N TRP D 216 -32.37 28.10 -9.45
CA TRP D 216 -31.79 29.02 -8.48
C TRP D 216 -30.29 29.22 -8.71
N ILE D 217 -29.98 30.44 -9.14
CA ILE D 217 -28.61 30.93 -9.32
C ILE D 217 -28.33 32.10 -8.41
N LYS D 218 -27.20 31.99 -7.75
CA LYS D 218 -26.73 33.02 -6.81
C LYS D 218 -25.21 33.11 -6.79
N SER D 219 -24.71 34.31 -7.08
CA SER D 219 -23.26 34.60 -7.04
C SER D 219 -23.00 35.81 -6.19
N GLY D 220 -22.26 35.58 -5.13
CA GLY D 220 -21.95 36.65 -4.19
C GLY D 220 -23.19 37.20 -3.56
N ASP D 221 -23.26 38.53 -3.56
CA ASP D 221 -24.32 39.26 -2.86
C ASP D 221 -25.05 40.22 -3.78
N GLU D 222 -24.55 40.33 -5.00
CA GLU D 222 -25.08 41.32 -5.96
C GLU D 222 -25.71 40.62 -7.17
N LEU D 223 -25.91 39.32 -7.04
CA LEU D 223 -26.53 38.55 -8.12
C LEU D 223 -27.34 37.34 -7.66
N GLU D 224 -28.60 37.33 -8.10
CA GLU D 224 -29.53 36.25 -7.77
C GLU D 224 -30.69 36.15 -8.72
N PHE D 225 -30.86 34.95 -9.25
CA PHE D 225 -31.98 34.60 -10.13
C PHE D 225 -32.77 33.44 -9.54
N HIS D 226 -34.09 33.59 -9.52
CA HIS D 226 -34.99 32.51 -9.13
C HIS D 226 -36.18 32.37 -10.04
N TYR D 227 -36.41 31.13 -10.45
CA TYR D 227 -37.66 30.75 -11.09
C TYR D 227 -38.23 29.49 -10.47
N SER D 228 -39.52 29.36 -10.64
CA SER D 228 -40.27 28.28 -10.02
C SER D 228 -41.37 27.76 -10.90
N PHE D 229 -41.32 26.47 -11.19
CA PHE D 229 -42.39 25.85 -11.98
C PHE D 229 -43.68 25.66 -11.19
N ASP D 230 -44.78 25.90 -11.87
CA ASP D 230 -46.11 25.46 -11.43
C ASP D 230 -46.08 23.95 -11.22
N LYS D 231 -46.38 23.51 -10.00
CA LYS D 231 -46.27 22.10 -9.67
C LYS D 231 -47.19 21.27 -10.56
N ALA D 232 -48.37 21.79 -10.80
CA ALA D 232 -49.39 21.04 -11.53
C ALA D 232 -48.88 20.71 -12.93
N ILE D 233 -48.16 21.66 -13.49
CA ILE D 233 -47.61 21.55 -14.85
C ILE D 233 -46.42 20.62 -14.83
N LEU D 234 -45.48 20.98 -13.97
CA LEU D 234 -44.20 20.28 -13.83
C LEU D 234 -44.38 18.78 -13.75
N ASP D 235 -45.38 18.38 -12.99
CA ASP D 235 -45.51 16.98 -12.56
C ASP D 235 -45.85 16.09 -13.75
N LYS D 236 -46.29 16.74 -14.82
CA LYS D 236 -46.69 16.03 -16.04
C LYS D 236 -45.45 15.60 -16.80
N TYR D 237 -44.37 16.31 -16.52
CA TYR D 237 -43.11 16.12 -17.23
C TYR D 237 -42.18 15.25 -16.41
N ILE D 238 -42.19 15.51 -15.11
CA ILE D 238 -41.36 14.76 -14.17
C ILE D 238 -41.87 14.91 -12.72
N SER D 239 -42.06 13.76 -12.08
CA SER D 239 -42.20 13.71 -10.64
C SER D 239 -41.77 12.39 -10.03
N GLN D 240 -41.61 12.43 -8.74
CA GLN D 240 -41.30 11.24 -7.96
C GLN D 240 -41.83 11.34 -6.57
N GLU D 241 -42.33 10.20 -6.13
CA GLU D 241 -42.85 10.00 -4.77
C GLU D 241 -42.00 8.90 -4.12
N ALA D 242 -41.73 9.05 -2.83
CA ALA D 242 -40.97 8.02 -2.11
C ALA D 242 -41.64 6.68 -2.26
N GLY D 243 -40.84 5.72 -2.67
CA GLY D 243 -41.25 4.32 -2.74
C GLY D 243 -41.48 3.93 -4.19
N SER D 244 -41.71 4.94 -4.98
CA SER D 244 -41.91 4.74 -6.40
C SER D 244 -40.83 5.44 -7.15
N CYS D 245 -40.61 4.95 -8.36
CA CYS D 245 -39.66 5.60 -9.24
C CYS D 245 -40.33 6.68 -10.10
N PRO D 246 -39.52 7.54 -10.72
CA PRO D 246 -39.99 8.69 -11.44
C PRO D 246 -40.87 8.37 -12.61
N THR D 247 -41.81 9.29 -12.78
CA THR D 247 -42.78 9.27 -13.87
C THR D 247 -42.87 10.62 -14.56
N GLY D 248 -43.26 10.56 -15.82
CA GLY D 248 -43.51 11.75 -16.61
C GLY D 248 -42.98 11.68 -18.02
N VAL D 249 -43.34 12.71 -18.76
CA VAL D 249 -42.97 12.83 -20.16
C VAL D 249 -41.47 12.66 -20.34
N LEU D 250 -40.71 13.21 -19.41
CA LEU D 250 -39.24 13.32 -19.60
C LEU D 250 -38.60 11.97 -19.38
N GLU D 252 -40.29 8.99 -19.82
CA GLU D 252 -40.76 8.08 -20.85
C GLU D 252 -39.91 8.29 -22.07
N PHE D 253 -39.36 9.48 -22.15
CA PHE D 253 -38.67 9.95 -23.34
C PHE D 253 -37.29 9.35 -23.44
N VAL D 254 -36.64 9.28 -22.29
CA VAL D 254 -35.24 8.80 -22.17
C VAL D 254 -35.20 7.28 -22.11
N GLU D 255 -36.16 6.75 -21.36
CA GLU D 255 -36.25 5.31 -21.09
C GLU D 255 -36.62 4.54 -22.35
N VAL D 256 -37.34 5.22 -23.23
CA VAL D 256 -37.89 4.58 -24.44
C VAL D 256 -36.81 4.48 -25.50
N ARG D 257 -35.63 4.97 -25.14
CA ARG D 257 -34.50 5.06 -26.06
C ARG D 257 -33.22 4.47 -25.51
N GLN D 258 -33.30 3.87 -24.34
CA GLN D 258 -32.09 3.34 -23.67
C GLN D 258 -31.80 2.01 -24.33
N GLU D 259 -32.79 1.58 -25.09
CA GLU D 259 -32.69 0.34 -25.85
C GLU D 259 -31.61 0.47 -26.89
N ASP D 260 -31.55 1.68 -27.41
CA ASP D 260 -30.79 1.97 -28.64
C ASP D 260 -29.35 2.20 -28.26
N PHE D 261 -29.16 2.35 -26.96
CA PHE D 261 -27.86 2.68 -26.40
C PHE D 261 -27.13 1.38 -26.11
N GLU D 262 -27.93 0.34 -25.93
CA GLU D 262 -27.43 -0.97 -25.52
C GLU D 262 -26.85 -1.65 -26.75
N GLU D 263 -27.39 -1.23 -27.88
CA GLU D 263 -27.07 -1.81 -29.20
C GLU D 263 -25.75 -1.22 -29.67
N VAL D 264 -25.55 0.02 -29.27
CA VAL D 264 -24.47 0.87 -29.81
C VAL D 264 -23.25 0.51 -29.03
N PHE D 265 -23.50 -0.37 -28.06
CA PHE D 265 -22.47 -0.91 -27.19
C PHE D 265 -22.24 -2.39 -27.48
N SER D 276 -15.70 11.59 -40.90
CA SER D 276 -15.94 11.60 -42.34
C SER D 276 -16.06 13.06 -42.70
N ALA D 277 -15.93 13.86 -41.65
CA ALA D 277 -15.96 15.33 -41.74
C ALA D 277 -14.79 15.95 -40.99
N SER D 278 -14.24 16.98 -41.59
CA SER D 278 -13.05 17.67 -41.04
C SER D 278 -13.24 18.22 -39.63
N GLY D 279 -12.44 17.69 -38.72
CA GLY D 279 -12.29 18.21 -37.35
C GLY D 279 -13.24 17.54 -36.37
N ALA D 280 -14.24 16.91 -36.96
CA ALA D 280 -15.35 16.28 -36.21
C ALA D 280 -14.90 15.05 -35.46
N SER D 281 -15.55 14.84 -34.31
CA SER D 281 -15.34 13.61 -33.51
C SER D 281 -16.58 13.07 -32.80
N VAL D 282 -17.01 11.92 -33.28
CA VAL D 282 -18.26 11.30 -32.83
C VAL D 282 -18.06 9.98 -32.06
N SER D 283 -18.20 10.06 -30.75
CA SER D 283 -18.11 8.87 -29.89
C SER D 283 -18.84 7.68 -30.51
N GLY D 284 -18.20 6.52 -30.38
CA GLY D 284 -18.76 5.26 -30.84
C GLY D 284 -19.79 4.81 -29.81
N TYR D 285 -19.83 5.59 -28.74
CA TYR D 285 -20.68 5.28 -27.58
C TYR D 285 -21.90 6.19 -27.63
N ALA D 286 -21.97 6.90 -28.76
CA ALA D 286 -23.11 7.76 -29.12
C ALA D 286 -24.06 7.04 -30.08
N VAL D 287 -25.33 7.45 -30.02
CA VAL D 287 -26.36 7.01 -30.99
C VAL D 287 -26.47 8.01 -32.12
N ILE D 288 -26.21 7.53 -33.32
CA ILE D 288 -26.35 8.31 -34.55
C ILE D 288 -27.38 7.65 -35.43
N LYS D 289 -28.47 8.37 -35.64
CA LYS D 289 -29.61 7.82 -36.34
C LYS D 289 -30.16 8.70 -37.41
N GLY D 290 -30.98 8.05 -38.22
CA GLY D 290 -31.59 8.65 -39.40
C GLY D 290 -30.65 9.49 -40.24
N ASP D 291 -31.23 10.56 -40.77
CA ASP D 291 -30.57 11.45 -41.73
C ASP D 291 -29.73 12.49 -41.00
N THR D 292 -28.93 11.97 -40.08
CA THR D 292 -27.98 12.80 -39.31
C THR D 292 -26.78 13.20 -40.13
N VAL D 293 -26.56 14.51 -40.11
CA VAL D 293 -25.44 15.15 -40.78
C VAL D 293 -24.53 15.78 -39.76
N ILE D 294 -23.27 15.38 -39.83
CA ILE D 294 -22.21 15.87 -38.94
C ILE D 294 -21.27 16.77 -39.72
N GLY D 295 -21.37 18.05 -39.41
CA GLY D 295 -20.51 19.05 -40.04
C GLY D 295 -19.11 18.99 -39.48
N GLU D 296 -18.33 19.98 -39.89
CA GLU D 296 -16.95 20.17 -39.43
C GLU D 296 -16.90 20.60 -37.97
N ASN D 297 -15.91 20.04 -37.29
CA ASN D 297 -15.48 20.49 -35.98
C ASN D 297 -16.47 20.11 -34.90
N VAL D 298 -17.49 19.41 -35.36
CA VAL D 298 -18.58 18.91 -34.49
C VAL D 298 -18.11 17.82 -33.50
N LEU D 299 -18.49 18.02 -32.24
CA LEU D 299 -18.18 17.06 -31.16
C LEU D 299 -19.43 16.41 -30.57
N VAL D 300 -19.53 15.11 -30.79
CA VAL D 300 -20.62 14.31 -30.24
C VAL D 300 -20.04 13.32 -29.26
N SER D 301 -20.38 13.50 -28.00
CA SER D 301 -19.79 12.74 -26.90
C SER D 301 -20.57 11.47 -26.63
N GLN D 302 -20.06 10.73 -25.66
CA GLN D 302 -20.67 9.43 -25.33
C GLN D 302 -22.05 9.69 -24.74
N ARG D 303 -23.01 8.87 -25.13
CA ARG D 303 -24.34 8.94 -24.54
C ARG D 303 -25.16 10.07 -25.11
N ALA D 304 -24.59 10.69 -26.13
CA ALA D 304 -25.33 11.62 -26.98
C ALA D 304 -26.24 10.80 -27.88
N TYR D 305 -27.40 11.37 -28.18
CA TYR D 305 -28.39 10.71 -29.03
C TYR D 305 -28.87 11.63 -30.14
N LEU D 306 -28.43 11.32 -31.35
CA LEU D 306 -28.82 12.08 -32.55
C LEU D 306 -29.71 11.25 -33.46
N ASP D 307 -30.83 11.87 -33.84
CA ASP D 307 -31.79 11.26 -34.76
C ASP D 307 -32.35 12.29 -35.72
N ASN D 308 -31.85 12.24 -36.95
CA ASN D 308 -32.25 13.19 -37.96
C ASN D 308 -31.79 14.56 -37.50
N ALA D 309 -30.55 14.54 -37.01
CA ALA D 309 -29.88 15.75 -36.51
C ALA D 309 -28.91 16.32 -37.53
N TRP D 310 -29.20 17.55 -37.93
CA TRP D 310 -28.30 18.34 -38.76
C TRP D 310 -27.45 19.21 -37.85
N GLY D 312 -24.57 21.60 -37.47
CA GLY D 312 -23.70 22.60 -38.11
C GLY D 312 -22.30 22.58 -37.51
N LYS D 313 -21.39 23.22 -38.23
CA LYS D 313 -19.98 23.34 -37.80
C LYS D 313 -19.83 23.92 -36.39
N GLY D 314 -19.21 23.12 -35.54
CA GLY D 314 -18.74 23.59 -34.23
C GLY D 314 -19.69 23.19 -33.12
N SER D 315 -20.80 22.61 -33.56
CA SER D 315 -21.84 22.17 -32.64
C SER D 315 -21.33 21.09 -31.71
N ASN D 316 -21.96 21.05 -30.55
CA ASN D 316 -21.59 20.10 -29.51
C ASN D 316 -22.79 19.47 -28.84
N ALA D 317 -22.88 18.16 -28.99
CA ALA D 317 -23.95 17.36 -28.38
C ALA D 317 -23.39 16.53 -27.24
N GLN D 318 -23.57 17.02 -26.03
CA GLN D 318 -22.87 16.46 -24.88
C GLN D 318 -23.53 15.20 -24.37
N GLU D 319 -22.97 14.75 -23.27
CA GLU D 319 -23.42 13.50 -22.67
C GLU D 319 -24.87 13.65 -22.26
N ASN D 320 -25.64 12.65 -22.60
CA ASN D 320 -27.00 12.50 -22.13
C ASN D 320 -27.94 13.48 -22.78
N CYS D 321 -27.43 14.17 -23.80
CA CYS D 321 -28.27 15.11 -24.57
C CYS D 321 -28.88 14.42 -25.79
N TYR D 322 -30.03 14.92 -26.19
CA TYR D 322 -30.79 14.39 -27.35
C TYR D 322 -31.08 15.48 -28.35
N ILE D 323 -30.79 15.18 -29.60
CA ILE D 323 -31.14 16.09 -30.70
C ILE D 323 -31.87 15.31 -31.77
N ILE D 324 -33.10 15.74 -32.01
CA ILE D 324 -34.06 14.97 -32.80
C ILE D 324 -34.81 15.82 -33.81
N ASN D 325 -34.77 15.37 -35.05
CA ASN D 325 -35.49 16.05 -36.13
C ASN D 325 -35.24 17.55 -36.04
N SER D 326 -33.98 17.90 -35.84
CA SER D 326 -33.60 19.28 -35.62
C SER D 326 -32.39 19.67 -36.42
N ARG D 327 -32.34 20.95 -36.72
CA ARG D 327 -31.20 21.59 -37.39
C ARG D 327 -30.57 22.65 -36.51
N LEU D 328 -29.30 22.42 -36.22
CA LEU D 328 -28.48 23.36 -35.44
C LEU D 328 -27.43 23.95 -36.38
N GLU D 329 -27.59 25.25 -36.64
CA GLU D 329 -26.82 25.94 -37.67
C GLU D 329 -25.31 25.88 -37.47
N ARG D 330 -24.90 26.14 -36.25
CA ARG D 330 -23.48 26.44 -35.98
C ARG D 330 -23.21 26.81 -34.53
N ASN D 331 -22.15 26.18 -34.00
CA ASN D 331 -21.59 26.54 -32.68
C ASN D 331 -22.59 26.40 -31.56
N CYS D 332 -23.56 25.53 -31.78
CA CYS D 332 -24.58 25.22 -30.78
C CYS D 332 -24.12 24.17 -29.77
N VAL D 333 -24.12 24.58 -28.51
CA VAL D 333 -23.79 23.68 -27.41
C VAL D 333 -25.07 23.30 -26.69
N THR D 334 -25.21 22.00 -26.48
CA THR D 334 -26.36 21.44 -25.78
C THR D 334 -25.88 20.70 -24.54
N ALA D 335 -26.12 21.33 -23.39
CA ALA D 335 -25.62 20.82 -22.11
C ALA D 335 -26.27 19.50 -21.75
N HIS D 336 -25.61 18.83 -20.81
CA HIS D 336 -26.02 17.50 -20.37
C HIS D 336 -27.52 17.51 -20.15
N GLY D 337 -28.19 16.52 -20.72
CA GLY D 337 -29.60 16.26 -20.43
C GLY D 337 -30.54 17.02 -21.35
N GLY D 338 -29.94 17.91 -22.13
CA GLY D 338 -30.67 18.76 -23.06
C GLY D 338 -31.35 18.00 -24.19
N LYS D 339 -32.62 18.35 -24.41
CA LYS D 339 -33.44 17.65 -25.39
C LYS D 339 -34.14 18.58 -26.35
N ILE D 340 -33.75 18.44 -27.60
CA ILE D 340 -34.25 19.28 -28.68
C ILE D 340 -34.97 18.45 -29.71
N ILE D 341 -36.26 18.74 -29.86
CA ILE D 341 -37.12 18.06 -30.82
C ILE D 341 -37.79 19.01 -31.79
N ASN D 342 -37.59 18.75 -33.07
CA ASN D 342 -38.31 19.42 -34.15
C ASN D 342 -38.14 20.93 -34.11
N ALA D 343 -36.88 21.32 -34.05
CA ALA D 343 -36.49 22.72 -33.91
C ALA D 343 -35.37 23.12 -34.84
N HIS D 344 -35.43 24.39 -35.20
CA HIS D 344 -34.37 25.04 -35.95
C HIS D 344 -33.69 26.07 -35.07
N LEU D 345 -32.44 25.76 -34.75
CA LEU D 345 -31.60 26.63 -33.94
C LEU D 345 -30.53 27.27 -34.82
N GLY D 346 -30.40 28.58 -34.64
CA GLY D 346 -29.44 29.41 -35.40
C GLY D 346 -28.00 29.26 -34.98
N ASP D 347 -27.36 30.40 -34.82
CA ASP D 347 -25.93 30.47 -34.49
C ASP D 347 -25.67 30.68 -33.02
N ILE D 349 -26.61 28.93 -30.15
CA ILE D 349 -27.59 28.73 -29.09
C ILE D 349 -27.04 27.83 -28.00
N PHE D 350 -27.23 28.29 -26.78
CA PHE D 350 -26.81 27.58 -25.58
C PHE D 350 -28.07 27.01 -24.97
N THR D 351 -28.15 25.68 -25.00
CA THR D 351 -29.28 24.96 -24.44
C THR D 351 -28.87 24.37 -23.11
N GLY D 352 -29.45 24.93 -22.06
CA GLY D 352 -29.10 24.59 -20.68
C GLY D 352 -29.53 23.21 -20.25
N PHE D 353 -28.78 22.72 -19.28
CA PHE D 353 -29.09 21.46 -18.57
C PHE D 353 -30.55 21.07 -18.54
N ASN D 354 -30.78 19.82 -18.90
CA ASN D 354 -32.03 19.12 -18.69
C ASN D 354 -33.21 19.78 -19.41
N SER D 355 -32.89 20.79 -20.20
CA SER D 355 -33.91 21.52 -20.99
C SER D 355 -34.65 20.58 -21.93
N PHE D 356 -35.93 20.86 -22.08
CA PHE D 356 -36.81 20.05 -22.91
C PHE D 356 -37.53 20.94 -23.89
N LEU D 357 -36.96 21.00 -25.09
CA LEU D 357 -37.41 21.89 -26.15
C LEU D 357 -38.09 21.11 -27.25
N GLN D 358 -39.39 20.94 -27.09
CA GLN D 358 -40.18 20.11 -27.98
C GLN D 358 -41.07 20.91 -28.93
N GLY D 359 -40.75 20.77 -30.19
CA GLY D 359 -41.65 21.22 -31.25
C GLY D 359 -42.31 20.02 -31.90
N SER D 360 -43.09 20.29 -32.91
CA SER D 360 -43.61 19.22 -33.76
C SER D 360 -43.67 19.68 -35.22
N GLU D 361 -44.28 18.84 -36.03
CA GLU D 361 -44.30 19.09 -37.48
C GLU D 361 -45.31 20.19 -37.71
N SER D 362 -46.36 20.15 -36.90
CA SER D 362 -47.50 21.07 -37.01
C SER D 362 -47.22 22.34 -36.24
N SER D 363 -46.18 22.25 -35.43
CA SER D 363 -45.77 23.32 -34.51
C SER D 363 -44.26 23.42 -34.37
N PRO D 364 -43.58 23.82 -35.46
CA PRO D 364 -42.13 23.95 -35.44
C PRO D 364 -41.65 25.03 -34.49
N LEU D 365 -40.49 24.76 -33.91
CA LEU D 365 -39.81 25.70 -33.01
C LEU D 365 -38.56 26.26 -33.67
N LYS D 366 -38.49 27.58 -33.66
CA LYS D 366 -37.32 28.28 -34.17
C LYS D 366 -36.69 29.08 -33.07
N ILE D 367 -35.37 29.02 -33.01
CA ILE D 367 -34.62 29.82 -32.05
C ILE D 367 -33.51 30.57 -32.72
N GLY D 368 -33.65 31.88 -32.68
CA GLY D 368 -32.67 32.81 -33.23
C GLY D 368 -31.28 32.72 -32.65
N ASP D 369 -30.38 33.30 -33.43
CA ASP D 369 -28.95 33.42 -33.12
C ASP D 369 -28.72 33.93 -31.71
N GLY D 370 -27.79 33.26 -31.06
CA GLY D 370 -27.16 33.75 -29.83
C GLY D 370 -27.98 33.60 -28.58
N CYS D 371 -29.22 33.15 -28.77
CA CYS D 371 -30.14 32.93 -27.64
C CYS D 371 -29.53 32.05 -26.56
N VAL D 372 -29.93 32.36 -25.34
CA VAL D 372 -29.60 31.53 -24.18
C VAL D 372 -30.86 30.96 -23.57
N VAL D 373 -30.92 29.64 -23.60
CA VAL D 373 -31.97 28.86 -23.00
C VAL D 373 -31.46 28.38 -21.66
N PRO D 375 -31.06 26.71 -17.90
CA PRO D 375 -31.27 25.33 -17.49
C PRO D 375 -32.70 25.06 -17.11
N HIS D 376 -33.13 23.86 -17.46
CA HIS D 376 -34.39 23.29 -17.00
C HIS D 376 -35.58 24.01 -17.61
N THR D 377 -35.33 24.59 -18.77
CA THR D 377 -36.38 25.18 -19.62
C THR D 377 -37.21 24.09 -20.29
N ILE D 378 -38.52 24.31 -20.25
CA ILE D 378 -39.51 23.44 -20.87
C ILE D 378 -40.36 24.18 -21.88
N ILE D 379 -40.12 23.82 -23.14
CA ILE D 379 -40.91 24.33 -24.26
C ILE D 379 -41.64 23.15 -24.86
N ASP D 380 -42.96 23.26 -24.82
CA ASP D 380 -43.86 22.23 -25.37
C ASP D 380 -44.92 22.87 -26.26
N LEU D 381 -44.57 23.03 -27.53
CA LEU D 381 -45.34 23.87 -28.44
C LEU D 381 -46.71 23.31 -28.78
N GLU D 382 -47.68 24.20 -28.65
CA GLU D 382 -49.07 23.98 -29.07
C GLU D 382 -49.31 24.65 -30.42
N GLU D 383 -48.53 25.70 -30.66
CA GLU D 383 -48.56 26.43 -31.92
C GLU D 383 -47.15 26.48 -32.48
N PRO D 384 -46.98 27.05 -33.68
CA PRO D 384 -45.62 27.40 -34.08
C PRO D 384 -45.09 28.55 -33.25
N LEU D 385 -43.79 28.52 -33.02
CA LEU D 385 -43.12 29.53 -32.20
C LEU D 385 -41.70 29.79 -32.66
N GLU D 386 -41.47 31.06 -32.96
CA GLU D 386 -40.15 31.54 -33.31
C GLU D 386 -39.64 32.54 -32.29
N ILE D 387 -38.48 32.21 -31.74
CA ILE D 387 -37.82 33.05 -30.74
C ILE D 387 -36.74 33.89 -31.40
N PRO D 388 -36.84 35.23 -31.30
CA PRO D 388 -35.92 36.14 -31.95
C PRO D 388 -34.52 36.05 -31.35
N ALA D 389 -33.53 36.34 -32.18
CA ALA D 389 -32.12 36.28 -31.75
C ALA D 389 -31.91 37.19 -30.55
N GLY D 390 -30.86 36.84 -29.82
CA GLY D 390 -30.42 37.60 -28.66
C GLY D 390 -31.50 37.71 -27.60
N HIS D 391 -32.08 36.57 -27.28
CA HIS D 391 -33.03 36.47 -26.16
C HIS D 391 -32.62 35.46 -25.11
N LEU D 392 -32.99 35.82 -23.88
CA LEU D 392 -32.89 34.94 -22.71
C LEU D 392 -34.24 34.27 -22.47
N VAL D 393 -34.18 32.95 -22.35
CA VAL D 393 -35.37 32.11 -22.26
C VAL D 393 -35.31 31.19 -21.07
N TRP D 394 -36.44 31.10 -20.39
CA TRP D 394 -36.61 30.16 -19.25
C TRP D 394 -38.05 29.66 -19.10
N GLY D 395 -38.23 28.88 -18.05
CA GLY D 395 -39.54 28.35 -17.63
C GLY D 395 -40.30 27.47 -18.58
N TYR D 396 -41.60 27.75 -18.62
CA TYR D 396 -42.58 26.95 -19.36
C TYR D 396 -43.26 27.75 -20.46
N ILE D 397 -43.08 27.25 -21.67
CA ILE D 397 -43.59 27.92 -22.89
C ILE D 397 -44.23 26.97 -23.88
N ARG D 398 -45.52 27.22 -24.15
CA ARG D 398 -46.33 26.47 -25.13
C ARG D 398 -46.74 27.34 -26.32
N ASN D 399 -46.78 28.63 -26.07
CA ASN D 399 -47.25 29.59 -27.06
C ASN D 399 -46.62 30.95 -26.98
N LYS D 400 -47.25 31.86 -27.71
CA LYS D 400 -46.69 33.17 -28.03
C LYS D 400 -46.83 34.04 -26.81
N ALA D 401 -47.88 33.72 -26.06
CA ALA D 401 -48.25 34.48 -24.86
C ALA D 401 -47.29 34.09 -23.74
N ASP D 402 -46.95 32.81 -23.74
CA ASP D 402 -46.05 32.20 -22.74
C ASP D 402 -44.66 32.74 -22.90
N LEU D 403 -44.21 32.70 -24.15
CA LEU D 403 -42.88 33.18 -24.54
C LEU D 403 -42.66 34.59 -24.03
N ALA D 404 -43.76 35.35 -24.07
CA ALA D 404 -43.71 36.79 -23.81
C ALA D 404 -43.46 37.03 -22.35
N ALA D 405 -43.88 36.05 -21.56
CA ALA D 405 -43.92 36.13 -20.09
C ALA D 405 -42.68 35.47 -19.51
N HIS D 406 -41.97 34.76 -20.38
CA HIS D 406 -40.82 33.89 -20.00
C HIS D 406 -39.58 34.16 -20.82
N SER D 407 -39.52 35.33 -21.43
CA SER D 407 -38.29 35.75 -22.13
C SER D 407 -38.01 37.23 -22.06
N ILE D 408 -36.78 37.53 -22.42
CA ILE D 408 -36.30 38.91 -22.43
C ILE D 408 -35.07 39.10 -23.33
N SER D 409 -35.05 40.22 -24.02
CA SER D 409 -33.96 40.52 -24.97
C SER D 409 -32.70 40.90 -24.21
N PHE D 410 -31.59 40.39 -24.71
CA PHE D 410 -30.29 40.67 -24.11
C PHE D 410 -30.17 42.17 -23.90
N GLU D 411 -30.80 42.90 -24.81
CA GLU D 411 -30.59 44.34 -24.90
C GLU D 411 -31.27 45.01 -23.72
N GLU D 412 -32.47 44.56 -23.46
CA GLU D 412 -33.36 45.18 -22.47
C GLU D 412 -32.94 44.75 -21.07
N PHE D 413 -32.34 43.57 -21.00
CA PHE D 413 -32.06 42.92 -19.72
C PHE D 413 -30.72 43.37 -19.19
N ALA D 414 -29.86 43.77 -20.12
CA ALA D 414 -28.49 44.17 -19.78
C ALA D 414 -28.59 45.56 -19.19
N LYS D 415 -29.79 46.13 -19.25
CA LYS D 415 -30.02 47.51 -18.78
C LYS D 415 -30.38 47.48 -17.32
N VAL D 416 -30.60 46.26 -16.85
CA VAL D 416 -31.11 46.01 -15.49
C VAL D 416 -30.02 46.10 -14.43
N ASP D 417 -30.27 47.04 -13.52
CA ASP D 417 -29.53 47.13 -12.26
C ASP D 417 -30.54 47.36 -11.15
N GLY D 418 -30.83 46.29 -10.43
CA GLY D 418 -31.84 46.31 -9.39
C GLY D 418 -32.64 45.05 -9.38
N GLU D 419 -33.95 45.20 -9.21
CA GLU D 419 -34.86 44.06 -9.14
C GLU D 419 -35.88 44.02 -10.25
N VAL D 420 -36.12 42.79 -10.70
CA VAL D 420 -37.11 42.51 -11.72
C VAL D 420 -37.97 41.33 -11.32
N THR D 421 -39.27 41.45 -11.54
CA THR D 421 -40.20 40.32 -11.41
C THR D 421 -40.96 40.08 -12.69
N GLY D 423 -43.69 37.26 -13.53
CA GLY D 423 -44.48 36.14 -13.06
C GLY D 423 -43.73 35.43 -11.96
N ARG D 424 -43.37 34.19 -12.26
CA ARG D 424 -42.79 33.28 -11.27
C ARG D 424 -41.29 33.36 -11.27
N THR D 426 -37.96 35.78 -10.64
CA THR D 426 -37.38 36.98 -10.07
C THR D 426 -35.89 37.04 -10.30
N PHE D 427 -35.42 38.26 -10.48
CA PHE D 427 -34.00 38.54 -10.62
C PHE D 427 -33.60 39.74 -9.83
N ARG D 428 -32.41 39.64 -9.27
CA ARG D 428 -31.78 40.76 -8.57
C ARG D 428 -30.32 40.89 -8.96
N GLY D 429 -29.94 42.12 -9.29
CA GLY D 429 -28.55 42.46 -9.67
C GLY D 429 -28.42 43.20 -10.98
N LYS D 430 -27.32 42.92 -11.67
CA LYS D 430 -27.00 43.53 -12.98
C LYS D 430 -27.15 42.52 -14.10
N GLY D 431 -27.94 42.89 -15.08
CA GLY D 431 -28.33 41.97 -16.16
C GLY D 431 -27.16 41.61 -17.03
N GLY D 432 -26.30 42.61 -17.21
CA GLY D 432 -25.19 42.54 -18.16
C GLY D 432 -24.20 41.44 -17.79
N PRO D 433 -23.65 41.52 -16.57
CA PRO D 433 -22.72 40.52 -16.02
C PRO D 433 -23.29 39.13 -15.98
N PHE D 434 -24.59 39.10 -15.75
CA PHE D 434 -25.33 37.83 -15.65
C PHE D 434 -25.32 37.22 -17.03
N LEU D 435 -25.84 37.97 -17.97
CA LEU D 435 -25.89 37.51 -19.36
C LEU D 435 -24.51 37.02 -19.78
N ASP D 436 -23.51 37.76 -19.30
CA ASP D 436 -22.12 37.54 -19.76
C ASP D 436 -21.55 36.22 -19.28
N SER D 437 -22.06 35.75 -18.15
CA SER D 437 -21.53 34.55 -17.51
C SER D 437 -21.91 33.32 -18.34
N PHE D 438 -23.01 33.47 -19.05
CA PHE D 438 -23.52 32.40 -19.92
C PHE D 438 -22.73 32.41 -21.21
N LYS D 439 -22.47 33.61 -21.69
CA LYS D 439 -21.81 33.79 -22.99
C LYS D 439 -20.38 33.29 -22.89
N LYS D 440 -19.76 33.63 -21.77
CA LYS D 440 -18.38 33.21 -21.47
C LYS D 440 -18.32 31.70 -21.38
N ARG D 441 -19.43 31.09 -20.99
CA ARG D 441 -19.43 29.63 -20.75
C ARG D 441 -19.53 28.85 -22.07
N ILE D 442 -20.49 29.23 -22.92
CA ILE D 442 -20.61 28.57 -24.22
C ILE D 442 -19.29 28.76 -24.95
N LYS D 443 -18.85 30.00 -24.94
CA LYS D 443 -17.61 30.40 -25.64
C LYS D 443 -16.44 29.49 -25.27
N ARG D 444 -16.40 29.10 -24.00
CA ARG D 444 -15.25 28.38 -23.45
C ARG D 444 -15.37 26.90 -23.83
N ILE D 445 -16.60 26.44 -23.78
CA ILE D 445 -16.92 25.06 -24.16
C ILE D 445 -16.63 24.89 -25.66
N LEU D 446 -16.94 25.92 -26.42
CA LEU D 446 -16.86 25.81 -27.89
C LEU D 446 -15.40 25.65 -28.22
N SER D 447 -14.61 26.30 -27.38
CA SER D 447 -13.19 26.48 -27.61
C SER D 447 -12.48 25.20 -27.27
N GLU D 448 -12.60 24.86 -26.00
CA GLU D 448 -12.01 23.64 -25.43
C GLU D 448 -12.33 22.40 -26.24
N ASN D 449 -13.39 22.49 -27.02
CA ASN D 449 -13.94 21.33 -27.75
C ASN D 449 -13.27 21.23 -29.12
N GLY D 450 -12.64 22.34 -29.47
CA GLY D 450 -11.94 22.47 -30.74
C GLY D 450 -12.90 22.71 -31.87
N ALA D 451 -13.97 23.42 -31.54
CA ALA D 451 -14.99 23.81 -32.53
C ALA D 451 -14.35 24.75 -33.54
N PHE D 452 -13.05 24.97 -33.33
CA PHE D 452 -12.31 26.00 -34.06
C PHE D 452 -10.98 25.49 -34.63
N PHE D 453 -10.85 24.18 -34.64
CA PHE D 453 -9.71 23.45 -35.25
C PHE D 453 -9.53 23.88 -36.69
N ASP D 454 -8.36 24.47 -36.96
CA ASP D 454 -8.06 25.10 -38.28
C ASP D 454 -7.11 24.21 -39.07
N GLY D 455 -6.89 23.04 -38.50
CA GLY D 455 -6.08 21.99 -39.12
C GLY D 455 -4.77 21.84 -38.37
N SER D 456 -4.44 22.90 -37.63
CA SER D 456 -3.21 22.94 -36.84
C SER D 456 -3.51 23.29 -35.40
N GLU D 457 -3.98 24.52 -35.26
CA GLU D 457 -4.41 25.07 -33.97
C GLU D 457 -5.90 24.89 -33.78
N GLY D 458 -6.33 25.15 -32.56
CA GLY D 458 -7.75 25.09 -32.20
C GLY D 458 -8.04 23.72 -31.64
N THR D 459 -6.97 22.94 -31.63
CA THR D 459 -6.97 21.56 -31.11
C THR D 459 -7.78 21.41 -29.85
N GLY D 460 -8.88 20.69 -30.01
CA GLY D 460 -9.83 20.46 -28.93
C GLY D 460 -9.83 19.05 -28.40
N HIS D 461 -10.99 18.65 -27.93
CA HIS D 461 -11.22 17.28 -27.48
C HIS D 461 -11.59 16.49 -28.71
N ALA D 462 -12.16 17.23 -29.65
CA ALA D 462 -12.84 16.65 -30.82
C ALA D 462 -11.76 16.00 -31.62
N GLN D 463 -10.54 16.35 -31.25
CA GLN D 463 -9.34 15.96 -32.00
C GLN D 463 -8.35 15.18 -31.14
N LYS D 464 -8.04 15.74 -29.99
CA LYS D 464 -7.01 15.16 -29.10
C LYS D 464 -7.25 15.49 -27.63
N ASN D 467 -8.81 8.51 -26.39
CA ASN D 467 -8.64 7.17 -26.94
C ASN D 467 -8.61 6.12 -25.84
N PHE D 468 -9.68 5.33 -25.81
CA PHE D 468 -9.86 4.30 -24.79
C PHE D 468 -10.90 3.20 -25.09
N THR D 469 -10.95 2.24 -24.19
CA THR D 469 -11.99 1.22 -24.25
C THR D 469 -12.54 0.99 -22.86
N PHE D 470 -13.77 0.53 -22.82
CA PHE D 470 -14.41 0.16 -21.57
C PHE D 470 -14.18 -1.32 -21.34
N ASN D 471 -13.59 -1.61 -20.20
CA ASN D 471 -13.40 -2.97 -19.70
C ASN D 471 -14.52 -3.42 -18.76
N ILE D 472 -14.90 -4.68 -18.94
CA ILE D 472 -15.92 -5.36 -18.11
C ILE D 472 -15.40 -5.76 -16.75
N ILE D 473 -16.34 -5.70 -15.82
CA ILE D 473 -16.08 -6.05 -14.43
C ILE D 473 -17.37 -6.68 -13.91
N GLN D 474 -17.22 -7.91 -13.41
CA GLN D 474 -18.34 -8.75 -12.98
C GLN D 474 -18.43 -8.89 -11.46
N PRO D 475 -19.67 -8.95 -10.94
CA PRO D 475 -19.78 -9.08 -9.51
C PRO D 475 -19.87 -10.51 -9.08
N TYR D 476 -19.97 -10.68 -7.77
CA TYR D 476 -20.29 -11.99 -7.18
C TYR D 476 -21.65 -12.39 -7.68
N GLN D 477 -21.79 -13.66 -8.07
CA GLN D 477 -23.00 -14.15 -8.74
C GLN D 477 -23.88 -14.94 -7.79
N ASP D 478 -23.31 -15.28 -6.65
CA ASP D 478 -24.08 -16.00 -5.63
C ASP D 478 -23.58 -15.83 -4.21
N GLY D 479 -24.39 -16.41 -3.37
CA GLY D 479 -24.28 -16.32 -1.92
C GLY D 479 -24.48 -14.95 -1.34
N ASP D 480 -23.99 -14.83 -0.13
CA ASP D 480 -24.16 -13.61 0.65
C ASP D 480 -23.69 -12.35 -0.09
N PRO D 481 -22.58 -12.43 -0.84
CA PRO D 481 -22.00 -11.23 -1.41
C PRO D 481 -22.52 -10.91 -2.81
N ARG D 482 -23.48 -11.70 -3.25
CA ARG D 482 -24.09 -11.54 -4.57
C ARG D 482 -24.47 -10.09 -4.90
N GLY D 483 -23.99 -9.64 -6.04
CA GLY D 483 -24.32 -8.31 -6.59
C GLY D 483 -23.30 -7.28 -6.16
N TYR D 485 -19.22 -6.35 -5.65
CA TYR D 485 -17.92 -6.52 -6.29
C TYR D 485 -16.86 -6.66 -5.24
N PRO D 486 -15.87 -7.54 -5.47
CA PRO D 486 -14.79 -7.59 -4.50
C PRO D 486 -13.96 -6.32 -4.51
N THR D 487 -12.96 -6.27 -3.63
CA THR D 487 -12.14 -5.06 -3.47
C THR D 487 -11.09 -5.12 -4.55
N ILE D 488 -11.17 -4.15 -5.45
CA ILE D 488 -10.32 -4.08 -6.62
C ILE D 488 -9.55 -2.77 -6.69
N LEU D 489 -8.27 -2.90 -6.97
CA LEU D 489 -7.38 -1.74 -7.22
C LEU D 489 -6.70 -1.91 -8.55
N ILE D 490 -6.96 -0.96 -9.43
CA ILE D 490 -6.39 -0.98 -10.76
C ILE D 490 -5.46 0.22 -10.95
N GLN D 491 -4.25 -0.10 -11.34
CA GLN D 491 -3.31 0.97 -11.60
C GLN D 491 -2.29 0.66 -12.67
N PRO D 492 -1.50 1.67 -13.02
CA PRO D 492 -0.55 1.52 -14.12
C PRO D 492 0.66 0.73 -13.76
N ASN D 493 1.18 0.06 -14.77
CA ASN D 493 2.47 -0.64 -14.73
C ASN D 493 3.69 0.28 -14.62
N ASN D 494 4.75 -0.26 -14.02
CA ASN D 494 6.10 0.35 -13.97
C ASN D 494 7.09 -0.48 -14.77
#